data_9O05
#
_entry.id   9O05
#
_cell.length_a   217.380
_cell.length_b   70.773
_cell.length_c   143.629
_cell.angle_alpha   90.000
_cell.angle_beta   104.702
_cell.angle_gamma   90.000
#
_symmetry.space_group_name_H-M   'C 1 2 1'
#
loop_
_entity.id
_entity.type
_entity.pdbx_description
1 polymer 'Major histocompatibility complex class I-related gene protein'
2 polymer Beta-2-microglobulin
3 polymer TCR-alpha
4 polymer TCR-beta
5 non-polymer RIBOFLAVIN
6 non-polymer 'ACETATE ION'
7 non-polymer GLYCEROL
8 non-polymer 'CHLORIDE ION'
9 non-polymer 'SODIUM ION'
10 water water
#
loop_
_entity_poly.entity_id
_entity_poly.type
_entity_poly.pdbx_seq_one_letter_code
_entity_poly.pdbx_strand_id
1 'polypeptide(L)'
;MRTHSLRYFRLGVSDPIHGVPEFISVGYVDSHPITTYDSVTRQKEPRAPWMAENLAPDHWERYTQLLRGWQQMFKVELKR
LQRHYNHSGSHTYQRMIGCELLEDGSTTGFLQYAYDGQDFLIFNKDTLSWLAVDNVAHTIKQAWEANQHELLYQKNWLEE
ECIAWLKRFLEYGKDTLQRTEPPLVRVNRKETFPGVTALFCKAHGFYPPEIYMTWMKNGEEIVQEIDYGDILPSGDGTYQ
AWASIELDPQSSNLYSCHVEHSGVHMVLQVP
;
A,C
2 'polypeptide(L)'
;MIQRTPKIQVYSRHPAENGKSNFLNCYVSGFHPSDIEVDLLKNGERIEKVEHSDLSFSKDWSFYLLYYTEFTPTEKDEYA
CRVNHVTLSQPKIVKWDRDM
;
B,F
3 'polypeptide(L)'
;MGQNIDQPTEMTATEGAIVQINCTYQTSGFNGLFWYQQHAGEAPTFLSYNVLDGLEEKGRFSSFLSRSKGYSYLLLKELQ
MKDSASYLCAVKDSNYQLIWGAGTKLIIKPDIQNPDPAVYQLRDSKSSDKSVCLFTDFDSQTNVSQSKDSDVYITDKCVL
DMRSMDFKSNSAVAWSNKSDFACANAFNNSIIPEDTFFPSPESS
;
D,G
4 'polypeptide(L)'
;MNAGVTQTPKFQVLKTGQSMTLQCAQDMNHNSMYWYRQDPGMGLRLIYYSASEGTTDKGEVPNGYNVSRLNKREFSLRLE
SAAPSQTSVYFCASSVWTGEGSGELFFGEGSRLTVLEDLKNVFPPEVAVFEPSEAEISHTQKATLVCLATGFYPDHVELS
WWVNGKEVHSGVCTDPQPLKEQPALNDSRYALSSRLRVSATFWQNPRNHFRCQVQFYGLSENDEWTQDRAKPVTQIVSAE
AWGRAD
;
E,H
#
# COMPACT_ATOMS: atom_id res chain seq x y z
N MET A 1 -33.58 39.65 41.34
CA MET A 1 -33.33 38.45 42.11
C MET A 1 -32.37 38.71 43.26
N ARG A 2 -32.32 37.78 44.20
CA ARG A 2 -31.25 37.77 45.19
C ARG A 2 -29.92 37.45 44.52
N THR A 3 -28.83 37.59 45.28
CA THR A 3 -27.52 37.13 44.82
C THR A 3 -27.52 35.61 44.65
N HIS A 4 -26.93 35.13 43.55
CA HIS A 4 -26.79 33.71 43.29
C HIS A 4 -25.37 33.43 42.84
N SER A 5 -24.96 32.17 42.99
CA SER A 5 -23.60 31.78 42.60
C SER A 5 -23.59 30.37 42.03
N LEU A 6 -22.58 30.13 41.22
CA LEU A 6 -22.26 28.82 40.65
C LEU A 6 -20.82 28.51 41.03
N ARG A 7 -20.57 27.33 41.59
CA ARG A 7 -19.24 26.93 42.03
C ARG A 7 -19.00 25.46 41.69
N TYR A 8 -17.80 25.13 41.22
CA TYR A 8 -17.35 23.75 41.10
C TYR A 8 -16.10 23.56 41.96
N PHE A 9 -16.09 22.49 42.76
CA PHE A 9 -14.95 22.09 43.58
C PHE A 9 -14.31 20.83 43.03
N ARG A 10 -13.01 20.69 43.26
CA ARG A 10 -12.29 19.43 43.08
C ARG A 10 -11.54 19.12 44.36
N LEU A 11 -11.52 17.83 44.73
CA LEU A 11 -10.70 17.33 45.83
C LEU A 11 -9.85 16.18 45.31
N GLY A 12 -8.55 16.25 45.55
CA GLY A 12 -7.63 15.15 45.28
C GLY A 12 -6.92 14.74 46.56
N VAL A 13 -6.74 13.43 46.73
CA VAL A 13 -6.09 12.85 47.90
C VAL A 13 -4.99 11.92 47.40
N SER A 14 -3.78 12.06 47.94
CA SER A 14 -2.64 11.40 47.32
C SER A 14 -2.50 9.94 47.72
N ASP A 15 -2.89 9.58 48.94
CA ASP A 15 -2.78 8.19 49.40
C ASP A 15 -4.05 7.81 50.16
N PRO A 16 -5.19 7.78 49.48
CA PRO A 16 -6.47 7.60 50.19
C PRO A 16 -6.60 6.23 50.83
N ILE A 17 -7.32 6.22 51.95
CA ILE A 17 -7.74 4.97 52.59
C ILE A 17 -8.61 4.16 51.62
N HIS A 18 -8.60 2.84 51.82
CA HIS A 18 -9.40 1.88 51.04
C HIS A 18 -10.83 2.36 50.85
N GLY A 19 -11.31 2.28 49.60
CA GLY A 19 -12.63 2.71 49.21
C GLY A 19 -12.79 4.20 48.97
N VAL A 20 -12.03 5.03 49.67
CA VAL A 20 -12.20 6.49 49.56
C VAL A 20 -11.65 6.95 48.21
N PRO A 21 -12.40 7.78 47.47
CA PRO A 21 -11.93 8.16 46.13
C PRO A 21 -10.70 9.04 46.19
N GLU A 22 -9.80 8.84 45.24
CA GLU A 22 -8.69 9.78 45.14
C GLU A 22 -9.14 11.12 44.58
N PHE A 23 -10.30 11.19 43.93
CA PHE A 23 -10.71 12.43 43.27
C PHE A 23 -12.23 12.56 43.35
N ILE A 24 -12.69 13.75 43.75
CA ILE A 24 -14.11 14.09 43.85
C ILE A 24 -14.29 15.48 43.28
N SER A 25 -15.34 15.66 42.47
CA SER A 25 -15.70 16.99 41.99
C SER A 25 -17.19 17.20 42.11
N VAL A 26 -17.60 18.30 42.76
CA VAL A 26 -19.01 18.61 42.99
C VAL A 26 -19.26 20.05 42.57
N GLY A 27 -20.37 20.28 41.87
CA GLY A 27 -20.84 21.63 41.57
C GLY A 27 -22.01 22.05 42.46
N TYR A 28 -22.15 23.36 42.65
CA TYR A 28 -23.20 23.92 43.50
C TYR A 28 -23.82 25.12 42.82
N VAL A 29 -25.14 25.29 42.96
CA VAL A 29 -25.76 26.57 42.73
C VAL A 29 -26.28 27.04 44.09
N ASP A 30 -25.79 28.18 44.57
CA ASP A 30 -26.06 28.64 45.94
C ASP A 30 -25.61 27.52 46.88
N SER A 31 -26.45 27.07 47.81
CA SER A 31 -26.10 25.99 48.72
CA SER A 31 -26.06 25.98 48.71
C SER A 31 -26.51 24.61 48.21
N HIS A 32 -27.00 24.51 46.97
CA HIS A 32 -27.56 23.26 46.45
C HIS A 32 -26.52 22.52 45.63
N PRO A 33 -26.15 21.28 45.98
CA PRO A 33 -25.36 20.47 45.03
C PRO A 33 -26.15 20.23 43.75
N ILE A 34 -25.48 20.42 42.61
CA ILE A 34 -26.12 20.18 41.33
C ILE A 34 -25.53 18.99 40.59
N THR A 35 -24.25 18.68 40.80
CA THR A 35 -23.56 17.63 40.06
C THR A 35 -22.51 16.99 40.96
N THR A 36 -22.16 15.74 40.65
CA THR A 36 -21.10 15.05 41.36
C THR A 36 -20.36 14.12 40.40
N TYR A 37 -19.08 13.90 40.69
CA TYR A 37 -18.22 13.00 39.94
C TYR A 37 -17.17 12.49 40.91
N ASP A 38 -16.78 11.21 40.82
CA ASP A 38 -15.60 10.80 41.56
C ASP A 38 -14.88 9.68 40.81
N SER A 39 -13.68 9.35 41.30
CA SER A 39 -12.81 8.38 40.66
C SER A 39 -13.26 6.95 40.85
N VAL A 40 -14.26 6.71 41.70
CA VAL A 40 -14.83 5.37 41.84
C VAL A 40 -15.91 5.13 40.80
N THR A 41 -16.90 6.04 40.72
CA THR A 41 -17.98 5.88 39.75
C THR A 41 -17.53 6.23 38.34
N ARG A 42 -16.58 7.16 38.19
CA ARG A 42 -16.13 7.65 36.88
CA ARG A 42 -16.12 7.70 36.90
C ARG A 42 -17.28 8.22 36.05
N GLN A 43 -18.33 8.71 36.69
CA GLN A 43 -19.48 9.25 35.97
C GLN A 43 -19.85 10.59 36.59
N LYS A 44 -20.13 11.55 35.74
CA LYS A 44 -20.73 12.79 36.22
C LYS A 44 -22.24 12.63 36.27
N GLU A 45 -22.83 12.93 37.43
CA GLU A 45 -24.23 12.66 37.66
C GLU A 45 -24.92 13.88 38.28
N PRO A 46 -26.18 14.10 37.97
CA PRO A 46 -26.92 15.19 38.63
C PRO A 46 -27.15 14.89 40.11
N ARG A 47 -27.13 15.96 40.90
CA ARG A 47 -27.45 15.87 42.31
C ARG A 47 -28.68 16.67 42.67
N ALA A 48 -29.31 17.33 41.70
CA ALA A 48 -30.59 18.00 41.89
C ALA A 48 -31.53 17.59 40.77
N PRO A 49 -32.79 17.33 41.10
CA PRO A 49 -33.73 16.86 40.07
C PRO A 49 -33.96 17.87 38.97
N TRP A 50 -33.94 19.16 39.29
CA TRP A 50 -34.14 20.16 38.24
C TRP A 50 -32.94 20.25 37.30
N MET A 51 -31.80 19.71 37.71
CA MET A 51 -30.66 19.54 36.79
C MET A 51 -30.86 18.34 35.88
N ALA A 52 -31.18 17.18 36.46
CA ALA A 52 -31.41 15.96 35.68
C ALA A 52 -32.47 16.17 34.61
N GLU A 53 -33.55 16.89 34.95
CA GLU A 53 -34.71 17.01 34.08
C GLU A 53 -34.51 17.99 32.93
N ASN A 54 -33.41 18.74 32.91
CA ASN A 54 -33.20 19.78 31.91
C ASN A 54 -31.95 19.57 31.07
N LEU A 55 -31.15 18.55 31.36
CA LEU A 55 -29.91 18.31 30.64
C LEU A 55 -29.94 16.88 30.14
N ALA A 56 -29.87 16.73 28.81
CA ALA A 56 -30.03 15.45 28.14
C ALA A 56 -28.83 14.53 28.41
N PRO A 57 -28.96 13.23 28.13
CA PRO A 57 -27.85 12.30 28.44
C PRO A 57 -26.55 12.67 27.75
N ASP A 58 -26.58 13.26 26.56
CA ASP A 58 -25.31 13.57 25.89
C ASP A 58 -24.55 14.64 26.64
N HIS A 59 -25.25 15.51 27.40
CA HIS A 59 -24.56 16.44 28.28
C HIS A 59 -23.75 15.71 29.34
N TRP A 60 -24.39 14.78 30.05
CA TRP A 60 -23.69 14.05 31.10
C TRP A 60 -22.58 13.18 30.53
N GLU A 61 -22.78 12.66 29.31
CA GLU A 61 -21.74 11.89 28.66
C GLU A 61 -20.53 12.76 28.34
N ARG A 62 -20.78 13.98 27.85
CA ARG A 62 -19.66 14.85 27.49
C ARG A 62 -18.82 15.21 28.71
N TYR A 63 -19.47 15.66 29.79
CA TYR A 63 -18.72 16.13 30.93
C TYR A 63 -18.10 14.98 31.72
N THR A 64 -18.68 13.77 31.62
CA THR A 64 -18.02 12.58 32.14
C THR A 64 -16.64 12.41 31.50
N GLN A 65 -16.56 12.55 30.19
CA GLN A 65 -15.25 12.49 29.52
C GLN A 65 -14.34 13.60 30.04
N LEU A 66 -14.86 14.83 30.15
CA LEU A 66 -14.01 15.93 30.58
C LEU A 66 -13.52 15.74 32.02
N LEU A 67 -14.38 15.23 32.89
CA LEU A 67 -13.98 15.03 34.27
C LEU A 67 -12.96 13.90 34.41
N ARG A 68 -13.06 12.87 33.58
CA ARG A 68 -12.01 11.86 33.57
C ARG A 68 -10.65 12.49 33.26
N GLY A 69 -10.63 13.47 32.35
CA GLY A 69 -9.38 14.16 32.05
C GLY A 69 -8.94 15.08 33.18
N TRP A 70 -9.89 15.86 33.72
CA TRP A 70 -9.57 16.72 34.86
C TRP A 70 -9.07 15.90 36.05
N GLN A 71 -9.64 14.71 36.25
CA GLN A 71 -9.17 13.82 37.31
C GLN A 71 -7.70 13.46 37.13
N GLN A 72 -7.32 13.06 35.92
CA GLN A 72 -5.92 12.73 35.68
C GLN A 72 -5.02 13.94 35.89
N MET A 73 -5.43 15.11 35.38
CA MET A 73 -4.64 16.31 35.55
CA MET A 73 -4.66 16.32 35.56
C MET A 73 -4.44 16.63 37.02
N PHE A 74 -5.49 16.50 37.84
CA PHE A 74 -5.39 16.77 39.26
C PHE A 74 -4.39 15.83 39.93
N LYS A 75 -4.41 14.55 39.55
CA LYS A 75 -3.43 13.61 40.10
C LYS A 75 -2.01 14.04 39.78
N VAL A 76 -1.76 14.39 38.51
CA VAL A 76 -0.42 14.82 38.11
C VAL A 76 0.00 16.06 38.89
N GLU A 77 -0.92 17.02 39.06
CA GLU A 77 -0.57 18.26 39.76
C GLU A 77 -0.26 17.99 41.23
N LEU A 78 -1.05 17.13 41.88
CA LEU A 78 -0.80 16.81 43.28
C LEU A 78 0.51 16.05 43.46
N LYS A 79 0.81 15.14 42.53
CA LYS A 79 2.10 14.44 42.58
C LYS A 79 3.25 15.45 42.52
N ARG A 80 3.16 16.45 41.63
CA ARG A 80 4.19 17.47 41.55
C ARG A 80 4.32 18.26 42.84
N LEU A 81 3.19 18.68 43.41
CA LEU A 81 3.21 19.47 44.65
C LEU A 81 3.87 18.70 45.80
N GLN A 82 3.42 17.47 46.05
CA GLN A 82 3.93 16.72 47.19
C GLN A 82 5.40 16.34 47.00
N ARG A 83 5.84 16.16 45.76
CA ARG A 83 7.26 15.95 45.53
C ARG A 83 8.06 17.21 45.87
N HIS A 84 7.54 18.39 45.51
CA HIS A 84 8.31 19.60 45.74
C HIS A 84 8.21 20.10 47.17
N TYR A 85 7.11 19.78 47.86
CA TYR A 85 7.10 19.97 49.31
C TYR A 85 7.96 18.96 50.04
N ASN A 86 8.38 17.88 49.37
CA ASN A 86 9.09 16.78 50.02
C ASN A 86 8.27 16.19 51.18
N HIS A 87 7.00 15.90 50.89
CA HIS A 87 6.05 15.42 51.89
C HIS A 87 5.78 13.94 51.68
N SER A 88 5.82 13.17 52.76
CA SER A 88 5.36 11.78 52.74
C SER A 88 3.92 11.67 53.23
N GLY A 89 3.31 10.54 52.94
CA GLY A 89 1.96 10.27 53.42
C GLY A 89 0.90 10.87 52.51
N SER A 90 -0.32 10.92 53.03
CA SER A 90 -1.46 11.37 52.24
C SER A 90 -1.69 12.86 52.41
N HIS A 91 -1.73 13.60 51.30
CA HIS A 91 -1.99 15.03 51.33
C HIS A 91 -3.13 15.36 50.37
N THR A 92 -3.76 16.53 50.57
CA THR A 92 -4.93 16.90 49.79
C THR A 92 -4.64 18.10 48.89
N TYR A 93 -5.40 18.17 47.81
CA TYR A 93 -5.31 19.20 46.79
C TYR A 93 -6.74 19.59 46.45
N GLN A 94 -6.98 20.88 46.34
CA GLN A 94 -8.36 21.33 46.18
C GLN A 94 -8.39 22.51 45.24
N ARG A 95 -9.51 22.62 44.52
CA ARG A 95 -9.71 23.71 43.58
C ARG A 95 -11.15 24.19 43.71
N MET A 96 -11.34 25.49 43.60
CA MET A 96 -12.66 26.07 43.60
CA MET A 96 -12.67 26.06 43.58
C MET A 96 -12.71 27.13 42.51
N ILE A 97 -13.69 27.04 41.62
CA ILE A 97 -13.89 28.03 40.58
C ILE A 97 -15.37 28.37 40.58
N GLY A 98 -15.69 29.64 40.33
CA GLY A 98 -17.09 30.02 40.39
C GLY A 98 -17.30 31.49 40.13
N CYS A 99 -18.57 31.86 40.13
CA CYS A 99 -18.98 33.23 39.85
C CYS A 99 -20.24 33.55 40.64
N GLU A 100 -20.47 34.84 40.87
CA GLU A 100 -21.70 35.31 41.49
C GLU A 100 -22.35 36.35 40.59
N LEU A 101 -23.67 36.28 40.51
CA LEU A 101 -24.49 37.33 39.93
C LEU A 101 -25.17 38.02 41.11
N LEU A 102 -24.75 39.25 41.40
CA LEU A 102 -25.26 39.97 42.56
CA LEU A 102 -25.28 39.94 42.57
C LEU A 102 -26.60 40.62 42.25
N GLU A 103 -27.31 41.00 43.32
CA GLU A 103 -28.63 41.60 43.20
C GLU A 103 -28.62 42.82 42.27
N ASP A 104 -27.63 43.71 42.43
CA ASP A 104 -27.54 44.88 41.56
C ASP A 104 -27.12 44.55 40.13
N GLY A 105 -26.97 43.28 39.77
CA GLY A 105 -26.59 42.91 38.42
C GLY A 105 -25.10 42.89 38.16
N SER A 106 -24.28 43.30 39.11
CA SER A 106 -22.84 43.15 38.99
C SER A 106 -22.44 41.69 39.16
N THR A 107 -21.21 41.37 38.77
CA THR A 107 -20.75 40.00 38.85
C THR A 107 -19.40 39.92 39.53
N THR A 108 -19.09 38.76 40.08
CA THR A 108 -17.76 38.43 40.56
C THR A 108 -17.35 37.07 40.01
N GLY A 109 -16.06 36.80 40.04
CA GLY A 109 -15.54 35.54 39.54
C GLY A 109 -14.26 35.17 40.26
N PHE A 110 -14.04 33.89 40.52
CA PHE A 110 -12.91 33.51 41.38
C PHE A 110 -12.42 32.13 41.01
N LEU A 111 -11.12 31.91 41.27
CA LEU A 111 -10.49 30.62 40.99
C LEU A 111 -9.29 30.51 41.93
N GLN A 112 -9.24 29.43 42.70
CA GLN A 112 -8.14 29.28 43.64
C GLN A 112 -7.90 27.80 43.92
N TYR A 113 -6.73 27.52 44.48
CA TYR A 113 -6.29 26.18 44.79
C TYR A 113 -5.84 26.13 46.24
N ALA A 114 -5.91 24.93 46.83
CA ALA A 114 -5.41 24.74 48.17
C ALA A 114 -4.65 23.44 48.24
N TYR A 115 -3.65 23.41 49.12
CA TYR A 115 -2.89 22.21 49.44
C TYR A 115 -3.01 21.96 50.93
N ASP A 116 -3.43 20.74 51.29
CA ASP A 116 -3.73 20.40 52.68
C ASP A 116 -4.70 21.40 53.32
N GLY A 117 -5.66 21.88 52.54
CA GLY A 117 -6.69 22.74 53.08
C GLY A 117 -6.29 24.18 53.32
N GLN A 118 -5.13 24.61 52.83
CA GLN A 118 -4.69 25.99 52.98
C GLN A 118 -4.50 26.61 51.60
N ASP A 119 -4.86 27.89 51.48
CA ASP A 119 -4.65 28.63 50.23
C ASP A 119 -3.28 28.32 49.66
N PHE A 120 -3.25 28.00 48.38
CA PHE A 120 -2.02 27.69 47.66
C PHE A 120 -1.77 28.67 46.52
N LEU A 121 -2.74 28.83 45.64
CA LEU A 121 -2.65 29.78 44.53
C LEU A 121 -4.02 30.40 44.33
N ILE A 122 -4.05 31.70 44.07
CA ILE A 122 -5.28 32.48 43.99
C ILE A 122 -5.22 33.33 42.72
N PHE A 123 -6.21 33.18 41.86
CA PHE A 123 -6.20 33.87 40.58
C PHE A 123 -6.76 35.28 40.74
N ASN A 124 -6.12 36.24 40.07
CA ASN A 124 -6.64 37.59 39.96
C ASN A 124 -6.96 37.82 38.48
N LYS A 125 -8.25 37.82 38.15
CA LYS A 125 -8.64 37.92 36.74
C LYS A 125 -8.62 39.34 36.21
N ASP A 126 -8.23 40.32 37.02
CA ASP A 126 -8.09 41.70 36.56
C ASP A 126 -6.65 42.03 36.22
N THR A 127 -5.71 41.68 37.10
CA THR A 127 -4.30 41.81 36.76
C THR A 127 -3.77 40.62 35.99
N LEU A 128 -4.58 39.56 35.83
CA LEU A 128 -4.22 38.36 35.08
C LEU A 128 -2.92 37.74 35.62
N SER A 129 -2.98 37.34 36.88
CA SER A 129 -1.81 36.82 37.56
C SER A 129 -2.25 35.87 38.68
N TRP A 130 -1.30 35.09 39.14
CA TRP A 130 -1.53 34.14 40.22
C TRP A 130 -0.77 34.58 41.46
N LEU A 131 -1.47 34.66 42.59
CA LEU A 131 -0.87 34.94 43.87
C LEU A 131 -0.40 33.63 44.49
N ALA A 132 0.88 33.57 44.84
CA ALA A 132 1.50 32.38 45.40
C ALA A 132 1.83 32.62 46.87
N VAL A 133 1.56 31.63 47.72
CA VAL A 133 1.76 31.77 49.16
C VAL A 133 3.09 31.23 49.64
N ASP A 134 3.80 30.46 48.83
CA ASP A 134 5.11 29.94 49.22
C ASP A 134 5.88 29.65 47.94
N ASN A 135 7.07 29.09 48.11
CA ASN A 135 7.96 28.91 46.96
CA ASN A 135 8.00 28.89 46.98
C ASN A 135 7.59 27.73 46.08
N VAL A 136 6.87 26.75 46.61
CA VAL A 136 6.32 25.70 45.76
C VAL A 136 5.25 26.29 44.86
N ALA A 137 4.32 27.04 45.45
CA ALA A 137 3.33 27.75 44.65
C ALA A 137 3.99 28.73 43.69
N HIS A 138 5.10 29.36 44.12
CA HIS A 138 5.77 30.32 43.26
C HIS A 138 6.25 29.67 41.97
N THR A 139 6.73 28.43 42.06
CA THR A 139 7.18 27.72 40.86
C THR A 139 6.03 27.50 39.90
N ILE A 140 4.85 27.13 40.43
CA ILE A 140 3.68 26.86 39.59
C ILE A 140 3.16 28.15 38.99
N LYS A 141 3.09 29.21 39.81
CA LYS A 141 2.74 30.54 39.31
C LYS A 141 3.52 30.90 38.05
N GLN A 142 4.83 30.68 38.06
CA GLN A 142 5.65 31.09 36.92
C GLN A 142 5.33 30.25 35.69
N ALA A 143 5.12 28.94 35.87
CA ALA A 143 4.74 28.09 34.75
C ALA A 143 3.40 28.50 34.18
N TRP A 144 2.43 28.83 35.04
CA TRP A 144 1.10 29.16 34.56
C TRP A 144 1.07 30.55 33.93
N GLU A 145 1.81 31.49 34.50
CA GLU A 145 1.82 32.84 33.94
C GLU A 145 2.60 32.91 32.63
N ALA A 146 3.48 31.94 32.38
CA ALA A 146 4.13 31.87 31.07
C ALA A 146 3.15 31.51 29.96
N ASN A 147 1.94 31.08 30.31
CA ASN A 147 0.94 30.69 29.33
C ASN A 147 -0.17 31.73 29.35
N GLN A 148 0.18 32.93 28.86
CA GLN A 148 -0.71 34.09 28.94
C GLN A 148 -2.09 33.80 28.38
N HIS A 149 -2.17 33.00 27.30
CA HIS A 149 -3.46 32.75 26.68
C HIS A 149 -4.39 32.01 27.61
N GLU A 150 -3.86 31.13 28.46
CA GLU A 150 -4.76 30.41 29.36
C GLU A 150 -5.27 31.31 30.47
N LEU A 151 -4.53 32.35 30.84
CA LEU A 151 -5.07 33.31 31.81
C LEU A 151 -6.21 34.11 31.20
N LEU A 152 -6.03 34.55 29.93
CA LEU A 152 -7.10 35.23 29.21
C LEU A 152 -8.31 34.33 29.09
N TYR A 153 -8.09 33.05 28.77
CA TYR A 153 -9.19 32.11 28.70
C TYR A 153 -9.97 32.03 30.03
N GLN A 154 -9.26 31.97 31.16
CA GLN A 154 -9.95 31.86 32.45
C GLN A 154 -10.73 33.12 32.76
N LYS A 155 -10.18 34.29 32.39
CA LYS A 155 -10.92 35.52 32.61
C LYS A 155 -12.23 35.49 31.85
N ASN A 156 -12.18 35.12 30.57
CA ASN A 156 -13.41 35.01 29.80
C ASN A 156 -14.35 33.97 30.41
N TRP A 157 -13.82 32.82 30.87
CA TRP A 157 -14.71 31.81 31.42
C TRP A 157 -15.43 32.32 32.66
N LEU A 158 -14.68 32.95 33.57
CA LEU A 158 -15.26 33.46 34.82
C LEU A 158 -16.28 34.55 34.56
N GLU A 159 -15.97 35.48 33.66
CA GLU A 159 -16.81 36.66 33.47
C GLU A 159 -17.97 36.44 32.51
N GLU A 160 -17.83 35.53 31.53
CA GLU A 160 -18.87 35.34 30.52
C GLU A 160 -19.51 33.97 30.60
N GLU A 161 -18.73 32.89 30.46
CA GLU A 161 -19.31 31.55 30.45
C GLU A 161 -19.97 31.21 31.78
N CYS A 162 -19.24 31.39 32.88
CA CYS A 162 -19.78 31.03 34.20
C CYS A 162 -21.10 31.74 34.46
N ILE A 163 -21.18 33.01 34.11
CA ILE A 163 -22.41 33.76 34.37
C ILE A 163 -23.53 33.26 33.45
N ALA A 164 -23.19 32.87 32.22
CA ALA A 164 -24.23 32.40 31.32
C ALA A 164 -24.82 31.08 31.81
N TRP A 165 -23.97 30.20 32.31
CA TRP A 165 -24.45 28.92 32.83
C TRP A 165 -25.22 29.09 34.13
N LEU A 166 -24.75 30.00 34.99
CA LEU A 166 -25.49 30.28 36.22
C LEU A 166 -26.91 30.73 35.90
N LYS A 167 -27.06 31.67 34.95
CA LYS A 167 -28.41 32.11 34.60
C LYS A 167 -29.25 30.95 34.07
N ARG A 168 -28.63 30.05 33.30
CA ARG A 168 -29.35 28.89 32.78
C ARG A 168 -29.82 27.98 33.91
N PHE A 169 -28.96 27.71 34.89
CA PHE A 169 -29.32 26.85 36.01
C PHE A 169 -30.34 27.53 36.92
N LEU A 170 -30.22 28.86 37.08
CA LEU A 170 -31.18 29.58 37.90
CA LEU A 170 -31.18 29.58 37.89
C LEU A 170 -32.60 29.43 37.35
N GLU A 171 -32.74 29.42 36.03
CA GLU A 171 -34.04 29.22 35.43
C GLU A 171 -34.50 27.77 35.58
N TYR A 172 -33.61 26.81 35.30
CA TYR A 172 -33.92 25.41 35.56
C TYR A 172 -34.51 25.21 36.96
N GLY A 173 -33.81 25.73 37.97
CA GLY A 173 -34.22 25.49 39.35
C GLY A 173 -35.01 26.60 40.01
N LYS A 174 -35.70 27.43 39.22
CA LYS A 174 -36.28 28.65 39.77
C LYS A 174 -37.28 28.35 40.89
N ASP A 175 -38.06 27.28 40.75
CA ASP A 175 -39.04 26.89 41.78
C ASP A 175 -38.38 26.68 43.13
N THR A 176 -37.17 26.13 43.12
CA THR A 176 -36.41 25.94 44.34
C THR A 176 -35.62 27.19 44.71
N LEU A 177 -34.82 27.70 43.77
CA LEU A 177 -33.82 28.73 44.08
C LEU A 177 -34.41 30.11 44.32
N GLN A 178 -35.53 30.44 43.71
CA GLN A 178 -36.07 31.79 43.80
C GLN A 178 -37.24 31.88 44.77
N ARG A 179 -37.51 30.82 45.52
CA ARG A 179 -38.63 30.84 46.45
C ARG A 179 -38.23 31.53 47.75
N THR A 180 -39.23 31.81 48.58
CA THR A 180 -38.99 32.38 49.89
C THR A 180 -39.88 31.66 50.89
N GLU A 181 -39.28 31.13 51.95
CA GLU A 181 -40.07 30.60 53.06
C GLU A 181 -39.65 31.40 54.29
N PRO A 182 -40.51 32.27 54.80
CA PRO A 182 -40.11 33.17 55.91
C PRO A 182 -39.85 32.40 57.18
N PRO A 183 -39.01 32.93 58.07
CA PRO A 183 -38.72 32.23 59.32
C PRO A 183 -39.88 32.29 60.30
N LEU A 184 -39.93 31.26 61.15
CA LEU A 184 -40.71 31.27 62.37
C LEU A 184 -39.76 31.57 63.52
N VAL A 185 -40.03 32.63 64.29
CA VAL A 185 -39.07 33.14 65.26
C VAL A 185 -39.70 33.17 66.64
N ARG A 186 -38.92 32.79 67.65
CA ARG A 186 -39.40 32.75 69.02
C ARG A 186 -38.22 33.06 69.94
N VAL A 187 -38.56 33.48 71.17
CA VAL A 187 -37.58 33.75 72.22
C VAL A 187 -37.91 32.86 73.41
N ASN A 188 -36.87 32.35 74.09
CA ASN A 188 -37.07 31.71 75.39
C ASN A 188 -35.86 31.97 76.26
N ARG A 189 -36.02 31.71 77.56
CA ARG A 189 -34.97 31.93 78.55
C ARG A 189 -34.26 30.62 78.87
N LYS A 190 -32.95 30.70 79.02
CA LYS A 190 -32.13 29.53 79.34
C LYS A 190 -30.91 29.91 80.17
N THR A 197 -28.45 33.50 83.20
CA THR A 197 -29.61 33.31 82.35
C THR A 197 -29.51 34.14 81.08
N ALA A 198 -29.77 33.52 79.93
CA ALA A 198 -29.63 34.17 78.64
C ALA A 198 -30.92 34.06 77.86
N LEU A 199 -31.19 35.08 77.05
CA LEU A 199 -32.30 35.06 76.12
C LEU A 199 -31.84 34.42 74.82
N PHE A 200 -32.59 33.44 74.35
CA PHE A 200 -32.29 32.75 73.10
C PHE A 200 -33.36 33.12 72.09
N CYS A 201 -32.94 33.73 70.99
CA CYS A 201 -33.82 34.01 69.87
C CYS A 201 -33.58 32.94 68.81
N LYS A 202 -34.64 32.23 68.42
CA LYS A 202 -34.49 31.06 67.56
C LYS A 202 -35.39 31.20 66.34
N ALA A 203 -34.85 30.86 65.17
CA ALA A 203 -35.60 30.92 63.92
C ALA A 203 -35.50 29.59 63.21
N HIS A 204 -36.56 29.18 62.53
CA HIS A 204 -36.51 27.94 61.78
C HIS A 204 -37.51 28.00 60.64
N GLY A 205 -37.37 27.02 59.74
CA GLY A 205 -38.25 26.88 58.60
C GLY A 205 -38.03 27.85 57.47
N PHE A 206 -36.88 28.55 57.42
CA PHE A 206 -36.72 29.59 56.41
C PHE A 206 -35.87 29.11 55.23
N TYR A 207 -36.11 29.75 54.09
CA TYR A 207 -35.31 29.59 52.84
C TYR A 207 -35.42 30.93 52.13
N PRO A 208 -34.32 31.48 51.57
CA PRO A 208 -32.95 30.93 51.50
C PRO A 208 -32.25 30.94 52.85
N PRO A 209 -31.09 30.26 52.98
CA PRO A 209 -30.43 30.20 54.29
C PRO A 209 -29.90 31.54 54.79
N GLU A 210 -29.70 32.53 53.92
CA GLU A 210 -29.15 33.81 54.34
C GLU A 210 -30.13 34.52 55.27
N ILE A 211 -29.69 34.80 56.49
CA ILE A 211 -30.53 35.42 57.52
C ILE A 211 -29.61 36.17 58.45
N TYR A 212 -30.12 37.26 59.04
CA TYR A 212 -29.36 38.04 60.01
C TYR A 212 -30.20 38.18 61.27
N MET A 213 -29.68 37.65 62.37
CA MET A 213 -30.33 37.73 63.67
C MET A 213 -29.40 38.46 64.63
N THR A 214 -29.97 39.33 65.45
CA THR A 214 -29.12 39.99 66.43
C THR A 214 -29.99 40.42 67.60
N TRP A 215 -29.33 40.83 68.67
CA TRP A 215 -29.99 41.26 69.87
C TRP A 215 -29.69 42.73 70.10
N MET A 216 -30.74 43.48 70.44
CA MET A 216 -30.64 44.89 70.78
C MET A 216 -31.00 45.07 72.24
N LYS A 217 -30.25 45.95 72.92
CA LYS A 217 -30.54 46.36 74.28
C LYS A 217 -30.82 47.85 74.26
N ASN A 218 -32.05 48.24 74.60
CA ASN A 218 -32.45 49.65 74.65
C ASN A 218 -32.15 50.34 73.31
N GLY A 219 -32.45 49.65 72.21
CA GLY A 219 -32.28 50.20 70.89
C GLY A 219 -30.85 50.35 70.42
N GLU A 220 -29.87 49.91 71.20
CA GLU A 220 -28.47 49.90 70.79
C GLU A 220 -28.03 48.47 70.55
N GLU A 221 -27.28 48.27 69.46
CA GLU A 221 -26.79 46.94 69.10
C GLU A 221 -25.46 46.68 69.80
N ILE A 222 -25.45 45.68 70.67
CA ILE A 222 -24.27 45.33 71.46
C ILE A 222 -23.56 44.17 70.78
N VAL A 223 -22.87 44.46 69.67
CA VAL A 223 -22.38 43.41 68.78
C VAL A 223 -21.45 42.45 69.53
N GLN A 224 -20.63 42.98 70.45
CA GLN A 224 -19.65 42.18 71.17
C GLN A 224 -20.25 41.35 72.30
N GLU A 225 -21.50 41.58 72.69
CA GLU A 225 -22.12 40.86 73.79
C GLU A 225 -23.07 39.75 73.32
N ILE A 226 -23.10 39.45 72.03
CA ILE A 226 -24.07 38.52 71.44
C ILE A 226 -23.35 37.24 71.04
N ASP A 227 -24.02 36.11 71.22
CA ASP A 227 -23.53 34.80 70.78
C ASP A 227 -24.35 34.37 69.56
N TYR A 228 -23.72 34.41 68.39
CA TYR A 228 -24.39 34.09 67.13
C TYR A 228 -24.23 32.60 66.83
N GLY A 229 -25.37 31.89 66.76
CA GLY A 229 -25.35 30.52 66.29
C GLY A 229 -25.21 30.42 64.78
N ASP A 230 -24.82 29.22 64.32
CA ASP A 230 -24.64 28.98 62.90
C ASP A 230 -25.98 28.79 62.19
N ILE A 231 -26.01 29.09 60.90
CA ILE A 231 -27.17 28.76 60.09
C ILE A 231 -27.09 27.29 59.71
N LEU A 232 -28.07 26.50 60.17
CA LEU A 232 -27.93 25.07 60.02
C LEU A 232 -29.02 24.46 59.15
N PRO A 233 -28.68 23.47 58.32
CA PRO A 233 -29.71 22.78 57.53
C PRO A 233 -30.60 21.93 58.43
N SER A 234 -31.90 22.04 58.23
CA SER A 234 -32.86 21.27 59.02
C SER A 234 -33.15 19.90 58.43
N GLY A 235 -32.73 19.64 57.18
CA GLY A 235 -32.91 18.36 56.54
C GLY A 235 -34.01 18.31 55.51
N ASP A 236 -34.94 19.27 55.55
CA ASP A 236 -36.10 19.28 54.68
C ASP A 236 -36.02 20.36 53.62
N GLY A 237 -34.85 20.95 53.42
CA GLY A 237 -34.69 22.05 52.49
C GLY A 237 -34.70 23.43 53.12
N THR A 238 -35.08 23.53 54.39
CA THR A 238 -35.09 24.80 55.11
C THR A 238 -34.00 24.79 56.18
N TYR A 239 -33.83 25.94 56.83
CA TYR A 239 -32.69 26.17 57.70
C TYR A 239 -33.17 26.71 59.04
N GLN A 240 -32.28 26.66 60.03
CA GLN A 240 -32.56 27.19 61.37
C GLN A 240 -31.30 27.87 61.90
N ALA A 241 -31.51 28.75 62.87
CA ALA A 241 -30.42 29.56 63.42
C ALA A 241 -30.90 30.16 64.73
N TRP A 242 -29.95 30.67 65.51
CA TRP A 242 -30.27 31.29 66.79
C TRP A 242 -29.19 32.31 67.15
N ALA A 243 -29.53 33.17 68.10
CA ALA A 243 -28.59 34.10 68.70
C ALA A 243 -29.03 34.36 70.13
N SER A 244 -28.06 34.36 71.06
CA SER A 244 -28.35 34.52 72.47
C SER A 244 -27.60 35.72 73.06
N ILE A 245 -28.23 36.36 74.04
CA ILE A 245 -27.62 37.43 74.80
C ILE A 245 -27.86 37.15 76.27
N GLU A 246 -26.93 37.58 77.12
CA GLU A 246 -27.01 37.32 78.56
C GLU A 246 -27.66 38.50 79.29
N LEU A 247 -28.46 38.16 80.29
CA LEU A 247 -29.27 39.13 81.02
C LEU A 247 -28.50 39.75 82.17
N ASP A 248 -28.65 41.06 82.34
CA ASP A 248 -28.09 41.78 83.47
C ASP A 248 -29.11 41.85 84.61
N PRO A 249 -28.97 41.04 85.66
CA PRO A 249 -29.94 41.06 86.75
C PRO A 249 -29.81 42.25 87.69
N GLN A 250 -28.88 43.16 87.45
CA GLN A 250 -28.68 44.32 88.30
C GLN A 250 -29.36 45.57 87.78
N SER A 251 -29.87 45.56 86.55
CA SER A 251 -30.56 46.70 85.99
C SER A 251 -31.68 46.22 85.06
N SER A 252 -32.69 47.07 84.89
CA SER A 252 -33.74 46.82 83.91
C SER A 252 -33.27 47.29 82.54
N ASN A 253 -33.57 46.48 81.52
CA ASN A 253 -33.24 46.84 80.15
C ASN A 253 -34.26 46.22 79.22
N LEU A 254 -34.53 46.92 78.11
CA LEU A 254 -35.41 46.40 77.08
C LEU A 254 -34.56 45.64 76.07
N TYR A 255 -34.79 44.33 75.97
CA TYR A 255 -34.13 43.49 74.98
C TYR A 255 -35.10 43.20 73.85
N SER A 256 -34.55 43.08 72.65
CA SER A 256 -35.37 42.76 71.49
C SER A 256 -34.52 41.97 70.51
N CYS A 257 -35.10 40.91 69.97
CA CYS A 257 -34.45 40.16 68.90
C CYS A 257 -34.87 40.75 67.56
N HIS A 258 -33.89 40.93 66.68
CA HIS A 258 -34.10 41.50 65.36
C HIS A 258 -33.68 40.46 64.32
N VAL A 259 -34.56 40.18 63.37
CA VAL A 259 -34.29 39.20 62.31
C VAL A 259 -34.57 39.84 60.96
N GLU A 260 -33.63 39.71 60.03
CA GLU A 260 -33.83 40.16 58.66
C GLU A 260 -33.66 38.96 57.75
N HIS A 261 -34.62 38.80 56.84
CA HIS A 261 -34.61 37.66 55.95
C HIS A 261 -35.32 38.08 54.68
N SER A 262 -34.60 38.01 53.56
CA SER A 262 -35.17 38.19 52.22
C SER A 262 -36.02 39.46 52.14
N GLY A 263 -35.46 40.56 52.62
CA GLY A 263 -36.10 41.85 52.49
C GLY A 263 -37.20 42.16 53.50
N VAL A 264 -37.36 41.33 54.54
CA VAL A 264 -38.35 41.56 55.59
C VAL A 264 -37.62 41.62 56.93
N HIS A 265 -37.98 42.60 57.75
CA HIS A 265 -37.40 42.76 59.08
CA HIS A 265 -37.42 42.76 59.08
C HIS A 265 -38.46 42.39 60.12
N MET A 266 -38.01 41.74 61.19
CA MET A 266 -38.87 41.34 62.30
CA MET A 266 -38.88 41.37 62.31
C MET A 266 -38.22 41.77 63.62
N VAL A 267 -39.02 42.24 64.56
CA VAL A 267 -38.57 42.59 65.90
C VAL A 267 -39.43 41.83 66.91
N LEU A 268 -38.79 41.13 67.84
CA LEU A 268 -39.50 40.51 68.96
C LEU A 268 -39.03 41.16 70.25
N GLN A 269 -39.86 42.05 70.82
CA GLN A 269 -39.57 42.68 72.09
C GLN A 269 -39.84 41.72 73.24
N VAL A 270 -38.89 41.61 74.16
CA VAL A 270 -39.00 40.68 75.28
C VAL A 270 -39.64 41.43 76.44
N PRO A 271 -40.84 41.03 76.89
CA PRO A 271 -41.57 41.77 77.92
C PRO A 271 -40.82 41.85 79.25
N MET B 1 1.53 20.48 58.49
CA MET B 1 0.15 20.34 58.03
C MET B 1 -0.85 20.74 59.11
N ILE B 2 -1.69 21.72 58.81
CA ILE B 2 -2.73 22.15 59.73
C ILE B 2 -3.96 21.28 59.50
N GLN B 3 -4.43 20.62 60.54
CA GLN B 3 -5.67 19.84 60.50
C GLN B 3 -6.71 20.55 61.36
N ARG B 4 -7.96 20.51 60.91
CA ARG B 4 -9.05 21.21 61.59
C ARG B 4 -10.03 20.21 62.17
N THR B 5 -10.35 20.38 63.45
CA THR B 5 -11.23 19.44 64.13
C THR B 5 -12.68 19.75 63.81
N PRO B 6 -13.54 18.74 63.74
CA PRO B 6 -14.93 18.97 63.35
C PRO B 6 -15.72 19.68 64.46
N LYS B 7 -16.46 20.69 64.07
CA LYS B 7 -17.54 21.21 64.90
C LYS B 7 -18.72 20.26 64.78
N ILE B 8 -19.43 20.05 65.88
CA ILE B 8 -20.45 19.00 65.98
C ILE B 8 -21.69 19.60 66.64
N GLN B 9 -22.79 19.68 65.89
CA GLN B 9 -24.02 20.26 66.42
C GLN B 9 -25.18 19.30 66.22
N VAL B 10 -25.92 19.05 67.31
CA VAL B 10 -26.99 18.06 67.37
C VAL B 10 -28.29 18.78 67.71
N TYR B 11 -29.31 18.58 66.88
CA TYR B 11 -30.50 19.40 66.94
C TYR B 11 -31.59 18.67 66.17
N SER B 12 -32.84 18.95 66.52
CA SER B 12 -33.99 18.39 65.84
C SER B 12 -34.37 19.27 64.65
N ARG B 13 -34.99 18.64 63.65
CA ARG B 13 -35.43 19.38 62.46
C ARG B 13 -36.43 20.46 62.82
N HIS B 14 -37.46 20.11 63.61
CA HIS B 14 -38.47 21.01 64.17
C HIS B 14 -38.30 21.11 65.68
N PRO B 15 -38.84 22.15 66.31
CA PRO B 15 -38.81 22.20 67.77
C PRO B 15 -39.43 20.93 68.35
N ALA B 16 -38.69 20.27 69.23
CA ALA B 16 -39.07 18.94 69.66
C ALA B 16 -40.29 18.97 70.57
N GLU B 17 -41.13 17.96 70.42
CA GLU B 17 -42.29 17.78 71.29
CA GLU B 17 -42.30 17.77 71.27
C GLU B 17 -42.44 16.27 71.54
N ASN B 18 -42.40 15.89 72.81
CA ASN B 18 -42.49 14.47 73.18
C ASN B 18 -43.71 13.82 72.55
N GLY B 19 -43.51 12.62 72.00
CA GLY B 19 -44.57 11.90 71.34
C GLY B 19 -44.86 12.33 69.92
N LYS B 20 -44.10 13.28 69.38
CA LYS B 20 -44.33 13.80 68.04
C LYS B 20 -43.10 13.49 67.18
N SER B 21 -43.33 12.84 66.05
CA SER B 21 -42.24 12.38 65.21
C SER B 21 -41.42 13.57 64.70
N ASN B 22 -40.12 13.37 64.59
CA ASN B 22 -39.21 14.44 64.23
C ASN B 22 -38.02 13.83 63.49
N PHE B 23 -37.00 14.64 63.25
CA PHE B 23 -35.72 14.17 62.72
C PHE B 23 -34.62 14.68 63.63
N LEU B 24 -33.75 13.79 64.09
CA LEU B 24 -32.55 14.17 64.82
C LEU B 24 -31.41 14.38 63.84
N ASN B 25 -30.77 15.55 63.92
CA ASN B 25 -29.71 15.95 63.00
C ASN B 25 -28.37 16.03 63.74
N CYS B 26 -27.31 15.63 63.05
CA CYS B 26 -25.95 15.89 63.52
C CYS B 26 -25.22 16.56 62.37
N TYR B 27 -24.87 17.83 62.55
CA TYR B 27 -24.18 18.61 61.54
C TYR B 27 -22.72 18.72 61.91
N VAL B 28 -21.86 18.15 61.08
CA VAL B 28 -20.43 18.11 61.30
C VAL B 28 -19.79 18.98 60.24
N SER B 29 -18.97 19.94 60.65
CA SER B 29 -18.50 20.97 59.72
C SER B 29 -17.13 21.48 60.14
N GLY B 30 -16.49 22.20 59.22
CA GLY B 30 -15.22 22.85 59.47
C GLY B 30 -14.03 21.94 59.62
N PHE B 31 -14.17 20.65 59.29
CA PHE B 31 -13.07 19.74 59.53
C PHE B 31 -12.21 19.58 58.28
N HIS B 32 -10.96 19.15 58.50
CA HIS B 32 -10.01 18.85 57.42
C HIS B 32 -8.92 17.94 57.98
N PRO B 33 -8.55 16.85 57.28
CA PRO B 33 -9.04 16.37 55.98
C PRO B 33 -10.41 15.71 56.01
N SER B 34 -10.82 15.05 54.91
CA SER B 34 -12.25 14.74 54.78
C SER B 34 -12.68 13.44 55.46
N ASP B 35 -11.77 12.49 55.70
CA ASP B 35 -12.20 11.23 56.33
C ASP B 35 -12.80 11.50 57.70
N ILE B 36 -13.94 10.87 57.98
CA ILE B 36 -14.66 11.13 59.22
C ILE B 36 -15.65 10.00 59.45
N GLU B 37 -15.92 9.70 60.73
CA GLU B 37 -16.89 8.70 61.15
C GLU B 37 -17.93 9.36 62.04
N VAL B 38 -19.20 9.17 61.72
CA VAL B 38 -20.30 9.78 62.45
C VAL B 38 -21.37 8.73 62.74
N ASP B 39 -21.74 8.59 64.02
CA ASP B 39 -22.84 7.74 64.44
C ASP B 39 -23.81 8.53 65.29
N LEU B 40 -25.10 8.27 65.12
CA LEU B 40 -26.11 8.76 66.06
C LEU B 40 -26.36 7.70 67.11
N LEU B 41 -26.49 8.15 68.36
CA LEU B 41 -26.70 7.26 69.49
C LEU B 41 -28.07 7.49 70.10
N LYS B 42 -28.73 6.40 70.49
CA LYS B 42 -29.95 6.42 71.29
C LYS B 42 -29.65 5.70 72.59
N ASN B 43 -29.68 6.45 73.70
CA ASN B 43 -29.39 5.92 75.03
C ASN B 43 -27.98 5.36 75.15
N GLY B 44 -27.06 5.80 74.29
CA GLY B 44 -25.72 5.26 74.24
C GLY B 44 -25.52 4.18 73.20
N GLU B 45 -26.55 3.83 72.44
CA GLU B 45 -26.49 2.74 71.47
C GLU B 45 -26.62 3.31 70.07
N ARG B 46 -25.78 2.82 69.16
CA ARG B 46 -25.76 3.34 67.80
C ARG B 46 -27.07 3.01 67.09
N ILE B 47 -27.66 4.03 66.47
CA ILE B 47 -28.86 3.86 65.65
C ILE B 47 -28.44 3.31 64.29
N GLU B 48 -29.18 2.31 63.80
CA GLU B 48 -28.77 1.65 62.57
C GLU B 48 -29.20 2.44 61.33
N LYS B 49 -30.49 2.73 61.20
CA LYS B 49 -31.02 3.41 60.02
C LYS B 49 -30.73 4.89 60.16
N VAL B 50 -29.57 5.31 59.67
CA VAL B 50 -29.12 6.69 59.76
C VAL B 50 -28.61 7.11 58.40
N GLU B 51 -29.13 8.21 57.88
CA GLU B 51 -28.76 8.69 56.56
C GLU B 51 -27.82 9.89 56.67
N HIS B 52 -27.23 10.26 55.53
CA HIS B 52 -26.32 11.39 55.53
C HIS B 52 -26.22 11.95 54.13
N SER B 53 -26.05 13.27 54.06
CA SER B 53 -25.77 13.93 52.80
C SER B 53 -24.40 13.50 52.28
N ASP B 54 -24.17 13.74 50.99
CA ASP B 54 -22.84 13.57 50.42
C ASP B 54 -21.88 14.58 51.04
N LEU B 55 -20.60 14.21 51.08
CA LEU B 55 -19.54 15.13 51.51
C LEU B 55 -19.68 16.47 50.81
N SER B 56 -19.62 17.55 51.57
CA SER B 56 -19.83 18.87 51.01
C SER B 56 -18.61 19.74 51.26
N PHE B 57 -18.46 20.77 50.43
CA PHE B 57 -17.24 21.55 50.37
C PHE B 57 -17.53 23.01 50.70
N SER B 58 -16.76 23.58 51.62
CA SER B 58 -16.88 24.99 51.97
C SER B 58 -15.81 25.81 51.27
N LYS B 59 -16.06 27.12 51.18
CA LYS B 59 -15.14 28.02 50.48
C LYS B 59 -13.79 28.11 51.18
N ASP B 60 -13.75 27.88 52.51
CA ASP B 60 -12.50 27.95 53.26
C ASP B 60 -11.73 26.65 53.22
N TRP B 61 -12.17 25.72 52.39
CA TRP B 61 -11.58 24.44 52.05
C TRP B 61 -11.93 23.35 53.04
N SER B 62 -12.64 23.65 54.14
CA SER B 62 -13.09 22.59 55.02
C SER B 62 -14.33 21.90 54.44
N PHE B 63 -14.76 20.85 55.12
CA PHE B 63 -15.82 19.98 54.65
C PHE B 63 -16.95 19.97 55.67
N TYR B 64 -18.13 19.57 55.22
CA TYR B 64 -19.25 19.42 56.13
C TYR B 64 -20.20 18.34 55.64
N LEU B 65 -21.03 17.85 56.56
CA LEU B 65 -21.90 16.70 56.38
C LEU B 65 -23.08 16.84 57.33
N LEU B 66 -24.25 16.40 56.89
CA LEU B 66 -25.43 16.30 57.75
C LEU B 66 -25.81 14.83 57.91
N TYR B 67 -25.84 14.36 59.15
CA TYR B 67 -26.33 13.02 59.49
C TYR B 67 -27.68 13.16 60.18
N TYR B 68 -28.61 12.25 59.86
CA TYR B 68 -29.96 12.38 60.39
C TYR B 68 -30.63 11.03 60.46
N THR B 69 -31.63 10.94 61.34
CA THR B 69 -32.48 9.77 61.46
C THR B 69 -33.84 10.22 61.98
N GLU B 70 -34.88 9.58 61.49
CA GLU B 70 -36.23 9.88 61.96
C GLU B 70 -36.40 9.32 63.38
N PHE B 71 -37.10 10.06 64.22
CA PHE B 71 -37.29 9.61 65.59
C PHE B 71 -38.47 10.34 66.23
N THR B 72 -38.95 9.76 67.32
CA THR B 72 -39.98 10.39 68.14
C THR B 72 -39.43 10.62 69.53
N PRO B 73 -39.13 11.85 69.91
CA PRO B 73 -38.53 12.09 71.23
C PRO B 73 -39.51 11.75 72.36
N THR B 74 -38.95 11.25 73.46
CA THR B 74 -39.67 11.01 74.69
C THR B 74 -38.95 11.72 75.83
N GLU B 75 -39.54 11.66 77.02
CA GLU B 75 -38.91 12.25 78.19
C GLU B 75 -37.65 11.50 78.56
N LYS B 76 -37.68 10.17 78.46
CA LYS B 76 -36.62 9.31 79.01
C LYS B 76 -35.46 9.07 78.04
N ASP B 77 -35.72 9.05 76.73
CA ASP B 77 -34.69 8.65 75.77
C ASP B 77 -33.66 9.76 75.54
N GLU B 78 -32.39 9.42 75.70
CA GLU B 78 -31.28 10.34 75.46
C GLU B 78 -30.62 10.05 74.12
N TYR B 79 -30.28 11.10 73.39
CA TYR B 79 -29.70 10.99 72.07
C TYR B 79 -28.38 11.75 71.99
N ALA B 80 -27.49 11.31 71.11
CA ALA B 80 -26.18 11.94 70.99
C ALA B 80 -25.61 11.67 69.62
N CYS B 81 -24.52 12.38 69.31
CA CYS B 81 -23.78 12.18 68.08
C CYS B 81 -22.34 11.84 68.45
N ARG B 82 -21.81 10.79 67.82
CA ARG B 82 -20.47 10.30 68.08
C ARG B 82 -19.65 10.42 66.80
N VAL B 83 -18.54 11.15 66.87
CA VAL B 83 -17.76 11.53 65.71
C VAL B 83 -16.30 11.17 65.96
N ASN B 84 -15.68 10.51 64.98
CA ASN B 84 -14.25 10.28 65.03
C ASN B 84 -13.57 10.93 63.83
N HIS B 85 -12.40 11.51 64.09
CA HIS B 85 -11.64 12.24 63.10
C HIS B 85 -10.18 12.11 63.45
N VAL B 86 -9.30 12.34 62.48
CA VAL B 86 -7.87 12.22 62.76
C VAL B 86 -7.44 13.24 63.81
N THR B 87 -8.15 14.37 63.91
CA THR B 87 -7.86 15.37 64.94
C THR B 87 -8.34 14.97 66.33
N LEU B 88 -9.05 13.85 66.48
CA LEU B 88 -9.59 13.43 67.76
C LEU B 88 -8.87 12.17 68.23
N SER B 89 -8.24 12.26 69.40
CA SER B 89 -7.55 11.09 69.96
C SER B 89 -8.54 9.99 70.33
N GLN B 90 -9.70 10.36 70.86
CA GLN B 90 -10.80 9.45 71.13
C GLN B 90 -12.06 10.01 70.49
N PRO B 91 -13.06 9.17 70.24
CA PRO B 91 -14.33 9.69 69.73
C PRO B 91 -14.92 10.74 70.66
N LYS B 92 -15.54 11.76 70.07
CA LYS B 92 -16.21 12.81 70.83
C LYS B 92 -17.71 12.65 70.74
N ILE B 93 -18.38 12.71 71.88
CA ILE B 93 -19.82 12.55 71.99
C ILE B 93 -20.43 13.90 72.33
N VAL B 94 -21.44 14.31 71.57
CA VAL B 94 -22.17 15.53 71.82
C VAL B 94 -23.63 15.14 72.01
N LYS B 95 -24.15 15.31 73.22
CA LYS B 95 -25.53 14.96 73.49
C LYS B 95 -26.48 15.96 72.86
N TRP B 96 -27.69 15.51 72.58
CA TRP B 96 -28.76 16.38 72.09
C TRP B 96 -29.37 17.15 73.27
N ASP B 97 -29.18 18.46 73.29
CA ASP B 97 -29.72 19.33 74.33
C ASP B 97 -31.01 19.98 73.82
N ARG B 98 -32.12 19.66 74.47
CA ARG B 98 -33.43 20.19 74.07
C ARG B 98 -33.95 21.22 75.06
N ARG C 2 26.54 2.73 -7.17
CA ARG C 2 26.13 3.62 -8.28
C ARG C 2 25.15 2.91 -9.20
N THR C 3 24.83 3.54 -10.33
CA THR C 3 23.85 2.98 -11.25
C THR C 3 24.51 1.97 -12.19
N HIS C 4 23.88 0.80 -12.34
CA HIS C 4 24.42 -0.24 -13.20
C HIS C 4 23.35 -0.70 -14.18
N SER C 5 23.77 -1.37 -15.27
CA SER C 5 22.77 -1.77 -16.25
C SER C 5 23.18 -3.07 -16.93
N LEU C 6 22.16 -3.80 -17.41
CA LEU C 6 22.33 -5.01 -18.19
C LEU C 6 21.51 -4.82 -19.46
N ARG C 7 22.10 -5.10 -20.62
CA ARG C 7 21.31 -5.00 -21.83
C ARG C 7 21.86 -5.95 -22.88
N TYR C 8 20.98 -6.37 -23.78
CA TYR C 8 21.31 -7.28 -24.86
C TYR C 8 20.84 -6.64 -26.15
N PHE C 9 21.71 -6.59 -27.16
CA PHE C 9 21.37 -6.07 -28.47
C PHE C 9 21.30 -7.21 -29.46
N ARG C 10 20.44 -7.06 -30.47
CA ARG C 10 20.49 -7.91 -31.66
C ARG C 10 20.59 -7.01 -32.87
N LEU C 11 21.37 -7.46 -33.86
CA LEU C 11 21.46 -6.76 -35.15
C LEU C 11 21.25 -7.80 -36.24
N GLY C 12 20.28 -7.56 -37.10
CA GLY C 12 20.05 -8.38 -38.28
C GLY C 12 20.32 -7.56 -39.52
N VAL C 13 20.97 -8.18 -40.50
CA VAL C 13 21.27 -7.53 -41.78
C VAL C 13 20.78 -8.48 -42.87
N SER C 14 19.92 -7.98 -43.75
CA SER C 14 19.50 -8.78 -44.89
C SER C 14 20.53 -8.63 -46.01
N ASP C 15 20.74 -9.72 -46.75
CA ASP C 15 21.68 -9.74 -47.86
C ASP C 15 23.02 -9.09 -47.49
N PRO C 16 23.70 -9.60 -46.47
CA PRO C 16 24.91 -8.92 -46.00
C PRO C 16 26.07 -9.09 -46.97
N ILE C 17 27.04 -8.19 -46.85
CA ILE C 17 28.23 -8.19 -47.70
C ILE C 17 29.19 -9.27 -47.20
N HIS C 18 30.34 -9.42 -47.89
CA HIS C 18 31.22 -10.56 -47.69
C HIS C 18 31.52 -10.82 -46.20
N GLY C 19 31.85 -9.77 -45.46
CA GLY C 19 32.30 -9.97 -44.08
C GLY C 19 31.38 -9.48 -42.98
N VAL C 20 30.09 -9.29 -43.30
CA VAL C 20 29.12 -8.80 -42.33
C VAL C 20 28.19 -9.96 -41.98
N PRO C 21 28.18 -10.42 -40.71
CA PRO C 21 27.26 -11.50 -40.34
C PRO C 21 25.81 -11.11 -40.58
N GLU C 22 24.99 -12.12 -40.88
CA GLU C 22 23.56 -11.89 -40.99
C GLU C 22 22.96 -11.48 -39.65
N PHE C 23 23.51 -11.97 -38.53
CA PHE C 23 22.94 -11.75 -37.20
C PHE C 23 24.06 -11.67 -36.18
N ILE C 24 23.99 -10.69 -35.29
CA ILE C 24 24.92 -10.52 -34.19
C ILE C 24 24.10 -10.21 -32.94
N SER C 25 24.52 -10.74 -31.79
CA SER C 25 23.87 -10.38 -30.54
C SER C 25 24.95 -10.28 -29.47
N VAL C 26 24.95 -9.16 -28.76
CA VAL C 26 25.96 -8.87 -27.75
C VAL C 26 25.27 -8.41 -26.49
N GLY C 27 25.76 -8.86 -25.34
CA GLY C 27 25.29 -8.38 -24.05
C GLY C 27 26.32 -7.50 -23.38
N TYR C 28 25.84 -6.54 -22.57
CA TYR C 28 26.68 -5.60 -21.83
C TYR C 28 26.21 -5.52 -20.39
N VAL C 29 27.17 -5.42 -19.48
CA VAL C 29 26.95 -4.84 -18.16
C VAL C 29 27.72 -3.53 -18.12
N ASP C 30 27.01 -2.45 -17.79
CA ASP C 30 27.60 -1.09 -17.89
C ASP C 30 28.25 -0.97 -19.27
N SER C 31 29.50 -0.52 -19.35
CA SER C 31 30.19 -0.34 -20.63
C SER C 31 30.94 -1.58 -21.09
N HIS C 32 30.80 -2.71 -20.37
CA HIS C 32 31.62 -3.88 -20.62
C HIS C 32 30.84 -4.90 -21.44
N PRO C 33 31.36 -5.33 -22.59
CA PRO C 33 30.77 -6.50 -23.26
C PRO C 33 30.94 -7.73 -22.38
N ILE C 34 29.85 -8.49 -22.20
CA ILE C 34 29.91 -9.72 -21.43
C ILE C 34 29.74 -10.97 -22.30
N THR C 35 28.98 -10.91 -23.39
CA THR C 35 28.72 -12.08 -24.22
C THR C 35 28.60 -11.68 -25.68
N THR C 36 28.89 -12.64 -26.57
CA THR C 36 28.72 -12.43 -28.00
C THR C 36 28.23 -13.70 -28.69
N TYR C 37 27.45 -13.50 -29.74
CA TYR C 37 26.95 -14.57 -30.61
C TYR C 37 26.84 -13.97 -32.00
N ASP C 38 27.16 -14.74 -33.02
CA ASP C 38 26.80 -14.29 -34.35
C ASP C 38 26.52 -15.49 -35.24
N SER C 39 26.00 -15.20 -36.43
CA SER C 39 25.55 -16.22 -37.37
C SER C 39 26.70 -16.95 -38.05
N VAL C 40 27.93 -16.49 -37.86
CA VAL C 40 29.10 -17.18 -38.38
C VAL C 40 29.61 -18.22 -37.39
N THR C 41 29.88 -17.79 -36.15
CA THR C 41 30.32 -18.76 -35.15
C THR C 41 29.19 -19.70 -34.75
N ARG C 42 27.96 -19.20 -34.72
CA ARG C 42 26.78 -19.92 -34.23
C ARG C 42 26.96 -20.39 -32.78
N GLN C 43 27.83 -19.73 -32.03
CA GLN C 43 28.11 -20.06 -30.64
C GLN C 43 27.99 -18.80 -29.77
N LYS C 44 27.43 -18.96 -28.57
CA LYS C 44 27.48 -17.89 -27.59
C LYS C 44 28.73 -18.04 -26.75
N GLU C 45 29.53 -16.98 -26.67
CA GLU C 45 30.82 -16.99 -26.00
C GLU C 45 30.92 -15.84 -25.02
N PRO C 46 31.70 -16.02 -23.95
CA PRO C 46 31.94 -14.89 -23.03
C PRO C 46 32.86 -13.84 -23.65
N ARG C 47 32.64 -12.59 -23.26
CA ARG C 47 33.52 -11.49 -23.64
C ARG C 47 34.21 -10.85 -22.43
N ALA C 48 34.02 -11.41 -21.24
CA ALA C 48 34.70 -10.91 -20.07
C ALA C 48 35.20 -12.11 -19.27
N PRO C 49 36.40 -12.03 -18.70
CA PRO C 49 36.94 -13.19 -17.97
C PRO C 49 36.12 -13.57 -16.76
N TRP C 50 35.49 -12.60 -16.07
CA TRP C 50 34.70 -12.93 -14.90
C TRP C 50 33.37 -13.58 -15.27
N MET C 51 32.95 -13.50 -16.53
CA MET C 51 31.79 -14.25 -17.00
C MET C 51 32.16 -15.70 -17.25
N ALA C 52 33.22 -15.91 -18.04
CA ALA C 52 33.72 -17.25 -18.32
C ALA C 52 33.98 -18.04 -17.03
N GLU C 53 34.54 -17.37 -16.02
CA GLU C 53 34.94 -18.04 -14.79
C GLU C 53 33.75 -18.50 -13.96
N ASN C 54 32.60 -17.84 -14.07
CA ASN C 54 31.48 -18.09 -13.17
C ASN C 54 30.30 -18.81 -13.82
N LEU C 55 30.39 -19.16 -15.10
CA LEU C 55 29.26 -19.76 -15.81
C LEU C 55 29.74 -21.03 -16.52
N ALA C 56 29.14 -22.16 -16.14
CA ALA C 56 29.58 -23.48 -16.58
C ALA C 56 29.29 -23.71 -18.06
N PRO C 57 29.97 -24.68 -18.68
CA PRO C 57 29.77 -24.91 -20.12
C PRO C 57 28.33 -25.19 -20.50
N ASP C 58 27.55 -25.83 -19.63
CA ASP C 58 26.17 -26.08 -20.01
C ASP C 58 25.36 -24.78 -20.11
N HIS C 59 25.82 -23.70 -19.46
CA HIS C 59 25.18 -22.42 -19.67
C HIS C 59 25.38 -21.92 -21.09
N TRP C 60 26.63 -21.82 -21.52
CA TRP C 60 26.91 -21.39 -22.90
C TRP C 60 26.22 -22.30 -23.91
N GLU C 61 26.17 -23.61 -23.63
CA GLU C 61 25.53 -24.54 -24.55
C GLU C 61 24.04 -24.26 -24.70
N ARG C 62 23.36 -23.98 -23.58
CA ARG C 62 21.93 -23.73 -23.63
C ARG C 62 21.60 -22.44 -24.38
N TYR C 63 22.33 -21.36 -24.09
CA TYR C 63 22.02 -20.09 -24.73
C TYR C 63 22.48 -20.05 -26.19
N THR C 64 23.48 -20.85 -26.54
CA THR C 64 23.78 -21.04 -27.96
C THR C 64 22.55 -21.53 -28.70
N GLN C 65 21.83 -22.51 -28.13
CA GLN C 65 20.62 -23.00 -28.78
C GLN C 65 19.55 -21.92 -28.85
N LEU C 66 19.34 -21.18 -27.75
CA LEU C 66 18.34 -20.11 -27.77
C LEU C 66 18.70 -19.05 -28.80
N LEU C 67 20.00 -18.70 -28.89
CA LEU C 67 20.41 -17.66 -29.82
C LEU C 67 20.21 -18.10 -31.27
N ARG C 68 20.46 -19.38 -31.58
CA ARG C 68 20.15 -19.89 -32.91
C ARG C 68 18.67 -19.73 -33.23
N GLY C 69 17.79 -19.97 -32.25
CA GLY C 69 16.38 -19.68 -32.46
C GLY C 69 16.10 -18.21 -32.67
N TRP C 70 16.68 -17.35 -31.82
CA TRP C 70 16.45 -15.91 -31.93
C TRP C 70 16.99 -15.35 -33.25
N GLN C 71 18.11 -15.90 -33.73
CA GLN C 71 18.62 -15.55 -35.06
C GLN C 71 17.57 -15.83 -36.13
N GLN C 72 16.96 -17.03 -36.10
CA GLN C 72 15.98 -17.35 -37.12
C GLN C 72 14.75 -16.45 -37.02
N MET C 73 14.31 -16.17 -35.79
CA MET C 73 13.20 -15.23 -35.60
CA MET C 73 13.19 -15.24 -35.62
C MET C 73 13.53 -13.86 -36.16
N PHE C 74 14.75 -13.38 -35.91
CA PHE C 74 15.15 -12.09 -36.44
C PHE C 74 15.15 -12.11 -37.96
N LYS C 75 15.61 -13.22 -38.56
CA LYS C 75 15.66 -13.33 -40.01
C LYS C 75 14.27 -13.17 -40.60
N VAL C 76 13.27 -13.87 -40.06
CA VAL C 76 11.95 -13.82 -40.68
C VAL C 76 11.24 -12.51 -40.34
N GLU C 77 11.43 -11.95 -39.13
CA GLU C 77 10.81 -10.66 -38.84
C GLU C 77 11.32 -9.59 -39.80
N LEU C 78 12.61 -9.61 -40.12
CA LEU C 78 13.12 -8.58 -41.02
C LEU C 78 12.58 -8.78 -42.43
N LYS C 79 12.46 -10.04 -42.87
CA LYS C 79 11.83 -10.32 -44.17
C LYS C 79 10.42 -9.75 -44.21
N ARG C 80 9.65 -9.92 -43.14
CA ARG C 80 8.28 -9.41 -43.12
CA ARG C 80 8.29 -9.40 -43.13
C ARG C 80 8.25 -7.88 -43.11
N LEU C 81 9.15 -7.25 -42.35
CA LEU C 81 9.24 -5.79 -42.37
C LEU C 81 9.52 -5.27 -43.78
N GLN C 82 10.50 -5.87 -44.47
CA GLN C 82 10.77 -5.40 -45.83
C GLN C 82 9.56 -5.57 -46.72
N ARG C 83 8.81 -6.65 -46.53
CA ARG C 83 7.60 -6.86 -47.31
C ARG C 83 6.58 -5.77 -47.02
N HIS C 84 6.39 -5.44 -45.73
CA HIS C 84 5.49 -4.35 -45.37
C HIS C 84 5.92 -3.04 -46.05
N TYR C 85 7.21 -2.74 -46.02
CA TYR C 85 7.71 -1.48 -46.60
C TYR C 85 7.92 -1.53 -48.10
N ASN C 86 7.76 -2.70 -48.73
CA ASN C 86 8.11 -2.90 -50.15
CA ASN C 86 8.11 -2.88 -50.15
C ASN C 86 9.57 -2.52 -50.40
N HIS C 87 10.46 -3.05 -49.56
CA HIS C 87 11.88 -2.75 -49.60
C HIS C 87 12.67 -3.91 -50.16
N SER C 88 13.57 -3.61 -51.09
CA SER C 88 14.53 -4.56 -51.63
CA SER C 88 14.53 -4.56 -51.61
C SER C 88 15.93 -4.21 -51.12
N GLY C 89 16.87 -5.11 -51.37
CA GLY C 89 18.25 -4.84 -51.01
C GLY C 89 18.47 -5.08 -49.53
N SER C 90 19.54 -4.51 -49.02
CA SER C 90 19.97 -4.79 -47.65
C SER C 90 19.41 -3.76 -46.68
N HIS C 91 18.79 -4.25 -45.61
CA HIS C 91 18.27 -3.39 -44.56
C HIS C 91 18.70 -3.97 -43.22
N THR C 92 18.56 -3.17 -42.16
CA THR C 92 18.99 -3.59 -40.83
C THR C 92 17.80 -3.63 -39.89
N TYR C 93 17.90 -4.50 -38.89
CA TYR C 93 16.88 -4.68 -37.86
C TYR C 93 17.64 -4.78 -36.56
N GLN C 94 17.17 -4.06 -35.54
CA GLN C 94 17.88 -4.07 -34.27
C GLN C 94 16.90 -4.17 -33.12
N ARG C 95 17.38 -4.72 -32.02
CA ARG C 95 16.60 -4.85 -30.80
C ARG C 95 17.51 -4.55 -29.63
N MET C 96 16.96 -3.90 -28.61
CA MET C 96 17.69 -3.69 -27.38
C MET C 96 16.74 -3.94 -26.23
N ILE C 97 17.13 -4.81 -25.31
CA ILE C 97 16.36 -5.04 -24.09
C ILE C 97 17.32 -4.87 -22.92
N GLY C 98 16.79 -4.44 -21.78
CA GLY C 98 17.66 -4.34 -20.62
C GLY C 98 16.99 -3.61 -19.47
N CYS C 99 17.78 -3.43 -18.43
CA CYS C 99 17.30 -2.88 -17.17
C CYS C 99 18.43 -2.14 -16.49
N GLU C 100 18.07 -1.22 -15.60
CA GLU C 100 19.04 -0.50 -14.80
C GLU C 100 18.66 -0.64 -13.34
N LEU C 101 19.67 -0.78 -12.49
CA LEU C 101 19.48 -0.79 -11.05
C LEU C 101 20.04 0.56 -10.58
N LEU C 102 19.14 1.46 -10.17
CA LEU C 102 19.55 2.80 -9.77
C LEU C 102 20.16 2.76 -8.38
N GLU C 103 20.87 3.85 -8.06
CA GLU C 103 21.51 3.97 -6.75
C GLU C 103 20.50 3.93 -5.60
N ASP C 104 19.30 4.50 -5.79
CA ASP C 104 18.29 4.52 -4.72
C ASP C 104 17.51 3.22 -4.63
N GLY C 105 17.89 2.21 -5.41
CA GLY C 105 17.23 0.91 -5.36
C GLY C 105 16.09 0.75 -6.33
N SER C 106 15.63 1.83 -6.94
CA SER C 106 14.60 1.76 -7.97
CA SER C 106 14.61 1.74 -7.96
C SER C 106 15.20 1.21 -9.26
N THR C 107 14.32 0.72 -10.13
CA THR C 107 14.73 0.05 -11.36
C THR C 107 14.03 0.67 -12.56
N THR C 108 14.67 0.51 -13.73
CA THR C 108 14.07 0.81 -15.02
C THR C 108 14.20 -0.42 -15.90
N GLY C 109 13.38 -0.46 -16.96
CA GLY C 109 13.39 -1.56 -17.90
C GLY C 109 13.00 -1.05 -19.26
N PHE C 110 13.60 -1.57 -20.32
CA PHE C 110 13.31 -1.05 -21.65
C PHE C 110 13.45 -2.18 -22.66
N LEU C 111 12.69 -2.05 -23.74
CA LEU C 111 12.69 -3.04 -24.81
C LEU C 111 12.24 -2.29 -26.06
N GLN C 112 13.08 -2.28 -27.09
CA GLN C 112 12.91 -1.38 -28.23
C GLN C 112 13.45 -2.06 -29.47
N TYR C 113 12.85 -1.73 -30.60
CA TYR C 113 13.24 -2.23 -31.92
C TYR C 113 13.50 -1.05 -32.83
N ALA C 114 14.44 -1.22 -33.77
CA ALA C 114 14.71 -0.24 -34.81
C ALA C 114 14.81 -0.93 -36.16
N TYR C 115 14.48 -0.17 -37.21
CA TYR C 115 14.60 -0.62 -38.59
C TYR C 115 15.40 0.41 -39.34
N ASP C 116 16.44 -0.05 -40.06
CA ASP C 116 17.39 0.86 -40.72
C ASP C 116 17.92 1.94 -39.78
N GLY C 117 18.16 1.55 -38.53
CA GLY C 117 18.82 2.44 -37.58
C GLY C 117 17.92 3.47 -36.91
N GLN C 118 16.62 3.46 -37.18
CA GLN C 118 15.68 4.43 -36.64
C GLN C 118 14.65 3.72 -35.75
N ASP C 119 14.21 4.42 -34.70
CA ASP C 119 13.18 3.89 -33.80
C ASP C 119 12.02 3.32 -34.59
N PHE C 120 11.54 2.17 -34.14
CA PHE C 120 10.46 1.49 -34.86
C PHE C 120 9.33 1.15 -33.89
N LEU C 121 9.65 0.44 -32.81
CA LEU C 121 8.68 0.03 -31.79
C LEU C 121 9.30 0.17 -30.41
N ILE C 122 8.60 0.83 -29.48
CA ILE C 122 9.09 1.07 -28.13
C ILE C 122 8.09 0.49 -27.14
N PHE C 123 8.52 -0.45 -26.32
CA PHE C 123 7.65 -1.11 -25.37
C PHE C 123 7.50 -0.25 -24.13
N ASN C 124 6.30 -0.13 -23.65
CA ASN C 124 6.05 0.52 -22.38
C ASN C 124 5.57 -0.53 -21.39
N LYS C 125 6.46 -0.96 -20.51
CA LYS C 125 6.09 -2.01 -19.57
C LYS C 125 5.08 -1.54 -18.52
N ASP C 126 4.74 -0.24 -18.46
CA ASP C 126 3.76 0.24 -17.48
C ASP C 126 2.33 0.17 -17.96
N THR C 127 2.07 0.33 -19.25
CA THR C 127 0.74 0.12 -19.79
C THR C 127 0.62 -1.15 -20.61
N LEU C 128 1.68 -1.96 -20.68
CA LEU C 128 1.72 -3.15 -21.51
C LEU C 128 1.33 -2.82 -22.95
N SER C 129 2.02 -1.85 -23.53
CA SER C 129 1.69 -1.45 -24.89
C SER C 129 2.95 -1.11 -25.66
N TRP C 130 2.83 -1.21 -26.97
CA TRP C 130 3.89 -0.91 -27.90
C TRP C 130 3.58 0.42 -28.59
N LEU C 131 4.53 1.34 -28.54
CA LEU C 131 4.44 2.59 -29.28
C LEU C 131 5.06 2.42 -30.66
N ALA C 132 4.29 2.73 -31.71
CA ALA C 132 4.66 2.52 -33.10
C ALA C 132 4.97 3.85 -33.79
N VAL C 133 6.01 3.87 -34.64
CA VAL C 133 6.39 5.14 -35.27
C VAL C 133 5.61 5.43 -36.55
N ASP C 134 5.07 4.43 -37.23
CA ASP C 134 4.39 4.64 -38.51
C ASP C 134 3.37 3.52 -38.73
N ASN C 135 2.76 3.49 -39.92
CA ASN C 135 1.71 2.52 -40.18
C ASN C 135 2.23 1.07 -40.14
N VAL C 136 3.47 0.85 -40.57
CA VAL C 136 4.02 -0.51 -40.58
C VAL C 136 4.25 -0.98 -39.15
N ALA C 137 4.90 -0.15 -38.33
CA ALA C 137 5.04 -0.48 -36.92
C ALA C 137 3.69 -0.69 -36.25
N HIS C 138 2.66 0.05 -36.69
CA HIS C 138 1.33 -0.13 -36.12
C HIS C 138 0.77 -1.52 -36.42
N THR C 139 1.00 -2.02 -37.65
CA THR C 139 0.60 -3.39 -37.98
C THR C 139 1.24 -4.40 -37.03
N ILE C 140 2.53 -4.24 -36.75
CA ILE C 140 3.23 -5.16 -35.86
C ILE C 140 2.73 -5.00 -34.43
N LYS C 141 2.60 -3.75 -33.97
CA LYS C 141 2.03 -3.48 -32.65
C LYS C 141 0.72 -4.24 -32.44
N GLN C 142 -0.20 -4.17 -33.41
CA GLN C 142 -1.49 -4.85 -33.24
C GLN C 142 -1.30 -6.35 -33.04
N ALA C 143 -0.42 -6.96 -33.85
CA ALA C 143 -0.15 -8.39 -33.68
C ALA C 143 0.43 -8.68 -32.30
N TRP C 144 1.41 -7.90 -31.89
CA TRP C 144 2.07 -8.20 -30.61
C TRP C 144 1.14 -7.93 -29.45
N GLU C 145 0.37 -6.85 -29.52
CA GLU C 145 -0.53 -6.53 -28.42
C GLU C 145 -1.69 -7.52 -28.29
N ALA C 146 -1.95 -8.32 -29.33
CA ALA C 146 -2.98 -9.34 -29.25
C ALA C 146 -2.59 -10.50 -28.32
N ASN C 147 -1.31 -10.64 -28.01
CA ASN C 147 -0.82 -11.71 -27.14
C ASN C 147 -0.60 -11.14 -25.74
N GLN C 148 -1.68 -11.10 -24.97
CA GLN C 148 -1.64 -10.47 -23.65
C GLN C 148 -0.62 -11.15 -22.72
N HIS C 149 -0.58 -12.49 -22.72
CA HIS C 149 0.34 -13.21 -21.85
C HIS C 149 1.79 -12.85 -22.12
N GLU C 150 2.15 -12.66 -23.40
CA GLU C 150 3.54 -12.36 -23.71
C GLU C 150 3.93 -10.96 -23.25
N LEU C 151 2.98 -10.01 -23.25
CA LEU C 151 3.26 -8.70 -22.66
C LEU C 151 3.54 -8.80 -21.18
N LEU C 152 2.73 -9.58 -20.45
CA LEU C 152 2.97 -9.81 -19.03
C LEU C 152 4.30 -10.48 -18.78
N TYR C 153 4.67 -11.42 -19.65
CA TYR C 153 5.96 -12.08 -19.54
C TYR C 153 7.11 -11.09 -19.72
N GLN C 154 7.01 -10.19 -20.71
CA GLN C 154 8.10 -9.22 -20.89
C GLN C 154 8.20 -8.27 -19.71
N LYS C 155 7.07 -7.86 -19.14
CA LYS C 155 7.10 -7.02 -17.95
C LYS C 155 7.84 -7.73 -16.82
N ASN C 156 7.47 -8.98 -16.53
CA ASN C 156 8.19 -9.72 -15.51
C ASN C 156 9.66 -9.88 -15.85
N TRP C 157 9.98 -10.15 -17.12
CA TRP C 157 11.40 -10.32 -17.45
C TRP C 157 12.16 -9.02 -17.19
N LEU C 158 11.63 -7.88 -17.65
CA LEU C 158 12.31 -6.61 -17.42
C LEU C 158 12.43 -6.28 -15.92
N GLU C 159 11.37 -6.50 -15.16
CA GLU C 159 11.35 -6.03 -13.77
C GLU C 159 11.98 -7.01 -12.79
N GLU C 160 11.93 -8.31 -13.04
CA GLU C 160 12.42 -9.32 -12.09
C GLU C 160 13.64 -10.06 -12.59
N GLU C 161 13.54 -10.74 -13.74
CA GLU C 161 14.66 -11.55 -14.24
C GLU C 161 15.88 -10.69 -14.57
N CYS C 162 15.66 -9.60 -15.31
CA CYS C 162 16.79 -8.80 -15.75
C CYS C 162 17.57 -8.25 -14.56
N ILE C 163 16.84 -7.77 -13.54
CA ILE C 163 17.50 -7.23 -12.36
C ILE C 163 18.21 -8.33 -11.58
N ALA C 164 17.60 -9.51 -11.43
CA ALA C 164 18.28 -10.59 -10.73
C ALA C 164 19.58 -11.00 -11.43
N TRP C 165 19.54 -11.10 -12.76
CA TRP C 165 20.77 -11.41 -13.49
C TRP C 165 21.78 -10.26 -13.42
N LEU C 166 21.31 -9.02 -13.45
CA LEU C 166 22.25 -7.90 -13.31
C LEU C 166 22.99 -8.00 -11.99
N LYS C 167 22.25 -8.19 -10.88
CA LYS C 167 22.89 -8.34 -9.57
C LYS C 167 23.85 -9.53 -9.56
N ARG C 168 23.48 -10.62 -10.23
CA ARG C 168 24.37 -11.78 -10.30
C ARG C 168 25.68 -11.41 -11.00
N PHE C 169 25.59 -10.75 -12.15
CA PHE C 169 26.79 -10.35 -12.89
C PHE C 169 27.58 -9.29 -12.15
N LEU C 170 26.89 -8.40 -11.42
N LEU C 170 26.89 -8.41 -11.42
CA LEU C 170 27.59 -7.39 -10.64
CA LEU C 170 27.57 -7.39 -10.63
C LEU C 170 28.51 -8.03 -9.60
C LEU C 170 28.50 -8.02 -9.60
N GLU C 171 28.08 -9.14 -9.01
CA GLU C 171 28.92 -9.82 -8.04
C GLU C 171 30.08 -10.55 -8.73
N TYR C 172 29.79 -11.28 -9.82
CA TYR C 172 30.85 -11.91 -10.60
C TYR C 172 31.97 -10.92 -10.95
N GLY C 173 31.58 -9.77 -11.50
CA GLY C 173 32.59 -8.84 -11.96
C GLY C 173 32.91 -7.73 -11.00
N LYS C 174 32.69 -7.97 -9.71
CA LYS C 174 32.74 -6.87 -8.74
C LYS C 174 34.09 -6.18 -8.73
N ASP C 175 35.18 -6.93 -8.89
CA ASP C 175 36.52 -6.34 -8.87
C ASP C 175 36.73 -5.38 -10.03
N THR C 176 36.01 -5.58 -11.13
CA THR C 176 36.05 -4.65 -12.25
C THR C 176 34.97 -3.59 -12.17
N LEU C 177 33.72 -4.03 -11.97
CA LEU C 177 32.55 -3.18 -12.14
C LEU C 177 32.31 -2.25 -10.97
N GLN C 178 32.77 -2.61 -9.78
CA GLN C 178 32.48 -1.82 -8.58
C GLN C 178 33.70 -1.07 -8.06
N ARG C 179 34.84 -1.14 -8.74
CA ARG C 179 36.03 -0.42 -8.32
C ARG C 179 35.92 1.05 -8.67
N THR C 180 36.82 1.84 -8.09
CA THR C 180 36.89 3.26 -8.36
C THR C 180 38.33 3.60 -8.62
N GLU C 181 38.60 4.20 -9.78
CA GLU C 181 39.92 4.75 -10.05
CA GLU C 181 39.92 4.75 -10.09
C GLU C 181 39.76 6.25 -10.25
N PRO C 182 40.25 7.07 -9.32
CA PRO C 182 39.94 8.50 -9.36
C PRO C 182 40.61 9.19 -10.53
N PRO C 183 40.04 10.29 -11.03
CA PRO C 183 40.65 10.97 -12.17
C PRO C 183 41.90 11.74 -11.81
N LEU C 184 42.82 11.79 -12.76
CA LEU C 184 43.92 12.77 -12.74
C LEU C 184 43.45 13.96 -13.55
N VAL C 185 43.46 15.15 -12.94
CA VAL C 185 42.87 16.33 -13.58
C VAL C 185 43.91 17.43 -13.65
N ARG C 186 43.97 18.12 -14.78
CA ARG C 186 44.86 19.25 -14.93
C ARG C 186 44.13 20.37 -15.66
N VAL C 187 44.61 21.60 -15.46
CA VAL C 187 44.13 22.75 -16.21
C VAL C 187 45.30 23.28 -17.03
N ASN C 188 45.05 23.49 -18.32
CA ASN C 188 46.02 24.11 -19.21
C ASN C 188 45.49 25.45 -19.68
N ARG C 189 46.39 26.41 -19.82
CA ARG C 189 46.05 27.77 -20.20
C ARG C 189 46.90 28.16 -21.41
N LYS C 190 46.28 28.81 -22.39
CA LYS C 190 47.03 29.19 -23.59
C LYS C 190 46.34 30.34 -24.30
N GLU C 191 47.11 31.35 -24.71
CA GLU C 191 46.57 32.34 -25.63
C GLU C 191 46.50 31.74 -27.03
N THR C 192 45.33 31.80 -27.65
CA THR C 192 45.18 31.22 -28.98
C THR C 192 45.17 32.32 -30.04
N PHE C 193 44.03 32.56 -30.67
CA PHE C 193 43.88 33.74 -31.50
C PHE C 193 44.22 34.97 -30.66
N PRO C 194 44.91 35.98 -31.22
CA PRO C 194 45.29 37.15 -30.41
C PRO C 194 44.16 37.68 -29.53
N GLY C 195 44.40 37.74 -28.23
CA GLY C 195 43.39 38.22 -27.29
C GLY C 195 42.38 37.18 -26.83
N VAL C 196 42.52 35.92 -27.22
CA VAL C 196 41.58 34.88 -26.84
C VAL C 196 42.35 33.81 -26.08
N THR C 197 42.14 33.75 -24.77
CA THR C 197 42.78 32.77 -23.91
C THR C 197 41.83 31.60 -23.66
N ALA C 198 42.28 30.39 -23.98
CA ALA C 198 41.51 29.19 -23.77
C ALA C 198 42.00 28.45 -22.52
N LEU C 199 41.03 28.00 -21.71
CA LEU C 199 41.29 27.16 -20.55
C LEU C 199 40.74 25.77 -20.81
N PHE C 200 41.59 24.75 -20.67
CA PHE C 200 41.21 23.36 -20.81
C PHE C 200 41.33 22.67 -19.46
N CYS C 201 40.27 22.02 -19.03
CA CYS C 201 40.27 21.18 -17.84
C CYS C 201 40.18 19.76 -18.33
N LYS C 202 41.24 18.97 -18.11
CA LYS C 202 41.37 17.66 -18.72
C LYS C 202 41.54 16.59 -17.65
N ALA C 203 40.77 15.51 -17.78
CA ALA C 203 40.80 14.38 -16.85
C ALA C 203 41.11 13.10 -17.60
N HIS C 204 41.87 12.22 -16.97
CA HIS C 204 42.13 10.90 -17.54
C HIS C 204 42.39 9.92 -16.41
N GLY C 205 42.42 8.64 -16.78
CA GLY C 205 42.73 7.59 -15.83
C GLY C 205 41.60 7.19 -14.90
N PHE C 206 40.36 7.58 -15.18
CA PHE C 206 39.29 7.36 -14.22
C PHE C 206 38.36 6.22 -14.63
N TYR C 207 37.79 5.57 -13.60
CA TYR C 207 36.80 4.50 -13.75
C TYR C 207 35.93 4.61 -12.51
N PRO C 208 34.60 4.57 -12.63
CA PRO C 208 33.78 4.35 -13.85
C PRO C 208 33.76 5.55 -14.80
N PRO C 209 33.28 5.40 -16.04
CA PRO C 209 33.37 6.52 -17.01
C PRO C 209 32.54 7.73 -16.64
N GLU C 210 31.49 7.57 -15.84
CA GLU C 210 30.64 8.70 -15.50
C GLU C 210 31.44 9.72 -14.69
N ILE C 211 31.47 10.96 -15.19
CA ILE C 211 32.23 12.03 -14.56
C ILE C 211 31.54 13.34 -14.88
N TYR C 212 31.53 14.24 -13.91
CA TYR C 212 30.97 15.58 -14.08
CA TYR C 212 30.96 15.58 -14.06
C TYR C 212 32.09 16.60 -14.08
N MET C 213 32.12 17.46 -15.10
CA MET C 213 33.13 18.49 -15.24
C MET C 213 32.46 19.79 -15.64
N THR C 214 32.82 20.88 -14.99
CA THR C 214 32.26 22.16 -15.41
C THR C 214 33.24 23.25 -15.02
N TRP C 215 32.98 24.43 -15.56
CA TRP C 215 33.76 25.61 -15.22
C TRP C 215 32.88 26.59 -14.48
N MET C 216 33.42 27.18 -13.41
CA MET C 216 32.74 28.19 -12.62
C MET C 216 33.51 29.50 -12.72
N LYS C 217 32.78 30.61 -12.67
CA LYS C 217 33.34 31.95 -12.68
C LYS C 217 33.03 32.61 -11.34
N ASN C 218 34.08 32.99 -10.61
CA ASN C 218 33.94 33.57 -9.28
C ASN C 218 33.06 32.70 -8.37
N GLY C 219 33.09 31.39 -8.60
CA GLY C 219 32.31 30.48 -7.79
C GLY C 219 30.85 30.33 -8.18
N GLU C 220 30.44 30.85 -9.34
CA GLU C 220 29.09 30.67 -9.83
C GLU C 220 29.10 30.13 -11.25
N GLU C 221 27.93 29.70 -11.71
CA GLU C 221 27.75 29.20 -13.07
C GLU C 221 28.12 30.27 -14.09
N ILE C 222 28.36 29.84 -15.32
CA ILE C 222 29.21 30.56 -16.26
C ILE C 222 28.42 31.48 -17.21
N VAL C 223 27.40 30.94 -17.90
CA VAL C 223 26.64 31.53 -19.02
C VAL C 223 27.47 31.63 -20.31
N GLN C 224 28.80 31.51 -20.20
CA GLN C 224 29.60 31.44 -21.42
C GLN C 224 29.45 30.07 -22.07
N GLU C 225 29.88 29.97 -23.33
CA GLU C 225 29.86 28.70 -24.03
C GLU C 225 30.93 27.79 -23.46
N ILE C 226 30.55 26.60 -22.98
CA ILE C 226 31.49 25.58 -22.54
C ILE C 226 31.53 24.48 -23.59
N ASP C 227 32.74 24.12 -24.01
CA ASP C 227 32.95 23.00 -24.92
C ASP C 227 33.27 21.76 -24.11
N TYR C 228 32.58 20.66 -24.40
CA TYR C 228 32.78 19.39 -23.71
C TYR C 228 33.40 18.35 -24.63
N GLY C 229 34.50 17.73 -24.18
CA GLY C 229 35.00 16.55 -24.87
C GLY C 229 34.22 15.31 -24.46
N ASP C 230 34.07 14.38 -25.40
CA ASP C 230 33.43 13.10 -25.10
C ASP C 230 34.21 12.36 -24.03
N ILE C 231 33.51 11.50 -23.29
CA ILE C 231 34.15 10.54 -22.39
C ILE C 231 34.61 9.38 -23.26
N LEU C 232 35.92 9.22 -23.40
CA LEU C 232 36.52 8.29 -24.34
C LEU C 232 37.31 7.22 -23.60
N PRO C 233 37.29 5.98 -24.12
CA PRO C 233 38.07 4.91 -23.49
C PRO C 233 39.53 5.07 -23.85
N SER C 234 40.40 4.96 -22.85
CA SER C 234 41.83 5.11 -23.08
C SER C 234 42.49 3.80 -23.47
N GLY C 235 41.76 2.68 -23.41
CA GLY C 235 42.25 1.40 -23.85
C GLY C 235 42.77 0.50 -22.76
N ASP C 236 43.05 1.05 -21.58
CA ASP C 236 43.47 0.26 -20.43
C ASP C 236 42.33 0.02 -19.43
N GLY C 237 41.08 0.25 -19.83
CA GLY C 237 39.97 0.11 -18.92
C GLY C 237 39.58 1.38 -18.18
N THR C 238 40.33 2.46 -18.34
CA THR C 238 39.98 3.76 -17.78
C THR C 238 39.55 4.70 -18.92
N TYR C 239 39.12 5.91 -18.54
CA TYR C 239 38.54 6.85 -19.49
C TYR C 239 39.16 8.24 -19.32
N GLN C 240 38.86 9.11 -20.29
CA GLN C 240 39.39 10.47 -20.30
C GLN C 240 38.34 11.40 -20.86
N ALA C 241 38.36 12.65 -20.42
CA ALA C 241 37.37 13.64 -20.84
C ALA C 241 37.95 15.04 -20.59
N TRP C 242 37.26 16.06 -21.10
CA TRP C 242 37.71 17.42 -20.85
C TRP C 242 36.55 18.39 -21.05
N ALA C 243 36.75 19.62 -20.56
CA ALA C 243 35.86 20.74 -20.80
C ALA C 243 36.69 22.02 -20.93
N SER C 244 36.29 22.90 -21.83
CA SER C 244 37.08 24.09 -22.06
C SER C 244 36.19 25.32 -22.14
N ILE C 245 36.77 26.46 -21.78
CA ILE C 245 36.14 27.77 -21.94
C ILE C 245 37.20 28.73 -22.46
N GLU C 246 36.76 29.94 -22.79
CA GLU C 246 37.67 31.03 -23.12
C GLU C 246 37.50 32.13 -22.09
N LEU C 247 38.62 32.65 -21.60
CA LEU C 247 38.58 33.65 -20.54
C LEU C 247 38.15 35.01 -21.07
N ASP C 248 37.50 35.77 -20.20
CA ASP C 248 37.10 37.13 -20.54
C ASP C 248 38.28 38.10 -20.41
N ASN C 253 36.15 36.91 -13.23
CA ASN C 253 37.58 37.17 -13.34
C ASN C 253 38.39 35.94 -12.87
N LEU C 254 37.88 35.23 -11.87
CA LEU C 254 38.55 34.07 -11.29
C LEU C 254 37.79 32.80 -11.69
N TYR C 255 38.45 31.93 -12.45
CA TYR C 255 37.81 30.74 -12.99
C TYR C 255 38.33 29.50 -12.27
N SER C 256 37.48 28.47 -12.22
CA SER C 256 37.84 27.23 -11.57
C SER C 256 37.16 26.08 -12.29
N CYS C 257 37.86 24.95 -12.35
CA CYS C 257 37.31 23.72 -12.90
C CYS C 257 36.82 22.85 -11.75
N HIS C 258 35.59 22.34 -11.89
CA HIS C 258 34.96 21.53 -10.86
C HIS C 258 34.70 20.15 -11.43
N VAL C 259 35.15 19.13 -10.73
CA VAL C 259 35.03 17.74 -11.17
C VAL C 259 34.39 16.94 -10.05
N GLU C 260 33.38 16.13 -10.39
CA GLU C 260 32.82 15.17 -9.45
CA GLU C 260 32.82 15.17 -9.45
C GLU C 260 32.94 13.78 -10.06
N HIS C 261 33.46 12.85 -9.28
CA HIS C 261 33.63 11.49 -9.72
C HIS C 261 33.46 10.58 -8.52
N SER C 262 32.48 9.69 -8.59
CA SER C 262 32.26 8.63 -7.61
CA SER C 262 32.28 8.63 -7.60
C SER C 262 32.23 9.18 -6.18
N GLY C 263 31.48 10.27 -6.00
CA GLY C 263 31.30 10.80 -4.67
C GLY C 263 32.43 11.69 -4.16
N VAL C 264 33.36 12.07 -5.01
CA VAL C 264 34.44 12.95 -4.60
C VAL C 264 34.42 14.18 -5.49
N HIS C 265 34.44 15.36 -4.86
CA HIS C 265 34.46 16.59 -5.63
CA HIS C 265 34.44 16.63 -5.56
C HIS C 265 35.86 17.19 -5.59
N MET C 266 36.22 17.82 -6.70
CA MET C 266 37.56 18.37 -6.89
CA MET C 266 37.56 18.36 -6.92
C MET C 266 37.43 19.76 -7.48
N VAL C 267 38.29 20.67 -7.04
CA VAL C 267 38.30 22.03 -7.55
C VAL C 267 39.73 22.39 -7.94
N LEU C 268 39.88 22.94 -9.13
CA LEU C 268 41.18 23.40 -9.64
C LEU C 268 41.03 24.88 -9.97
N GLN C 269 41.63 25.74 -9.14
CA GLN C 269 41.61 27.18 -9.38
CA GLN C 269 41.60 27.18 -9.39
C GLN C 269 42.67 27.56 -10.41
N VAL C 270 42.31 28.46 -11.31
CA VAL C 270 43.24 28.97 -12.32
C VAL C 270 43.97 30.17 -11.71
N PRO C 271 45.31 30.15 -11.64
CA PRO C 271 46.14 31.21 -11.06
C PRO C 271 45.85 32.61 -11.62
N GLY D 2 18.46 -28.87 -7.57
CA GLY D 2 17.85 -27.94 -6.64
C GLY D 2 16.50 -27.45 -7.09
N GLN D 3 16.24 -27.54 -8.39
CA GLN D 3 14.97 -27.13 -8.95
C GLN D 3 13.89 -28.17 -8.63
N ASN D 4 12.80 -27.70 -8.02
CA ASN D 4 11.79 -28.58 -7.48
C ASN D 4 10.41 -28.03 -7.75
N ILE D 5 9.48 -28.92 -8.12
CA ILE D 5 8.06 -28.63 -8.28
C ILE D 5 7.30 -29.65 -7.45
N ASP D 6 6.37 -29.18 -6.62
CA ASP D 6 5.60 -30.09 -5.78
C ASP D 6 4.12 -29.84 -5.94
N GLN D 7 3.39 -30.90 -6.26
CA GLN D 7 1.94 -30.88 -6.30
C GLN D 7 1.48 -32.20 -5.75
N PRO D 8 0.29 -32.26 -5.14
CA PRO D 8 -0.17 -33.52 -4.56
C PRO D 8 -0.27 -34.63 -5.62
N THR D 9 -0.03 -35.85 -5.17
CA THR D 9 -0.10 -37.00 -6.08
C THR D 9 -1.52 -37.20 -6.58
N GLU D 10 -2.49 -37.06 -5.70
CA GLU D 10 -3.86 -37.37 -6.05
C GLU D 10 -4.78 -36.54 -5.17
N MET D 11 -5.93 -36.17 -5.74
CA MET D 11 -7.00 -35.51 -4.99
C MET D 11 -8.32 -36.13 -5.39
N THR D 12 -9.25 -36.16 -4.44
CA THR D 12 -10.61 -36.63 -4.67
C THR D 12 -11.58 -35.58 -4.17
N ALA D 13 -12.55 -35.22 -5.02
CA ALA D 13 -13.60 -34.28 -4.67
C ALA D 13 -14.90 -34.77 -5.28
N THR D 14 -16.01 -34.19 -4.84
CA THR D 14 -17.34 -34.63 -5.20
C THR D 14 -17.88 -33.82 -6.38
N GLU D 15 -18.57 -34.52 -7.28
CA GLU D 15 -19.22 -33.90 -8.41
C GLU D 15 -20.09 -32.72 -7.98
N GLY D 16 -20.04 -31.63 -8.75
CA GLY D 16 -20.72 -30.41 -8.42
C GLY D 16 -20.03 -29.52 -7.42
N ALA D 17 -19.01 -30.00 -6.72
CA ALA D 17 -18.32 -29.19 -5.74
C ALA D 17 -17.14 -28.48 -6.42
N ILE D 18 -16.14 -28.06 -5.63
CA ILE D 18 -14.97 -27.33 -6.09
CA ILE D 18 -14.97 -27.40 -6.18
C ILE D 18 -13.73 -28.07 -5.64
N VAL D 19 -12.63 -27.93 -6.37
CA VAL D 19 -11.35 -28.47 -5.92
C VAL D 19 -10.25 -27.47 -6.28
N GLN D 20 -9.25 -27.36 -5.40
CA GLN D 20 -8.10 -26.48 -5.59
C GLN D 20 -6.82 -27.32 -5.60
N ILE D 21 -6.10 -27.31 -6.73
CA ILE D 21 -4.88 -28.10 -6.88
C ILE D 21 -3.69 -27.18 -6.70
N ASN D 22 -2.92 -27.41 -5.63
CA ASN D 22 -1.79 -26.56 -5.29
C ASN D 22 -0.53 -27.00 -6.04
N CYS D 23 0.35 -26.04 -6.30
CA CYS D 23 1.65 -26.31 -6.91
C CYS D 23 2.65 -25.32 -6.30
N THR D 24 3.66 -25.81 -5.61
CA THR D 24 4.74 -24.95 -5.15
C THR D 24 6.02 -25.25 -5.93
N TYR D 25 6.84 -24.22 -6.10
CA TYR D 25 8.02 -24.36 -6.94
C TYR D 25 9.20 -23.64 -6.31
N GLN D 26 10.39 -24.23 -6.46
CA GLN D 26 11.66 -23.58 -6.13
C GLN D 26 12.55 -23.76 -7.33
N THR D 27 12.80 -22.69 -8.09
CA THR D 27 13.44 -22.82 -9.39
C THR D 27 14.57 -21.82 -9.53
N SER D 28 15.43 -22.05 -10.53
CA SER D 28 16.48 -21.08 -10.86
C SER D 28 15.87 -20.03 -11.78
N GLY D 29 15.25 -19.01 -11.18
CA GLY D 29 14.56 -17.98 -11.92
C GLY D 29 13.14 -18.39 -12.31
N PHE D 30 12.40 -17.45 -12.90
CA PHE D 30 10.98 -17.67 -13.15
C PHE D 30 10.54 -16.90 -14.39
N ASN D 31 10.00 -17.61 -15.37
CA ASN D 31 9.46 -16.99 -16.58
C ASN D 31 8.02 -17.43 -16.83
N GLY D 32 7.34 -17.94 -15.81
CA GLY D 32 5.94 -18.29 -15.98
C GLY D 32 5.65 -19.68 -15.46
N LEU D 33 4.37 -19.93 -15.19
CA LEU D 33 3.88 -21.19 -14.66
C LEU D 33 2.71 -21.64 -15.50
N PHE D 34 2.76 -22.90 -15.94
CA PHE D 34 1.77 -23.50 -16.82
C PHE D 34 1.00 -24.59 -16.08
N TRP D 35 -0.27 -24.75 -16.44
CA TRP D 35 -1.04 -25.94 -16.09
C TRP D 35 -1.47 -26.65 -17.37
N TYR D 36 -1.34 -27.98 -17.35
CA TYR D 36 -1.80 -28.83 -18.44
C TYR D 36 -2.79 -29.85 -17.88
N GLN D 37 -3.79 -30.21 -18.67
CA GLN D 37 -4.68 -31.31 -18.37
C GLN D 37 -4.27 -32.51 -19.21
N GLN D 38 -4.25 -33.69 -18.57
CA GLN D 38 -3.93 -34.93 -19.29
C GLN D 38 -4.92 -36.01 -18.87
N HIS D 39 -5.91 -36.26 -19.71
CA HIS D 39 -6.78 -37.40 -19.50
C HIS D 39 -6.00 -38.70 -19.65
N ALA D 40 -6.49 -39.74 -18.96
CA ALA D 40 -5.83 -41.03 -18.97
C ALA D 40 -5.69 -41.54 -20.40
N GLY D 41 -4.48 -41.94 -20.76
CA GLY D 41 -4.23 -42.45 -22.10
C GLY D 41 -4.12 -41.40 -23.18
N GLU D 42 -4.20 -40.12 -22.84
CA GLU D 42 -4.22 -39.05 -23.82
C GLU D 42 -3.00 -38.14 -23.64
N ALA D 43 -2.88 -37.16 -24.55
CA ALA D 43 -1.83 -36.16 -24.55
C ALA D 43 -2.15 -35.04 -23.56
N PRO D 44 -1.14 -34.44 -22.93
CA PRO D 44 -1.40 -33.22 -22.16
C PRO D 44 -1.85 -32.11 -23.10
N THR D 45 -2.74 -31.25 -22.61
CA THR D 45 -3.20 -30.08 -23.35
C THR D 45 -3.14 -28.87 -22.45
N PHE D 46 -2.77 -27.73 -23.04
CA PHE D 46 -2.55 -26.50 -22.29
C PHE D 46 -3.84 -26.02 -21.64
N LEU D 47 -3.76 -25.65 -20.36
CA LEU D 47 -4.87 -25.03 -19.63
C LEU D 47 -4.65 -23.55 -19.35
N SER D 48 -3.50 -23.17 -18.80
CA SER D 48 -3.33 -21.80 -18.35
C SER D 48 -1.86 -21.44 -18.26
N TYR D 49 -1.61 -20.13 -18.19
CA TYR D 49 -0.29 -19.58 -17.96
C TYR D 49 -0.43 -18.38 -17.04
N ASN D 50 0.42 -18.30 -16.02
CA ASN D 50 0.50 -17.13 -15.16
C ASN D 50 1.96 -16.72 -15.01
N VAL D 51 2.24 -15.42 -15.01
CA VAL D 51 3.61 -14.99 -14.73
C VAL D 51 3.64 -13.80 -13.77
N LEU D 52 2.59 -13.00 -13.72
CA LEU D 52 2.42 -11.98 -12.70
C LEU D 52 1.35 -12.41 -11.68
N ASP D 53 1.28 -11.68 -10.57
CA ASP D 53 0.37 -12.05 -9.49
C ASP D 53 -1.08 -11.81 -9.87
N GLY D 54 -1.93 -12.78 -9.60
CA GLY D 54 -3.33 -12.62 -9.86
C GLY D 54 -4.01 -13.94 -10.16
N LEU D 55 -5.27 -13.82 -10.56
CA LEU D 55 -6.16 -14.95 -10.83
C LEU D 55 -6.76 -14.74 -12.21
N GLU D 56 -6.63 -15.71 -13.09
CA GLU D 56 -7.26 -15.65 -14.40
C GLU D 56 -8.28 -16.77 -14.51
N GLU D 57 -9.49 -16.42 -14.91
CA GLU D 57 -10.58 -17.38 -15.02
C GLU D 57 -10.82 -17.71 -16.48
N LYS D 58 -10.93 -19.01 -16.78
CA LYS D 58 -11.26 -19.52 -18.12
C LYS D 58 -12.36 -20.56 -17.94
N GLY D 59 -13.61 -20.10 -17.98
CA GLY D 59 -14.74 -21.00 -17.78
C GLY D 59 -14.84 -21.42 -16.32
N ARG D 60 -14.94 -22.73 -16.09
CA ARG D 60 -14.99 -23.27 -14.74
C ARG D 60 -13.62 -23.36 -14.09
N PHE D 61 -12.55 -23.06 -14.82
CA PHE D 61 -11.19 -23.19 -14.34
C PHE D 61 -10.61 -21.81 -14.06
N SER D 62 -9.90 -21.69 -12.95
CA SER D 62 -9.15 -20.47 -12.67
C SER D 62 -7.75 -20.85 -12.24
N SER D 63 -6.77 -20.04 -12.60
CA SER D 63 -5.39 -20.27 -12.19
CA SER D 63 -5.39 -20.26 -12.20
C SER D 63 -4.87 -19.03 -11.47
N PHE D 64 -4.26 -19.26 -10.32
CA PHE D 64 -3.76 -18.23 -9.43
C PHE D 64 -2.26 -18.35 -9.30
N LEU D 65 -1.59 -17.22 -9.14
CA LEU D 65 -0.16 -17.22 -8.91
C LEU D 65 0.19 -16.21 -7.82
N SER D 66 1.08 -16.61 -6.92
CA SER D 66 1.74 -15.67 -6.01
C SER D 66 3.25 -15.80 -6.18
N ARG D 67 3.87 -14.79 -6.79
CA ARG D 67 5.30 -14.87 -7.05
CA ARG D 67 5.30 -14.83 -7.05
C ARG D 67 6.11 -14.89 -5.75
N SER D 68 5.70 -14.12 -4.75
CA SER D 68 6.49 -14.04 -3.53
C SER D 68 6.43 -15.34 -2.72
N LYS D 69 5.36 -16.11 -2.87
CA LYS D 69 5.27 -17.40 -2.20
C LYS D 69 5.73 -18.57 -3.06
N GLY D 70 5.95 -18.35 -4.36
CA GLY D 70 6.32 -19.47 -5.22
C GLY D 70 5.23 -20.52 -5.20
N TYR D 71 4.01 -20.07 -5.49
CA TYR D 71 2.82 -20.88 -5.29
C TYR D 71 1.79 -20.55 -6.36
N SER D 72 1.18 -21.57 -6.91
CA SER D 72 0.04 -21.44 -7.81
C SER D 72 -1.02 -22.45 -7.41
N TYR D 73 -2.28 -22.17 -7.71
CA TYR D 73 -3.27 -23.23 -7.69
C TYR D 73 -4.11 -23.20 -8.95
N LEU D 74 -4.65 -24.36 -9.29
CA LEU D 74 -5.66 -24.52 -10.32
C LEU D 74 -6.97 -24.82 -9.61
N LEU D 75 -7.98 -24.00 -9.85
CA LEU D 75 -9.26 -24.09 -9.17
C LEU D 75 -10.33 -24.55 -10.16
N LEU D 76 -10.97 -25.68 -9.87
CA LEU D 76 -12.03 -26.19 -10.71
C LEU D 76 -13.35 -26.06 -9.96
N LYS D 77 -14.31 -25.35 -10.56
CA LYS D 77 -15.63 -25.16 -9.98
C LYS D 77 -16.65 -26.06 -10.67
N GLU D 78 -17.76 -26.30 -9.97
CA GLU D 78 -18.89 -27.06 -10.51
C GLU D 78 -18.39 -28.35 -11.17
N LEU D 79 -17.69 -29.14 -10.36
CA LEU D 79 -16.91 -30.25 -10.90
C LEU D 79 -17.81 -31.24 -11.64
N GLN D 80 -17.30 -31.75 -12.75
CA GLN D 80 -17.98 -32.75 -13.56
C GLN D 80 -17.13 -34.01 -13.62
N MET D 81 -17.80 -35.13 -13.90
CA MET D 81 -17.08 -36.40 -14.06
C MET D 81 -15.98 -36.30 -15.11
N LYS D 82 -16.18 -35.52 -16.17
CA LYS D 82 -15.17 -35.41 -17.22
C LYS D 82 -13.94 -34.63 -16.76
N ASP D 83 -13.99 -33.98 -15.60
CA ASP D 83 -12.82 -33.34 -15.04
C ASP D 83 -11.83 -34.34 -14.48
N SER D 84 -12.22 -35.59 -14.30
CA SER D 84 -11.28 -36.64 -13.91
C SER D 84 -10.16 -36.74 -14.94
N ALA D 85 -8.93 -36.58 -14.47
CA ALA D 85 -7.76 -36.44 -15.32
C ALA D 85 -6.57 -36.17 -14.43
N SER D 86 -5.37 -36.11 -15.00
CA SER D 86 -4.20 -35.63 -14.28
C SER D 86 -3.93 -34.19 -14.68
N TYR D 87 -3.43 -33.41 -13.72
CA TYR D 87 -3.17 -32.00 -13.90
C TYR D 87 -1.69 -31.77 -13.62
N LEU D 88 -0.99 -31.25 -14.64
CA LEU D 88 0.45 -31.07 -14.60
C LEU D 88 0.76 -29.60 -14.43
N CYS D 89 1.56 -29.29 -13.42
CA CYS D 89 2.09 -27.96 -13.20
CA CYS D 89 2.07 -27.93 -13.27
C CYS D 89 3.54 -27.92 -13.67
N ALA D 90 3.89 -26.90 -14.46
CA ALA D 90 5.24 -26.77 -15.02
C ALA D 90 5.68 -25.32 -14.94
N VAL D 91 6.95 -25.11 -14.59
CA VAL D 91 7.51 -23.79 -14.43
C VAL D 91 8.67 -23.61 -15.39
N LYS D 92 8.70 -22.46 -16.07
CA LYS D 92 9.80 -22.11 -16.95
C LYS D 92 10.81 -21.30 -16.14
N ASP D 93 12.08 -21.74 -16.15
CA ASP D 93 13.08 -21.12 -15.30
C ASP D 93 13.81 -19.99 -16.05
N SER D 94 14.89 -19.46 -15.44
CA SER D 94 15.63 -18.35 -16.05
CA SER D 94 15.60 -18.35 -16.05
C SER D 94 16.18 -18.70 -17.41
N ASN D 95 16.53 -19.97 -17.62
CA ASN D 95 17.08 -20.44 -18.88
C ASN D 95 16.00 -20.96 -19.83
N TYR D 96 14.74 -20.62 -19.57
CA TYR D 96 13.59 -20.97 -20.39
C TYR D 96 13.35 -22.48 -20.49
N GLN D 97 13.93 -23.25 -19.57
CA GLN D 97 13.68 -24.68 -19.51
C GLN D 97 12.42 -24.94 -18.69
N LEU D 98 11.64 -25.94 -19.12
CA LEU D 98 10.43 -26.34 -18.40
C LEU D 98 10.77 -27.34 -17.32
N ILE D 99 10.34 -27.07 -16.09
CA ILE D 99 10.50 -27.99 -14.98
C ILE D 99 9.10 -28.53 -14.68
N TRP D 100 8.92 -29.84 -14.80
CA TRP D 100 7.60 -30.45 -14.75
C TRP D 100 7.35 -31.06 -13.38
N GLY D 101 6.22 -30.69 -12.76
CA GLY D 101 5.74 -31.43 -11.61
C GLY D 101 5.31 -32.83 -11.99
N ALA D 102 5.26 -33.70 -10.99
CA ALA D 102 4.88 -35.09 -11.26
C ALA D 102 3.40 -35.28 -11.52
N GLY D 103 2.59 -34.22 -11.40
CA GLY D 103 1.19 -34.42 -11.77
C GLY D 103 0.31 -34.79 -10.59
N THR D 104 -0.94 -34.28 -10.66
CA THR D 104 -1.97 -34.56 -9.66
C THR D 104 -3.11 -35.29 -10.33
N LYS D 105 -3.36 -36.52 -9.92
CA LYS D 105 -4.51 -37.27 -10.42
C LYS D 105 -5.76 -36.83 -9.67
N LEU D 106 -6.71 -36.25 -10.38
CA LEU D 106 -7.96 -35.79 -9.79
C LEU D 106 -9.05 -36.83 -10.04
N ILE D 107 -9.68 -37.29 -8.98
CA ILE D 107 -10.78 -38.24 -9.02
C ILE D 107 -12.04 -37.53 -8.54
N ILE D 108 -13.11 -37.65 -9.33
CA ILE D 108 -14.39 -37.03 -9.02
C ILE D 108 -15.34 -38.12 -8.54
N LYS D 109 -15.87 -37.95 -7.33
CA LYS D 109 -16.87 -38.87 -6.79
C LYS D 109 -18.25 -38.49 -7.30
N PRO D 110 -18.96 -39.36 -7.98
CA PRO D 110 -20.33 -39.04 -8.37
C PRO D 110 -21.22 -38.92 -7.13
N ASP D 111 -22.26 -38.12 -7.25
CA ASP D 111 -23.23 -37.98 -6.18
C ASP D 111 -24.33 -39.01 -6.42
N ILE D 112 -24.30 -40.11 -5.67
CA ILE D 112 -25.26 -41.19 -5.84
C ILE D 112 -26.52 -40.84 -5.05
N GLN D 113 -27.59 -40.48 -5.76
CA GLN D 113 -28.78 -39.99 -5.08
C GLN D 113 -29.58 -41.12 -4.44
N ASN D 114 -29.73 -42.25 -5.13
CA ASN D 114 -30.53 -43.37 -4.64
C ASN D 114 -29.66 -44.62 -4.62
N PRO D 115 -28.78 -44.74 -3.62
CA PRO D 115 -27.90 -45.93 -3.57
C PRO D 115 -28.71 -47.21 -3.46
N ASP D 116 -28.21 -48.27 -4.09
CA ASP D 116 -28.87 -49.58 -4.04
C ASP D 116 -27.83 -50.69 -4.10
N PRO D 117 -26.95 -50.79 -3.08
CA PRO D 117 -25.81 -51.71 -3.18
C PRO D 117 -26.27 -53.16 -3.38
N ALA D 118 -25.60 -53.84 -4.30
CA ALA D 118 -25.96 -55.20 -4.67
C ALA D 118 -24.77 -55.88 -5.34
N VAL D 119 -24.71 -57.20 -5.17
CA VAL D 119 -23.75 -58.05 -5.87
C VAL D 119 -24.56 -58.99 -6.74
N TYR D 120 -24.26 -59.01 -8.03
CA TYR D 120 -24.97 -59.85 -8.98
C TYR D 120 -24.00 -60.84 -9.62
N GLN D 121 -24.51 -61.99 -10.03
CA GLN D 121 -23.74 -62.97 -10.76
C GLN D 121 -24.20 -62.99 -12.21
N LEU D 122 -23.24 -62.89 -13.13
CA LEU D 122 -23.52 -62.91 -14.55
C LEU D 122 -22.99 -64.21 -15.16
N ARG D 123 -23.59 -64.62 -16.28
CA ARG D 123 -23.17 -65.82 -16.99
C ARG D 123 -22.71 -65.46 -18.40
N ASP D 124 -21.88 -66.33 -18.98
CA ASP D 124 -21.31 -66.09 -20.30
C ASP D 124 -22.39 -66.07 -21.39
N SER D 131 -18.02 -67.46 -14.70
CA SER D 131 -18.90 -66.37 -14.30
C SER D 131 -18.13 -65.20 -13.66
N VAL D 132 -18.77 -64.03 -13.63
CA VAL D 132 -18.22 -62.88 -12.93
C VAL D 132 -19.25 -62.37 -11.91
N CYS D 133 -18.76 -61.71 -10.88
CA CYS D 133 -19.58 -61.06 -9.88
C CYS D 133 -19.48 -59.55 -10.04
N LEU D 134 -20.63 -58.87 -10.06
CA LEU D 134 -20.68 -57.42 -10.22
C LEU D 134 -21.23 -56.80 -8.94
N PHE D 135 -20.34 -56.16 -8.19
CA PHE D 135 -20.74 -55.27 -7.10
C PHE D 135 -21.09 -53.91 -7.70
N THR D 136 -22.33 -53.46 -7.53
CA THR D 136 -22.79 -52.27 -8.22
C THR D 136 -23.73 -51.46 -7.34
N ASP D 137 -23.89 -50.19 -7.73
CA ASP D 137 -24.91 -49.28 -7.20
C ASP D 137 -24.68 -48.87 -5.75
N PHE D 138 -23.46 -49.03 -5.25
CA PHE D 138 -23.14 -48.56 -3.91
C PHE D 138 -22.78 -47.08 -3.94
N ASP D 139 -22.88 -46.47 -2.76
CA ASP D 139 -22.60 -45.04 -2.57
C ASP D 139 -21.11 -44.77 -2.73
N SER D 140 -20.80 -43.56 -3.21
CA SER D 140 -19.44 -43.20 -3.59
C SER D 140 -18.46 -43.21 -2.42
N GLN D 141 -18.94 -43.25 -1.18
CA GLN D 141 -18.04 -43.36 -0.05
C GLN D 141 -17.51 -44.77 0.16
N THR D 142 -18.05 -45.77 -0.54
CA THR D 142 -17.61 -47.14 -0.36
C THR D 142 -16.35 -47.42 -1.19
N ASN D 143 -15.37 -48.05 -0.55
CA ASN D 143 -14.10 -48.39 -1.18
C ASN D 143 -13.98 -49.90 -1.33
N VAL D 144 -13.43 -50.32 -2.46
CA VAL D 144 -13.27 -51.74 -2.79
C VAL D 144 -11.81 -52.12 -2.58
N SER D 145 -11.59 -53.22 -1.86
CA SER D 145 -10.24 -53.70 -1.61
C SER D 145 -9.84 -54.71 -2.67
N GLN D 146 -8.53 -54.93 -2.77
CA GLN D 146 -7.96 -55.80 -3.79
C GLN D 146 -8.26 -57.26 -3.46
N SER D 147 -7.90 -58.14 -4.39
CA SER D 147 -8.24 -59.55 -4.28
C SER D 147 -7.37 -60.25 -3.24
N LYS D 148 -7.85 -61.40 -2.78
CA LYS D 148 -7.16 -62.20 -1.77
C LYS D 148 -5.93 -62.89 -2.36
N ASP D 149 -6.15 -63.83 -3.27
CA ASP D 149 -5.09 -64.63 -3.86
C ASP D 149 -4.91 -64.29 -5.34
N SER D 150 -3.93 -64.96 -5.96
CA SER D 150 -3.58 -64.71 -7.34
C SER D 150 -4.57 -65.32 -8.32
N ASP D 151 -5.43 -66.24 -7.86
CA ASP D 151 -6.41 -66.86 -8.74
C ASP D 151 -7.77 -66.19 -8.69
N VAL D 152 -7.96 -65.19 -7.83
CA VAL D 152 -9.14 -64.33 -7.83
C VAL D 152 -8.72 -62.93 -8.26
N TYR D 153 -9.57 -62.28 -9.05
CA TYR D 153 -9.26 -60.96 -9.59
C TYR D 153 -10.41 -60.01 -9.27
N ILE D 154 -10.09 -58.87 -8.67
CA ILE D 154 -11.07 -57.85 -8.33
C ILE D 154 -10.60 -56.53 -8.91
N THR D 155 -11.44 -55.91 -9.74
CA THR D 155 -11.06 -54.64 -10.33
C THR D 155 -11.32 -53.49 -9.37
N ASP D 156 -10.86 -52.31 -9.76
CA ASP D 156 -11.14 -51.11 -9.01
C ASP D 156 -12.55 -50.63 -9.31
N LYS D 157 -13.05 -49.77 -8.43
CA LYS D 157 -14.34 -49.14 -8.64
C LYS D 157 -14.33 -48.31 -9.93
N CYS D 158 -15.45 -48.34 -10.64
CA CYS D 158 -15.58 -47.71 -11.96
C CYS D 158 -16.93 -47.02 -12.02
N VAL D 159 -16.94 -45.75 -12.43
CA VAL D 159 -18.18 -44.97 -12.49
C VAL D 159 -18.67 -44.94 -13.93
N LEU D 160 -19.93 -45.32 -14.14
CA LEU D 160 -20.55 -45.21 -15.45
C LEU D 160 -21.67 -44.19 -15.39
N ASP D 161 -21.93 -43.56 -16.53
CA ASP D 161 -22.87 -42.45 -16.63
C ASP D 161 -23.86 -42.76 -17.74
N MET D 162 -25.09 -43.11 -17.37
CA MET D 162 -26.14 -43.27 -18.36
C MET D 162 -26.71 -41.89 -18.67
N ARG D 163 -26.30 -41.32 -19.80
CA ARG D 163 -26.60 -39.92 -20.10
C ARG D 163 -28.01 -39.70 -20.64
N SER D 164 -28.63 -40.71 -21.25
CA SER D 164 -30.02 -40.59 -21.66
C SER D 164 -30.92 -40.33 -20.47
N MET D 165 -30.75 -41.12 -19.41
CA MET D 165 -31.34 -40.81 -18.11
C MET D 165 -30.37 -39.86 -17.40
N ASP D 166 -30.57 -39.67 -16.09
CA ASP D 166 -29.62 -38.86 -15.34
C ASP D 166 -29.00 -39.70 -14.24
N PHE D 167 -28.46 -40.86 -14.61
CA PHE D 167 -28.09 -41.90 -13.65
C PHE D 167 -26.60 -42.24 -13.78
N LYS D 168 -25.87 -42.12 -12.68
CA LYS D 168 -24.50 -42.60 -12.58
C LYS D 168 -24.43 -43.67 -11.49
N SER D 169 -23.57 -44.66 -11.69
CA SER D 169 -23.45 -45.73 -10.71
C SER D 169 -22.02 -46.23 -10.66
N ASN D 170 -21.60 -46.61 -9.46
CA ASN D 170 -20.31 -47.28 -9.24
C ASN D 170 -20.44 -48.78 -9.48
N SER D 171 -19.33 -49.40 -9.88
CA SER D 171 -19.27 -50.86 -9.86
C SER D 171 -17.82 -51.33 -9.81
N ALA D 172 -17.67 -52.57 -9.36
CA ALA D 172 -16.42 -53.33 -9.42
C ALA D 172 -16.75 -54.76 -9.80
N VAL D 173 -15.83 -55.39 -10.53
CA VAL D 173 -16.02 -56.73 -11.07
C VAL D 173 -15.04 -57.67 -10.39
N ALA D 174 -15.49 -58.89 -10.09
CA ALA D 174 -14.64 -59.91 -9.49
C ALA D 174 -14.88 -61.23 -10.20
N TRP D 175 -13.80 -61.99 -10.40
CA TRP D 175 -13.89 -63.30 -11.05
C TRP D 175 -12.66 -64.11 -10.69
N SER D 176 -12.77 -65.43 -10.84
CA SER D 176 -11.74 -66.34 -10.35
C SER D 176 -11.98 -67.73 -10.95
N ASN D 177 -11.21 -68.70 -10.48
CA ASN D 177 -11.34 -70.10 -10.90
C ASN D 177 -11.14 -71.07 -9.74
N PHE D 181 -15.34 -70.80 -5.49
CA PHE D 181 -15.55 -69.36 -5.62
C PHE D 181 -17.00 -69.02 -5.96
N ALA D 182 -17.61 -68.18 -5.13
CA ALA D 182 -18.98 -67.75 -5.32
C ALA D 182 -19.09 -66.27 -4.96
N CYS D 183 -20.10 -65.62 -5.53
CA CYS D 183 -20.24 -64.18 -5.36
C CYS D 183 -20.52 -63.77 -3.92
N ALA D 184 -20.98 -64.71 -3.09
CA ALA D 184 -21.27 -64.36 -1.70
C ALA D 184 -20.00 -63.96 -0.95
N ASN D 185 -18.85 -64.49 -1.34
CA ASN D 185 -17.60 -64.23 -0.65
C ASN D 185 -16.64 -63.37 -1.48
N ALA D 186 -17.08 -62.86 -2.63
CA ALA D 186 -16.16 -62.23 -3.57
C ALA D 186 -15.53 -60.97 -2.98
N PHE D 187 -16.36 -60.09 -2.40
CA PHE D 187 -15.91 -58.79 -1.94
C PHE D 187 -15.72 -58.74 -0.43
N ASN D 188 -15.31 -59.85 0.18
CA ASN D 188 -15.18 -59.92 1.63
C ASN D 188 -14.14 -58.95 2.16
N ASN D 189 -13.05 -58.76 1.41
CA ASN D 189 -11.97 -57.89 1.87
C ASN D 189 -12.40 -56.43 1.96
N SER D 190 -13.50 -56.05 1.32
CA SER D 190 -13.97 -54.68 1.32
C SER D 190 -15.07 -54.49 2.36
N ILE D 191 -15.21 -53.25 2.83
CA ILE D 191 -16.26 -52.89 3.78
C ILE D 191 -17.57 -52.70 3.01
N ILE D 192 -18.28 -53.80 2.80
CA ILE D 192 -19.53 -53.79 2.04
C ILE D 192 -20.62 -53.14 2.87
N PRO D 193 -21.52 -52.33 2.28
CA PRO D 193 -22.62 -51.76 3.06
C PRO D 193 -23.52 -52.84 3.63
N GLU D 194 -24.02 -52.60 4.85
CA GLU D 194 -24.82 -53.60 5.55
C GLU D 194 -26.06 -53.98 4.74
N ASP D 195 -26.70 -53.00 4.09
CA ASP D 195 -27.93 -53.22 3.35
C ASP D 195 -27.69 -53.82 1.96
N THR D 196 -26.51 -54.38 1.68
CA THR D 196 -26.20 -54.85 0.34
C THR D 196 -27.04 -56.09 0.00
N PHE D 197 -27.52 -56.12 -1.25
CA PHE D 197 -28.44 -57.14 -1.72
C PHE D 197 -27.66 -58.29 -2.34
N PHE D 198 -27.76 -59.48 -1.73
CA PHE D 198 -27.13 -60.68 -2.24
C PHE D 198 -28.22 -61.66 -2.70
N PRO D 199 -28.71 -61.54 -3.94
CA PRO D 199 -29.77 -62.43 -4.44
C PRO D 199 -29.33 -63.89 -4.54
N GLY E 4 -2.80 -31.20 -34.67
CA GLY E 4 -1.60 -30.37 -34.70
C GLY E 4 -0.30 -31.14 -34.89
N VAL E 5 0.05 -31.98 -33.90
CA VAL E 5 1.28 -32.75 -33.90
C VAL E 5 0.93 -34.21 -34.18
N THR E 6 1.54 -34.80 -35.21
CA THR E 6 1.29 -36.16 -35.63
C THR E 6 2.54 -37.00 -35.37
N GLN E 7 2.45 -37.92 -34.41
CA GLN E 7 3.56 -38.84 -34.14
C GLN E 7 3.11 -40.28 -34.31
N THR E 8 4.05 -41.12 -34.71
CA THR E 8 3.82 -42.53 -34.95
C THR E 8 5.04 -43.29 -34.46
N PRO E 9 4.87 -44.54 -34.03
CA PRO E 9 3.63 -45.31 -33.93
C PRO E 9 2.95 -45.15 -32.59
N LYS E 10 1.65 -45.43 -32.51
CA LYS E 10 0.93 -45.36 -31.24
C LYS E 10 1.47 -46.38 -30.25
N PHE E 11 1.81 -47.57 -30.73
CA PHE E 11 2.27 -48.68 -29.91
C PHE E 11 3.38 -49.40 -30.66
N GLN E 12 4.37 -49.90 -29.92
CA GLN E 12 5.41 -50.72 -30.52
C GLN E 12 5.98 -51.68 -29.48
N VAL E 13 6.10 -52.96 -29.86
CA VAL E 13 6.85 -53.96 -29.11
C VAL E 13 8.22 -54.08 -29.74
N LEU E 14 9.26 -54.08 -28.91
CA LEU E 14 10.64 -54.22 -29.39
C LEU E 14 11.37 -55.26 -28.58
N LYS E 15 12.26 -56.00 -29.25
CA LYS E 15 13.21 -56.87 -28.59
C LYS E 15 14.42 -56.06 -28.17
N THR E 16 14.97 -56.37 -27.00
CA THR E 16 16.23 -55.77 -26.59
C THR E 16 17.25 -55.82 -27.71
N GLY E 17 17.91 -54.69 -27.97
CA GLY E 17 18.89 -54.57 -29.03
C GLY E 17 18.34 -54.12 -30.36
N GLN E 18 17.03 -54.16 -30.56
CA GLN E 18 16.45 -53.69 -31.81
C GLN E 18 16.57 -52.17 -31.92
N SER E 19 16.64 -51.70 -33.15
CA SER E 19 16.60 -50.27 -33.42
CA SER E 19 16.60 -50.27 -33.42
C SER E 19 15.17 -49.85 -33.73
N MET E 20 14.91 -48.56 -33.55
CA MET E 20 13.55 -48.04 -33.73
CA MET E 20 13.56 -48.05 -33.76
C MET E 20 13.62 -46.53 -33.95
N THR E 21 12.82 -46.03 -34.88
CA THR E 21 12.65 -44.59 -35.06
C THR E 21 11.19 -44.22 -34.82
N LEU E 22 10.97 -43.17 -34.04
CA LEU E 22 9.65 -42.57 -33.89
C LEU E 22 9.58 -41.34 -34.77
N GLN E 23 8.46 -41.17 -35.45
CA GLN E 23 8.25 -40.02 -36.31
C GLN E 23 7.39 -38.97 -35.62
N CYS E 24 7.61 -37.72 -35.96
CA CYS E 24 6.78 -36.61 -35.49
C CYS E 24 6.78 -35.49 -36.51
N ALA E 25 5.60 -35.09 -36.94
CA ALA E 25 5.45 -33.97 -37.86
C ALA E 25 4.45 -32.97 -37.29
N GLN E 26 4.72 -31.68 -37.48
CA GLN E 26 3.76 -30.62 -37.16
C GLN E 26 3.62 -29.68 -38.35
N ASP E 27 2.38 -29.30 -38.64
CA ASP E 27 2.14 -28.35 -39.71
CA ASP E 27 2.04 -28.38 -39.71
C ASP E 27 1.58 -27.02 -39.18
N MET E 28 2.04 -26.62 -38.00
CA MET E 28 1.64 -25.36 -37.41
C MET E 28 2.68 -24.26 -37.62
N ASN E 29 3.70 -24.51 -38.45
CA ASN E 29 4.79 -23.55 -38.70
C ASN E 29 5.55 -23.22 -37.41
N HIS E 30 5.61 -24.18 -36.51
CA HIS E 30 6.36 -24.03 -35.29
C HIS E 30 7.86 -24.19 -35.54
N ASN E 31 8.65 -23.51 -34.74
CA ASN E 31 10.10 -23.60 -34.89
C ASN E 31 10.74 -24.59 -33.94
N SER E 32 10.11 -24.87 -32.81
CA SER E 32 10.71 -25.66 -31.74
C SER E 32 9.99 -26.98 -31.61
N MET E 33 10.76 -28.08 -31.51
CA MET E 33 10.17 -29.38 -31.33
C MET E 33 10.93 -30.11 -30.22
N TYR E 34 10.25 -31.06 -29.59
CA TYR E 34 10.71 -31.68 -28.36
C TYR E 34 10.32 -33.15 -28.38
N TRP E 35 11.16 -33.99 -27.77
CA TRP E 35 10.79 -35.37 -27.43
C TRP E 35 10.93 -35.58 -25.94
N TYR E 36 9.82 -36.02 -25.32
CA TYR E 36 9.73 -36.29 -23.89
C TYR E 36 9.44 -37.77 -23.68
N ARG E 37 9.83 -38.29 -22.53
CA ARG E 37 9.30 -39.57 -22.09
C ARG E 37 8.54 -39.35 -20.79
N GLN E 38 7.47 -40.12 -20.61
CA GLN E 38 6.63 -40.02 -19.41
C GLN E 38 6.59 -41.38 -18.72
N ASP E 39 6.95 -41.41 -17.46
CA ASP E 39 7.03 -42.60 -16.64
C ASP E 39 6.27 -42.39 -15.34
N PRO E 40 5.71 -43.45 -14.75
CA PRO E 40 4.90 -43.29 -13.55
C PRO E 40 5.69 -42.64 -12.42
N GLY E 41 5.03 -41.74 -11.71
CA GLY E 41 5.62 -41.17 -10.53
C GLY E 41 6.55 -40.00 -10.73
N MET E 42 6.72 -39.51 -11.95
CA MET E 42 7.64 -38.41 -12.15
C MET E 42 7.15 -37.50 -13.26
N GLY E 43 7.65 -36.27 -13.25
CA GLY E 43 7.29 -35.33 -14.30
C GLY E 43 7.93 -35.70 -15.62
N LEU E 44 7.35 -35.17 -16.70
CA LEU E 44 7.91 -35.37 -18.04
C LEU E 44 9.40 -35.12 -18.03
N ARG E 45 10.15 -35.92 -18.78
CA ARG E 45 11.60 -35.72 -18.89
C ARG E 45 11.95 -35.53 -20.36
N LEU E 46 12.64 -34.43 -20.63
CA LEU E 46 13.03 -34.07 -21.98
C LEU E 46 14.20 -34.94 -22.43
N ILE E 47 14.06 -35.54 -23.61
CA ILE E 47 15.11 -36.41 -24.13
C ILE E 47 16.06 -35.59 -24.98
N TYR E 48 15.52 -34.98 -26.04
CA TYR E 48 16.24 -34.08 -26.94
C TYR E 48 15.25 -33.00 -27.35
N TYR E 49 15.79 -31.87 -27.83
CA TYR E 49 14.92 -30.82 -28.36
C TYR E 49 15.62 -30.14 -29.54
N SER E 50 14.85 -29.34 -30.25
CA SER E 50 15.31 -28.62 -31.44
C SER E 50 14.70 -27.23 -31.34
N ALA E 51 15.51 -26.25 -30.94
CA ALA E 51 14.97 -24.90 -30.72
C ALA E 51 14.56 -24.24 -32.02
N SER E 52 15.14 -24.66 -33.13
CA SER E 52 14.89 -24.05 -34.42
C SER E 52 15.28 -25.09 -35.46
N GLU E 53 14.76 -24.94 -36.67
CA GLU E 53 15.29 -25.74 -37.78
C GLU E 53 16.80 -25.61 -37.83
N GLY E 54 17.49 -26.72 -38.01
CA GLY E 54 18.92 -26.67 -38.16
C GLY E 54 19.73 -26.71 -36.88
N THR E 55 19.08 -26.88 -35.73
CA THR E 55 19.85 -27.13 -34.52
C THR E 55 19.08 -28.09 -33.62
N THR E 56 19.83 -28.88 -32.85
CA THR E 56 19.25 -29.79 -31.87
C THR E 56 20.19 -29.84 -30.68
N ASP E 57 19.69 -30.30 -29.54
CA ASP E 57 20.59 -30.47 -28.40
C ASP E 57 19.96 -31.44 -27.43
N LYS E 58 20.80 -31.99 -26.56
CA LYS E 58 20.33 -32.94 -25.56
C LYS E 58 19.41 -32.27 -24.54
N GLY E 59 18.47 -33.06 -24.05
CA GLY E 59 17.63 -32.74 -22.91
C GLY E 59 18.24 -33.28 -21.62
N GLU E 60 17.36 -33.75 -20.73
CA GLU E 60 17.82 -34.30 -19.46
C GLU E 60 18.22 -35.76 -19.58
N VAL E 61 17.58 -36.53 -20.46
CA VAL E 61 17.88 -37.96 -20.54
C VAL E 61 18.25 -38.37 -21.97
N PRO E 62 19.32 -37.83 -22.56
CA PRO E 62 19.65 -38.18 -23.95
C PRO E 62 20.28 -39.56 -24.15
N ASN E 63 20.78 -40.21 -23.10
CA ASN E 63 21.57 -41.42 -23.30
C ASN E 63 20.71 -42.56 -23.80
N GLY E 64 21.11 -43.16 -24.92
CA GLY E 64 20.37 -44.23 -25.55
C GLY E 64 19.51 -43.75 -26.71
N TYR E 65 19.45 -42.45 -26.94
CA TYR E 65 18.64 -41.89 -28.01
C TYR E 65 19.47 -40.97 -28.88
N ASN E 66 18.90 -40.66 -30.05
CA ASN E 66 19.38 -39.54 -30.85
CA ASN E 66 19.39 -39.60 -30.91
C ASN E 66 18.20 -39.01 -31.65
N VAL E 67 18.38 -37.84 -32.25
CA VAL E 67 17.30 -37.18 -32.99
C VAL E 67 17.81 -36.62 -34.30
N SER E 68 16.87 -36.42 -35.22
CA SER E 68 17.13 -35.65 -36.43
C SER E 68 15.99 -34.65 -36.62
N ARG E 69 16.33 -33.37 -36.65
CA ARG E 69 15.41 -32.33 -37.12
C ARG E 69 15.52 -32.35 -38.64
N LEU E 70 14.65 -33.12 -39.27
CA LEU E 70 14.80 -33.40 -40.70
C LEU E 70 14.52 -32.17 -41.56
N ASN E 71 13.64 -31.30 -41.09
CA ASN E 71 13.22 -30.08 -41.78
C ASN E 71 12.41 -29.30 -40.76
N LYS E 72 11.75 -28.22 -41.18
CA LYS E 72 11.00 -27.43 -40.19
C LYS E 72 9.88 -28.25 -39.57
N ARG E 73 9.32 -29.21 -40.31
CA ARG E 73 8.13 -29.91 -39.84
C ARG E 73 8.41 -31.14 -39.01
N GLU E 74 9.57 -31.77 -39.15
CA GLU E 74 9.75 -33.14 -38.69
C GLU E 74 10.94 -33.29 -37.78
N PHE E 75 10.75 -34.08 -36.71
CA PHE E 75 11.72 -34.27 -35.65
C PHE E 75 11.62 -35.73 -35.22
N SER E 76 12.51 -36.57 -35.77
CA SER E 76 12.49 -38.01 -35.49
CA SER E 76 12.46 -37.99 -35.47
C SER E 76 13.32 -38.34 -34.26
N LEU E 77 12.89 -39.35 -33.53
CA LEU E 77 13.57 -39.87 -32.35
C LEU E 77 13.98 -41.30 -32.64
N ARG E 78 15.26 -41.62 -32.41
CA ARG E 78 15.80 -42.94 -32.70
C ARG E 78 16.29 -43.59 -31.41
N LEU E 79 15.92 -44.86 -31.23
CA LEU E 79 16.50 -45.72 -30.21
C LEU E 79 17.48 -46.63 -30.94
N GLU E 80 18.78 -46.47 -30.63
CA GLU E 80 19.80 -47.17 -31.41
C GLU E 80 19.82 -48.65 -31.07
N SER E 81 19.75 -48.97 -29.79
CA SER E 81 19.76 -50.36 -29.33
C SER E 81 18.79 -50.43 -28.14
N ALA E 82 17.55 -50.84 -28.40
CA ALA E 82 16.51 -50.71 -27.39
C ALA E 82 16.85 -51.49 -26.15
N ALA E 83 16.63 -50.87 -24.99
CA ALA E 83 16.84 -51.49 -23.69
C ALA E 83 15.54 -51.48 -22.90
N PRO E 84 15.35 -52.44 -21.99
CA PRO E 84 14.11 -52.44 -21.20
C PRO E 84 13.85 -51.14 -20.47
N SER E 85 14.90 -50.41 -20.08
CA SER E 85 14.74 -49.13 -19.39
C SER E 85 14.06 -48.08 -20.26
N GLN E 86 13.96 -48.33 -21.55
CA GLN E 86 13.32 -47.41 -22.49
C GLN E 86 11.85 -47.72 -22.71
N THR E 87 11.32 -48.80 -22.13
CA THR E 87 9.89 -48.98 -22.02
C THR E 87 9.25 -47.75 -21.37
N SER E 88 8.34 -47.09 -22.11
CA SER E 88 7.86 -45.78 -21.69
C SER E 88 6.77 -45.27 -22.61
N VAL E 89 6.20 -44.12 -22.30
CA VAL E 89 5.32 -43.39 -23.21
C VAL E 89 6.07 -42.16 -23.66
N TYR E 90 6.31 -42.06 -24.96
CA TYR E 90 7.09 -40.98 -25.57
C TYR E 90 6.12 -39.96 -26.16
N PHE E 91 6.37 -38.67 -25.91
CA PHE E 91 5.57 -37.60 -26.49
C PHE E 91 6.46 -36.66 -27.28
N CYS E 92 6.09 -36.43 -28.53
CA CYS E 92 6.59 -35.30 -29.29
C CYS E 92 5.77 -34.07 -28.94
N ALA E 93 6.42 -32.91 -28.92
CA ALA E 93 5.68 -31.67 -28.77
C ALA E 93 6.34 -30.59 -29.62
N SER E 94 5.60 -29.50 -29.82
CA SER E 94 6.15 -28.36 -30.53
C SER E 94 5.59 -27.08 -29.90
N SER E 95 6.29 -25.98 -30.17
CA SER E 95 5.89 -24.65 -29.73
C SER E 95 6.40 -23.67 -30.77
N VAL E 96 5.73 -22.50 -30.84
CA VAL E 96 6.07 -21.52 -31.87
C VAL E 96 7.56 -21.21 -31.83
N TRP E 97 8.07 -20.88 -30.66
CA TRP E 97 9.49 -20.61 -30.47
C TRP E 97 9.89 -21.18 -29.13
N THR E 98 11.17 -21.13 -28.84
CA THR E 98 11.63 -21.31 -27.47
CA THR E 98 11.65 -21.31 -27.48
C THR E 98 12.32 -20.03 -27.04
N GLY E 99 12.67 -19.95 -25.76
CA GLY E 99 13.22 -18.69 -25.30
C GLY E 99 12.21 -17.56 -25.34
N GLU E 100 10.93 -17.90 -25.22
CA GLU E 100 9.85 -16.95 -25.02
C GLU E 100 8.99 -17.49 -23.87
N GLY E 101 8.40 -16.59 -23.10
CA GLY E 101 7.82 -17.06 -21.85
C GLY E 101 6.50 -17.81 -21.92
N SER E 102 5.53 -17.24 -22.61
CA SER E 102 4.15 -17.68 -22.48
C SER E 102 3.74 -18.72 -23.52
N GLY E 103 4.55 -18.96 -24.54
CA GLY E 103 4.16 -19.95 -25.52
C GLY E 103 4.04 -21.35 -24.95
N GLU E 104 2.89 -21.97 -25.18
CA GLU E 104 2.63 -23.30 -24.64
C GLU E 104 3.13 -24.38 -25.59
N LEU E 105 3.20 -25.60 -25.07
CA LEU E 105 3.51 -26.77 -25.88
C LEU E 105 2.24 -27.38 -26.44
N PHE E 106 2.35 -27.91 -27.65
CA PHE E 106 1.33 -28.74 -28.27
C PHE E 106 1.90 -30.15 -28.39
N PHE E 107 1.20 -31.13 -27.80
CA PHE E 107 1.72 -32.50 -27.72
C PHE E 107 1.11 -33.39 -28.81
N GLY E 108 1.93 -34.30 -29.35
CA GLY E 108 1.41 -35.41 -30.12
C GLY E 108 0.63 -36.38 -29.23
N GLU E 109 0.05 -37.41 -29.87
CA GLU E 109 -0.82 -38.36 -29.14
C GLU E 109 -0.07 -39.35 -28.27
N GLY E 110 1.25 -39.43 -28.36
CA GLY E 110 1.97 -40.36 -27.53
C GLY E 110 2.28 -41.66 -28.26
N SER E 111 3.40 -42.27 -27.89
CA SER E 111 3.87 -43.53 -28.48
C SER E 111 4.27 -44.43 -27.32
N ARG E 112 3.54 -45.52 -27.14
CA ARG E 112 3.86 -46.47 -26.07
C ARG E 112 4.83 -47.51 -26.59
N LEU E 113 6.03 -47.54 -26.01
CA LEU E 113 7.05 -48.52 -26.34
C LEU E 113 7.23 -49.48 -25.18
N THR E 114 7.27 -50.78 -25.49
CA THR E 114 7.62 -51.80 -24.51
C THR E 114 8.79 -52.60 -25.06
N VAL E 115 9.91 -52.60 -24.34
CA VAL E 115 11.11 -53.32 -24.75
C VAL E 115 11.21 -54.58 -23.91
N LEU E 116 11.29 -55.74 -24.58
CA LEU E 116 11.29 -57.05 -23.93
C LEU E 116 12.53 -57.82 -24.34
N GLU E 117 13.04 -58.65 -23.41
CA GLU E 117 14.19 -59.48 -23.75
C GLU E 117 13.89 -60.41 -24.91
N ASP E 118 12.71 -61.02 -24.94
CA ASP E 118 12.27 -61.79 -26.09
C ASP E 118 10.77 -61.61 -26.22
N LEU E 119 10.20 -62.16 -27.29
CA LEU E 119 8.79 -61.97 -27.58
C LEU E 119 7.94 -63.18 -27.23
N LYS E 120 8.51 -64.16 -26.53
CA LYS E 120 7.83 -65.44 -26.29
C LYS E 120 6.68 -65.34 -25.30
N ASN E 121 6.54 -64.23 -24.58
CA ASN E 121 5.41 -64.08 -23.66
C ASN E 121 4.33 -63.15 -24.23
N VAL E 122 4.45 -62.73 -25.48
CA VAL E 122 3.47 -61.83 -26.08
C VAL E 122 2.25 -62.63 -26.48
N PHE E 123 1.08 -62.20 -26.00
CA PHE E 123 -0.19 -62.90 -26.18
C PHE E 123 -1.31 -61.89 -26.41
N PRO E 124 -2.18 -62.12 -27.38
CA PRO E 124 -3.36 -61.28 -27.53
C PRO E 124 -4.36 -61.60 -26.43
N PRO E 125 -5.36 -60.75 -26.21
CA PRO E 125 -6.36 -61.07 -25.18
C PRO E 125 -7.37 -62.10 -25.66
N GLU E 126 -7.85 -62.89 -24.71
CA GLU E 126 -9.13 -63.56 -24.88
C GLU E 126 -10.21 -62.60 -24.39
N VAL E 127 -11.35 -62.59 -25.08
CA VAL E 127 -12.42 -61.64 -24.81
C VAL E 127 -13.73 -62.40 -24.60
N ALA E 128 -14.46 -62.04 -23.56
CA ALA E 128 -15.71 -62.70 -23.23
C ALA E 128 -16.70 -61.66 -22.72
N VAL E 129 -17.97 -61.86 -23.07
CA VAL E 129 -19.06 -61.01 -22.63
C VAL E 129 -19.93 -61.81 -21.67
N PHE E 130 -20.34 -61.17 -20.57
CA PHE E 130 -21.16 -61.80 -19.56
C PHE E 130 -22.48 -61.05 -19.51
N GLU E 131 -23.57 -61.79 -19.68
CA GLU E 131 -24.91 -61.25 -19.84
C GLU E 131 -25.48 -60.79 -18.50
N PRO E 132 -26.34 -59.78 -18.52
CA PRO E 132 -26.90 -59.25 -17.26
C PRO E 132 -27.62 -60.33 -16.47
N SER E 133 -27.54 -60.22 -15.15
CA SER E 133 -28.26 -61.14 -14.29
C SER E 133 -29.75 -60.80 -14.30
N GLU E 134 -30.57 -61.83 -14.12
CA GLU E 134 -32.01 -61.59 -13.98
C GLU E 134 -32.31 -60.81 -12.71
N ALA E 135 -31.57 -61.09 -11.64
CA ALA E 135 -31.83 -60.40 -10.38
C ALA E 135 -31.55 -58.91 -10.48
N GLU E 136 -30.62 -58.47 -11.32
CA GLU E 136 -30.42 -57.04 -11.51
C GLU E 136 -31.59 -56.42 -12.27
N ILE E 137 -32.04 -57.10 -13.32
CA ILE E 137 -33.14 -56.59 -14.14
C ILE E 137 -34.37 -56.33 -13.27
N SER E 138 -34.75 -57.32 -12.45
CA SER E 138 -35.98 -57.18 -11.68
C SER E 138 -35.83 -56.21 -10.52
N HIS E 139 -34.60 -56.04 -10.02
CA HIS E 139 -34.36 -55.20 -8.84
C HIS E 139 -34.15 -53.74 -9.20
N THR E 140 -33.64 -53.45 -10.39
CA THR E 140 -33.25 -52.10 -10.77
C THR E 140 -33.88 -51.61 -12.06
N GLN E 141 -34.48 -52.49 -12.86
CA GLN E 141 -34.93 -52.17 -14.22
C GLN E 141 -33.78 -51.72 -15.12
N LYS E 142 -32.55 -52.08 -14.75
CA LYS E 142 -31.38 -51.83 -15.59
C LYS E 142 -30.64 -53.13 -15.83
N ALA E 143 -29.76 -53.13 -16.83
CA ALA E 143 -29.03 -54.33 -17.23
C ALA E 143 -27.58 -53.98 -17.49
N THR E 144 -26.66 -54.60 -16.75
CA THR E 144 -25.24 -54.36 -16.92
C THR E 144 -24.62 -55.55 -17.65
N LEU E 145 -23.93 -55.27 -18.76
CA LEU E 145 -23.08 -56.24 -19.43
C LEU E 145 -21.64 -56.05 -18.99
N VAL E 146 -20.90 -57.14 -18.85
CA VAL E 146 -19.50 -57.08 -18.45
C VAL E 146 -18.65 -57.75 -19.52
N CYS E 147 -17.60 -57.05 -19.94
CA CYS E 147 -16.62 -57.59 -20.87
C CYS E 147 -15.30 -57.85 -20.12
N LEU E 148 -14.68 -58.99 -20.40
CA LEU E 148 -13.39 -59.33 -19.82
C LEU E 148 -12.39 -59.61 -20.93
N ALA E 149 -11.27 -58.92 -20.88
CA ALA E 149 -10.11 -59.20 -21.72
C ALA E 149 -9.03 -59.75 -20.81
N THR E 150 -8.58 -60.97 -21.09
CA THR E 150 -7.70 -61.68 -20.17
C THR E 150 -6.53 -62.28 -20.90
N GLY E 151 -5.42 -62.44 -20.18
CA GLY E 151 -4.29 -63.19 -20.67
C GLY E 151 -3.41 -62.49 -21.68
N PHE E 152 -3.52 -61.17 -21.82
CA PHE E 152 -2.78 -60.46 -22.86
C PHE E 152 -1.47 -59.88 -22.34
N TYR E 153 -0.53 -59.68 -23.27
CA TYR E 153 0.81 -59.18 -22.93
C TYR E 153 1.52 -58.70 -24.20
N PRO E 154 2.13 -57.49 -24.18
CA PRO E 154 2.20 -56.55 -23.06
C PRO E 154 0.90 -55.83 -22.87
N ASP E 155 0.86 -54.81 -22.01
CA ASP E 155 -0.36 -54.05 -21.77
C ASP E 155 -0.54 -53.03 -22.89
N HIS E 156 -0.96 -53.53 -24.05
CA HIS E 156 -1.21 -52.70 -25.24
C HIS E 156 -2.62 -52.99 -25.77
N VAL E 157 -3.67 -52.56 -25.06
CA VAL E 157 -5.01 -52.83 -25.54
C VAL E 157 -5.89 -51.58 -25.48
N GLU E 158 -6.90 -51.56 -26.33
CA GLU E 158 -7.96 -50.55 -26.32
C GLU E 158 -9.28 -51.27 -26.46
N LEU E 159 -10.15 -51.10 -25.47
CA LEU E 159 -11.45 -51.74 -25.45
C LEU E 159 -12.52 -50.72 -25.83
N SER E 160 -13.56 -51.20 -26.51
CA SER E 160 -14.69 -50.35 -26.89
C SER E 160 -15.92 -51.23 -27.02
N TRP E 161 -17.08 -50.61 -26.82
CA TRP E 161 -18.38 -51.28 -26.93
C TRP E 161 -19.09 -50.89 -28.22
N TRP E 162 -19.79 -51.85 -28.81
CA TRP E 162 -20.51 -51.64 -30.07
C TRP E 162 -21.88 -52.30 -29.96
N VAL E 163 -22.92 -51.48 -29.99
CA VAL E 163 -24.31 -51.95 -29.89
C VAL E 163 -24.97 -51.74 -31.24
N ASN E 164 -25.49 -52.84 -31.80
CA ASN E 164 -26.19 -52.86 -33.09
C ASN E 164 -25.29 -52.48 -34.27
N GLY E 165 -23.98 -52.32 -34.04
CA GLY E 165 -23.04 -51.96 -35.07
C GLY E 165 -22.42 -50.58 -34.93
N LYS E 166 -22.80 -49.81 -33.91
CA LYS E 166 -22.24 -48.49 -33.68
C LYS E 166 -21.68 -48.41 -32.27
N GLU E 167 -20.68 -47.54 -32.09
CA GLU E 167 -19.98 -47.44 -30.82
C GLU E 167 -20.80 -46.60 -29.83
N VAL E 168 -20.69 -46.96 -28.55
CA VAL E 168 -21.37 -46.22 -27.50
C VAL E 168 -20.33 -45.74 -26.48
N HIS E 169 -20.70 -44.70 -25.74
CA HIS E 169 -19.83 -44.13 -24.71
C HIS E 169 -20.58 -43.97 -23.40
N SER E 170 -21.89 -43.71 -23.50
CA SER E 170 -22.71 -43.57 -22.30
C SER E 170 -23.02 -44.94 -21.73
N GLY E 171 -23.04 -45.01 -20.40
CA GLY E 171 -23.29 -46.28 -19.73
C GLY E 171 -22.11 -47.22 -19.76
N VAL E 172 -20.92 -46.73 -20.09
CA VAL E 172 -19.71 -47.55 -20.19
C VAL E 172 -18.71 -47.07 -19.15
N CYS E 173 -18.10 -48.02 -18.45
CA CYS E 173 -16.90 -47.73 -17.67
C CYS E 173 -15.91 -48.87 -17.84
N THR E 174 -14.70 -48.53 -18.25
CA THR E 174 -13.62 -49.48 -18.46
C THR E 174 -12.52 -49.18 -17.45
N ASP E 175 -11.94 -50.22 -16.86
CA ASP E 175 -10.88 -50.02 -15.88
C ASP E 175 -9.79 -49.13 -16.46
N PRO E 176 -9.33 -48.11 -15.73
CA PRO E 176 -8.22 -47.29 -16.24
C PRO E 176 -6.96 -48.10 -16.48
N GLN E 177 -6.61 -48.99 -15.56
CA GLN E 177 -5.42 -49.83 -15.66
C GLN E 177 -5.82 -51.31 -15.62
N PRO E 178 -5.17 -52.16 -16.41
CA PRO E 178 -5.41 -53.60 -16.28
C PRO E 178 -4.89 -54.10 -14.95
N LEU E 179 -5.32 -55.29 -14.58
CA LEU E 179 -4.70 -55.94 -13.44
C LEU E 179 -3.74 -57.02 -13.90
N LYS E 180 -2.84 -57.38 -13.00
CA LYS E 180 -1.84 -58.40 -13.29
C LYS E 180 -2.39 -59.76 -12.88
N GLU E 181 -2.45 -60.70 -13.83
CA GLU E 181 -2.98 -62.02 -13.51
C GLU E 181 -2.02 -62.84 -12.66
N GLN E 182 -0.72 -62.56 -12.70
CA GLN E 182 0.27 -63.24 -11.87
C GLN E 182 1.10 -62.15 -11.20
N PRO E 183 0.58 -61.53 -10.14
CA PRO E 183 1.23 -60.31 -9.62
C PRO E 183 2.66 -60.52 -9.14
N ALA E 184 3.06 -61.75 -8.84
CA ALA E 184 4.42 -62.00 -8.39
C ALA E 184 5.43 -62.14 -9.54
N LEU E 185 4.96 -62.32 -10.78
CA LEU E 185 5.86 -62.54 -11.90
C LEU E 185 6.26 -61.22 -12.55
N ASN E 186 7.54 -61.10 -12.90
CA ASN E 186 8.01 -59.90 -13.59
C ASN E 186 7.31 -59.72 -14.92
N ASP E 187 6.84 -60.81 -15.52
CA ASP E 187 6.21 -60.79 -16.85
C ASP E 187 4.76 -61.25 -16.76
N SER E 188 4.07 -60.85 -15.70
CA SER E 188 2.66 -61.19 -15.53
C SER E 188 1.88 -60.76 -16.77
N ARG E 189 0.94 -61.60 -17.19
CA ARG E 189 -0.01 -61.17 -18.21
C ARG E 189 -1.14 -60.38 -17.55
N TYR E 190 -2.01 -59.80 -18.38
CA TYR E 190 -2.93 -58.77 -17.91
C TYR E 190 -4.39 -59.14 -18.17
N ALA E 191 -5.28 -58.58 -17.34
CA ALA E 191 -6.72 -58.66 -17.52
C ALA E 191 -7.31 -57.26 -17.37
N LEU E 192 -8.42 -57.03 -18.05
CA LEU E 192 -9.09 -55.73 -18.09
C LEU E 192 -10.59 -55.97 -18.17
N SER E 193 -11.36 -55.26 -17.35
CA SER E 193 -12.80 -55.37 -17.38
C SER E 193 -13.43 -54.06 -17.81
N SER E 194 -14.62 -54.17 -18.41
CA SER E 194 -15.43 -53.01 -18.72
C SER E 194 -16.89 -53.39 -18.54
N ARG E 195 -17.71 -52.39 -18.24
CA ARG E 195 -19.15 -52.56 -18.08
C ARG E 195 -19.89 -51.70 -19.09
N LEU E 196 -21.02 -52.23 -19.56
CA LEU E 196 -21.97 -51.49 -20.37
C LEU E 196 -23.34 -51.68 -19.72
N ARG E 197 -23.97 -50.58 -19.32
CA ARG E 197 -25.26 -50.65 -18.63
C ARG E 197 -26.34 -50.03 -19.49
N VAL E 198 -27.42 -50.79 -19.71
CA VAL E 198 -28.55 -50.34 -20.51
C VAL E 198 -29.82 -50.50 -19.68
N SER E 199 -30.93 -50.02 -20.24
CA SER E 199 -32.22 -50.25 -19.61
C SER E 199 -32.60 -51.72 -19.71
N ALA E 200 -33.44 -52.15 -18.77
CA ALA E 200 -33.95 -53.51 -18.81
C ALA E 200 -34.64 -53.81 -20.14
N THR E 201 -35.46 -52.87 -20.62
CA THR E 201 -36.21 -53.09 -21.85
C THR E 201 -35.29 -53.24 -23.06
N PHE E 202 -34.16 -52.53 -23.08
CA PHE E 202 -33.26 -52.63 -24.23
C PHE E 202 -32.59 -54.00 -24.28
N TRP E 203 -32.11 -54.49 -23.14
CA TRP E 203 -31.54 -55.84 -23.10
C TRP E 203 -32.57 -56.90 -23.44
N GLN E 204 -33.83 -56.69 -23.07
CA GLN E 204 -34.86 -57.69 -23.37
C GLN E 204 -35.24 -57.69 -24.84
N ASN E 205 -35.04 -56.59 -25.56
CA ASN E 205 -35.33 -56.51 -26.97
C ASN E 205 -34.37 -57.38 -27.76
N PRO E 206 -34.83 -58.47 -28.39
CA PRO E 206 -33.90 -59.37 -29.09
C PRO E 206 -33.31 -58.81 -30.36
N ARG E 207 -33.75 -57.63 -30.79
CA ARG E 207 -33.17 -56.99 -31.97
C ARG E 207 -31.90 -56.20 -31.66
N ASN E 208 -31.31 -56.39 -30.48
CA ASN E 208 -30.18 -55.60 -30.01
C ASN E 208 -28.94 -56.47 -29.90
N HIS E 209 -27.90 -56.11 -30.67
CA HIS E 209 -26.63 -56.82 -30.70
C HIS E 209 -25.59 -56.05 -29.89
N PHE E 210 -24.91 -56.74 -28.98
CA PHE E 210 -23.88 -56.14 -28.15
C PHE E 210 -22.56 -56.83 -28.46
N ARG E 211 -21.52 -56.04 -28.74
CA ARG E 211 -20.20 -56.57 -29.05
C ARG E 211 -19.14 -55.79 -28.30
N CYS E 212 -18.35 -56.50 -27.50
CA CYS E 212 -17.16 -55.92 -26.89
C CYS E 212 -15.96 -56.17 -27.81
N GLN E 213 -15.24 -55.10 -28.13
CA GLN E 213 -14.13 -55.16 -29.08
C GLN E 213 -12.85 -54.72 -28.39
N VAL E 214 -11.80 -55.53 -28.50
CA VAL E 214 -10.50 -55.21 -27.93
C VAL E 214 -9.47 -55.21 -29.06
N GLN E 215 -8.90 -54.03 -29.30
CA GLN E 215 -7.75 -53.87 -30.18
C GLN E 215 -6.49 -54.20 -29.39
N PHE E 216 -5.70 -55.15 -29.90
CA PHE E 216 -4.43 -55.52 -29.30
C PHE E 216 -3.30 -55.07 -30.22
N TYR E 217 -2.25 -54.49 -29.63
CA TYR E 217 -1.06 -54.09 -30.38
C TYR E 217 0.08 -55.01 -29.99
N GLY E 218 0.46 -55.89 -30.92
CA GLY E 218 1.45 -56.91 -30.63
C GLY E 218 2.59 -56.87 -31.62
N LEU E 219 2.86 -58.00 -32.26
CA LEU E 219 3.96 -58.10 -33.21
C LEU E 219 3.52 -57.66 -34.61
N SER E 220 4.49 -57.27 -35.41
CA SER E 220 4.26 -56.89 -36.79
C SER E 220 4.54 -58.07 -37.70
N GLU E 221 4.19 -57.91 -38.99
CA GLU E 221 4.49 -58.95 -39.96
C GLU E 221 5.99 -59.20 -40.04
N ASN E 222 6.78 -58.13 -39.96
CA ASN E 222 8.23 -58.24 -40.11
C ASN E 222 8.89 -58.96 -38.94
N ASP E 223 8.19 -59.12 -37.82
CA ASP E 223 8.76 -59.83 -36.68
C ASP E 223 8.85 -61.32 -36.98
N GLU E 224 9.90 -61.95 -36.46
CA GLU E 224 10.10 -63.38 -36.61
C GLU E 224 9.34 -64.13 -35.53
N TRP E 225 8.71 -65.23 -35.92
CA TRP E 225 7.97 -66.07 -34.99
C TRP E 225 8.28 -67.53 -35.30
N THR E 226 8.90 -68.21 -34.34
CA THR E 226 9.33 -69.59 -34.52
C THR E 226 8.47 -70.57 -33.73
N GLN E 227 7.54 -70.09 -32.91
CA GLN E 227 6.89 -70.92 -31.91
C GLN E 227 5.64 -71.59 -32.46
N ASP E 228 5.28 -72.70 -31.81
CA ASP E 228 4.17 -73.53 -32.27
C ASP E 228 2.88 -72.73 -32.34
N ARG E 229 2.61 -71.90 -31.35
CA ARG E 229 1.36 -71.16 -31.29
C ARG E 229 1.31 -70.08 -32.38
N ALA E 230 0.11 -69.59 -32.62
CA ALA E 230 -0.09 -68.56 -33.64
C ALA E 230 0.63 -67.27 -33.25
N LYS E 231 1.29 -66.66 -34.23
CA LYS E 231 2.04 -65.41 -34.02
C LYS E 231 1.16 -64.34 -33.38
N PRO E 232 1.57 -63.76 -32.26
CA PRO E 232 0.73 -62.77 -31.56
C PRO E 232 0.79 -61.38 -32.20
N VAL E 233 0.20 -61.29 -33.40
CA VAL E 233 0.22 -60.04 -34.15
C VAL E 233 -0.80 -59.07 -33.59
N THR E 234 -0.58 -57.79 -33.86
CA THR E 234 -1.61 -56.77 -33.70
C THR E 234 -2.90 -57.24 -34.34
N GLN E 235 -4.00 -57.16 -33.60
CA GLN E 235 -5.25 -57.79 -34.04
C GLN E 235 -6.39 -57.30 -33.15
N ILE E 236 -7.61 -57.56 -33.62
CA ILE E 236 -8.83 -57.27 -32.87
C ILE E 236 -9.44 -58.59 -32.42
N VAL E 237 -9.79 -58.69 -31.14
CA VAL E 237 -10.48 -59.83 -30.57
C VAL E 237 -11.79 -59.33 -30.00
N SER E 238 -12.90 -60.01 -30.34
CA SER E 238 -14.24 -59.54 -30.00
C SER E 238 -15.09 -60.65 -29.41
N ALA E 239 -16.14 -60.24 -28.69
CA ALA E 239 -17.13 -61.14 -28.15
C ALA E 239 -18.49 -60.47 -28.25
N GLU E 240 -19.55 -61.27 -28.40
CA GLU E 240 -20.86 -60.74 -28.75
C GLU E 240 -21.93 -61.30 -27.82
N ALA E 241 -23.04 -60.56 -27.74
CA ALA E 241 -24.20 -61.01 -26.98
C ALA E 241 -25.45 -60.47 -27.63
N TRP E 242 -26.46 -61.34 -27.79
CA TRP E 242 -27.78 -60.94 -28.24
C TRP E 242 -28.71 -60.79 -27.03
N GLY E 243 -29.67 -59.88 -27.15
CA GLY E 243 -30.53 -59.56 -26.03
C GLY E 243 -31.74 -60.45 -25.83
N ARG E 244 -31.55 -61.59 -25.18
CA ARG E 244 -32.65 -62.50 -24.91
C ARG E 244 -33.70 -61.85 -24.04
N ALA E 245 -34.97 -62.00 -24.42
CA ALA E 245 -36.06 -61.43 -23.63
C ALA E 245 -36.29 -62.21 -22.34
N ASP E 246 -36.09 -63.53 -22.36
CA ASP E 246 -36.23 -64.36 -21.17
C ASP E 246 -35.50 -65.68 -21.34
N MET F 1 16.09 6.03 -46.30
CA MET F 1 17.04 5.41 -45.37
C MET F 1 18.12 6.39 -44.92
N ILE F 2 18.31 6.50 -43.61
CA ILE F 2 19.26 7.43 -43.03
C ILE F 2 20.54 6.67 -42.71
N GLN F 3 21.64 7.11 -43.32
CA GLN F 3 22.97 6.62 -43.01
C GLN F 3 23.73 7.70 -42.24
N ARG F 4 24.59 7.26 -41.33
CA ARG F 4 25.29 8.20 -40.45
C ARG F 4 26.78 7.94 -40.55
N THR F 5 27.52 8.97 -40.90
CA THR F 5 28.94 8.84 -41.14
C THR F 5 29.66 8.79 -39.79
N PRO F 6 30.76 8.04 -39.71
CA PRO F 6 31.44 7.87 -38.43
C PRO F 6 32.09 9.16 -37.93
N LYS F 7 31.98 9.38 -36.62
CA LYS F 7 32.87 10.27 -35.89
C LYS F 7 34.17 9.53 -35.62
N ILE F 8 35.28 10.25 -35.70
CA ILE F 8 36.60 9.64 -35.65
C ILE F 8 37.47 10.49 -34.75
N GLN F 9 37.93 9.91 -33.65
CA GLN F 9 38.68 10.65 -32.65
C GLN F 9 39.97 9.91 -32.36
N VAL F 10 41.09 10.62 -32.49
CA VAL F 10 42.42 10.05 -32.37
C VAL F 10 43.11 10.75 -31.22
N TYR F 11 43.63 9.98 -30.29
CA TYR F 11 44.11 10.53 -29.02
C TYR F 11 44.97 9.49 -28.35
N SER F 12 45.90 9.95 -27.52
CA SER F 12 46.80 9.04 -26.82
C SER F 12 46.18 8.59 -25.50
N ARG F 13 46.61 7.42 -25.03
CA ARG F 13 46.08 6.86 -23.79
C ARG F 13 46.41 7.76 -22.60
N HIS F 14 47.67 8.18 -22.50
CA HIS F 14 48.23 9.08 -21.52
C HIS F 14 48.65 10.38 -22.20
N PRO F 15 48.69 11.49 -21.48
CA PRO F 15 49.23 12.73 -22.07
C PRO F 15 50.57 12.46 -22.70
N ALA F 16 50.72 12.87 -23.96
CA ALA F 16 51.80 12.40 -24.80
C ALA F 16 53.09 13.15 -24.53
N GLU F 17 54.21 12.44 -24.65
CA GLU F 17 55.52 13.04 -24.53
C GLU F 17 56.49 12.25 -25.39
N ASN F 18 57.17 12.94 -26.30
CA ASN F 18 58.12 12.28 -27.20
C ASN F 18 59.14 11.47 -26.41
N GLY F 19 59.48 10.30 -26.93
CA GLY F 19 60.43 9.43 -26.29
C GLY F 19 59.86 8.58 -25.17
N LYS F 20 58.60 8.78 -24.82
CA LYS F 20 57.95 8.02 -23.76
C LYS F 20 56.89 7.12 -24.40
N SER F 21 57.02 5.81 -24.17
CA SER F 21 56.05 4.84 -24.68
C SER F 21 54.63 5.25 -24.29
N ASN F 22 53.70 5.00 -25.19
CA ASN F 22 52.30 5.39 -25.03
C ASN F 22 51.45 4.45 -25.88
N PHE F 23 50.16 4.74 -25.96
CA PHE F 23 49.26 4.04 -26.88
C PHE F 23 48.45 5.08 -27.63
N LEU F 24 48.31 4.87 -28.94
CA LEU F 24 47.48 5.72 -29.79
C LEU F 24 46.13 5.04 -29.98
N ASN F 25 45.05 5.79 -29.71
CA ASN F 25 43.69 5.29 -29.82
C ASN F 25 42.99 5.93 -31.00
N CYS F 26 42.14 5.18 -31.67
CA CYS F 26 41.21 5.74 -32.64
C CYS F 26 39.84 5.20 -32.31
N TYR F 27 38.98 6.08 -31.83
CA TYR F 27 37.62 5.73 -31.42
C TYR F 27 36.68 6.17 -32.53
N VAL F 28 36.00 5.22 -33.14
CA VAL F 28 35.16 5.44 -34.30
C VAL F 28 33.74 5.12 -33.88
N SER F 29 32.84 6.10 -34.01
CA SER F 29 31.57 5.96 -33.31
C SER F 29 30.45 6.62 -34.11
N GLY F 30 29.22 6.34 -33.69
CA GLY F 30 28.05 7.02 -34.21
C GLY F 30 27.69 6.70 -35.63
N PHE F 31 28.22 5.63 -36.19
CA PHE F 31 27.95 5.33 -37.60
C PHE F 31 26.84 4.28 -37.74
N HIS F 32 26.21 4.30 -38.91
CA HIS F 32 25.21 3.33 -39.32
C HIS F 32 25.18 3.38 -40.84
N PRO F 33 25.16 2.24 -41.55
CA PRO F 33 25.12 0.85 -41.07
C PRO F 33 26.48 0.37 -40.58
N SER F 34 26.64 -0.93 -40.29
CA SER F 34 27.73 -1.41 -39.45
C SER F 34 29.04 -1.69 -40.19
N ASP F 35 29.00 -1.88 -41.51
CA ASP F 35 30.22 -2.24 -42.24
C ASP F 35 31.20 -1.06 -42.22
N ILE F 36 32.41 -1.33 -41.75
CA ILE F 36 33.41 -0.27 -41.59
C ILE F 36 34.80 -0.88 -41.66
N GLU F 37 35.75 -0.08 -42.14
CA GLU F 37 37.16 -0.48 -42.17
C GLU F 37 37.99 0.61 -41.52
N VAL F 38 38.85 0.22 -40.59
CA VAL F 38 39.69 1.14 -39.83
C VAL F 38 41.14 0.65 -39.89
N ASP F 39 42.06 1.56 -40.19
CA ASP F 39 43.48 1.30 -40.09
C ASP F 39 44.17 2.47 -39.37
N LEU F 40 45.23 2.16 -38.63
CA LEU F 40 46.10 3.17 -38.05
C LEU F 40 47.35 3.29 -38.91
N LEU F 41 47.81 4.53 -39.12
CA LEU F 41 48.89 4.81 -40.05
C LEU F 41 50.03 5.52 -39.35
N LYS F 42 51.26 5.15 -39.71
CA LYS F 42 52.47 5.85 -39.32
C LYS F 42 53.12 6.41 -40.57
N ASN F 43 53.25 7.74 -40.62
CA ASN F 43 53.81 8.43 -41.79
C ASN F 43 53.20 7.91 -43.10
N GLY F 44 51.88 7.71 -43.07
CA GLY F 44 51.13 7.31 -44.24
C GLY F 44 50.97 5.82 -44.44
N GLU F 45 51.73 4.99 -43.73
CA GLU F 45 51.77 3.56 -43.96
C GLU F 45 51.02 2.79 -42.88
N ARG F 46 50.29 1.77 -43.29
CA ARG F 46 49.46 1.00 -42.37
C ARG F 46 50.30 0.36 -41.28
N ILE F 47 49.87 0.52 -40.03
CA ILE F 47 50.54 -0.13 -38.91
C ILE F 47 49.99 -1.54 -38.78
N GLU F 48 50.88 -2.51 -38.58
CA GLU F 48 50.47 -3.92 -38.64
C GLU F 48 50.03 -4.46 -37.29
N LYS F 49 50.71 -4.08 -36.20
CA LYS F 49 50.33 -4.54 -34.87
C LYS F 49 49.31 -3.56 -34.30
N VAL F 50 48.05 -3.75 -34.70
CA VAL F 50 46.93 -2.94 -34.23
C VAL F 50 45.87 -3.86 -33.66
N GLU F 51 45.40 -3.56 -32.45
CA GLU F 51 44.32 -4.28 -31.83
C GLU F 51 43.05 -3.43 -31.83
N HIS F 52 41.92 -4.09 -31.63
CA HIS F 52 40.65 -3.39 -31.69
C HIS F 52 39.60 -4.18 -30.94
N SER F 53 38.60 -3.47 -30.42
CA SER F 53 37.43 -4.10 -29.84
C SER F 53 36.51 -4.65 -30.93
N ASP F 54 35.59 -5.52 -30.52
CA ASP F 54 34.51 -5.92 -31.39
C ASP F 54 33.60 -4.73 -31.67
N LEU F 55 32.83 -4.86 -32.75
CA LEU F 55 31.77 -3.90 -33.04
C LEU F 55 30.86 -3.75 -31.82
N SER F 56 30.56 -2.52 -31.44
CA SER F 56 29.83 -2.25 -30.22
C SER F 56 28.54 -1.47 -30.52
N PHE F 57 27.55 -1.62 -29.65
CA PHE F 57 26.19 -1.17 -29.89
C PHE F 57 25.81 0.00 -28.98
N SER F 58 25.33 1.08 -29.56
CA SER F 58 24.82 2.20 -28.79
C SER F 58 23.31 2.18 -28.74
N LYS F 59 22.75 2.86 -27.74
CA LYS F 59 21.30 2.82 -27.57
C LYS F 59 20.58 3.62 -28.64
N ASP F 60 21.27 4.52 -29.34
CA ASP F 60 20.68 5.26 -30.45
C ASP F 60 20.78 4.51 -31.77
N TRP F 61 21.17 3.23 -31.73
CA TRP F 61 21.23 2.26 -32.82
C TRP F 61 22.48 2.43 -33.66
N SER F 62 23.36 3.39 -33.36
CA SER F 62 24.61 3.46 -34.09
C SER F 62 25.63 2.49 -33.47
N PHE F 63 26.81 2.40 -34.07
CA PHE F 63 27.85 1.49 -33.65
C PHE F 63 29.12 2.27 -33.34
N TYR F 64 30.03 1.61 -32.61
CA TYR F 64 31.31 2.21 -32.28
C TYR F 64 32.35 1.13 -32.10
N LEU F 65 33.62 1.51 -32.25
N LEU F 65 33.62 1.52 -32.27
CA LEU F 65 34.70 0.59 -31.98
CA LEU F 65 34.77 0.63 -32.17
C LEU F 65 35.96 1.37 -31.64
C LEU F 65 35.97 1.40 -31.64
N LEU F 66 36.91 0.68 -31.03
CA LEU F 66 38.17 1.25 -30.60
C LEU F 66 39.30 0.46 -31.23
N TYR F 67 40.16 1.14 -32.00
CA TYR F 67 41.43 0.62 -32.50
C TYR F 67 42.58 1.29 -31.75
N TYR F 68 43.64 0.54 -31.46
CA TYR F 68 44.78 1.14 -30.78
C TYR F 68 46.05 0.34 -31.04
N THR F 69 47.18 0.99 -30.79
CA THR F 69 48.50 0.40 -31.00
C THR F 69 49.49 1.05 -30.05
N GLU F 70 50.45 0.25 -29.61
CA GLU F 70 51.51 0.79 -28.78
C GLU F 70 52.47 1.58 -29.66
N PHE F 71 52.81 2.80 -29.23
CA PHE F 71 53.67 3.65 -30.04
C PHE F 71 54.48 4.56 -29.13
N THR F 72 55.61 5.03 -29.65
CA THR F 72 56.40 6.07 -28.98
C THR F 72 56.41 7.31 -29.85
N PRO F 73 55.75 8.39 -29.44
CA PRO F 73 55.66 9.57 -30.31
C PRO F 73 57.00 10.27 -30.45
N THR F 74 57.24 10.80 -31.66
CA THR F 74 58.41 11.63 -31.92
C THR F 74 57.95 12.86 -32.69
N GLU F 75 58.83 13.87 -32.72
CA GLU F 75 58.53 15.08 -33.46
C GLU F 75 58.35 14.81 -34.95
N LYS F 76 59.08 13.84 -35.48
CA LYS F 76 59.10 13.60 -36.93
C LYS F 76 57.94 12.75 -37.40
N ASP F 77 57.38 11.91 -36.52
CA ASP F 77 56.41 10.89 -36.93
C ASP F 77 55.00 11.46 -36.90
N GLU F 78 54.25 11.18 -37.97
CA GLU F 78 52.87 11.62 -38.12
C GLU F 78 51.97 10.39 -38.07
N TYR F 79 51.03 10.37 -37.12
CA TYR F 79 50.14 9.25 -36.98
C TYR F 79 48.74 9.64 -37.41
N ALA F 80 48.00 8.66 -37.93
CA ALA F 80 46.67 8.94 -38.43
C ALA F 80 45.77 7.72 -38.28
N CYS F 81 44.47 7.95 -38.40
CA CYS F 81 43.46 6.90 -38.41
C CYS F 81 42.71 6.98 -39.73
N ARG F 82 42.70 5.88 -40.48
CA ARG F 82 42.07 5.83 -41.79
C ARG F 82 40.80 5.00 -41.73
N VAL F 83 39.69 5.58 -42.15
CA VAL F 83 38.39 4.95 -41.98
C VAL F 83 37.65 4.96 -43.31
N ASN F 84 37.02 3.85 -43.66
CA ASN F 84 36.13 3.81 -44.80
C ASN F 84 34.77 3.26 -44.37
N HIS F 85 33.73 3.76 -45.04
CA HIS F 85 32.35 3.53 -44.66
C HIS F 85 31.51 3.90 -45.87
N VAL F 86 30.33 3.29 -45.98
CA VAL F 86 29.51 3.51 -47.17
C VAL F 86 29.16 4.99 -47.32
N THR F 87 29.13 5.75 -46.23
CA THR F 87 28.80 7.17 -46.33
C THR F 87 29.94 7.97 -46.96
N LEU F 88 31.12 7.38 -47.13
CA LEU F 88 32.31 8.09 -47.57
C LEU F 88 32.67 7.67 -48.98
N SER F 89 32.89 8.66 -49.85
CA SER F 89 33.28 8.38 -51.24
C SER F 89 34.67 7.81 -51.32
N GLN F 90 35.56 8.26 -50.44
CA GLN F 90 36.94 7.79 -50.37
CA GLN F 90 36.94 7.79 -50.37
C GLN F 90 37.28 7.59 -48.90
N PRO F 91 38.30 6.78 -48.61
CA PRO F 91 38.70 6.62 -47.20
C PRO F 91 39.11 7.96 -46.61
N LYS F 92 38.68 8.19 -45.36
CA LYS F 92 38.99 9.42 -44.64
C LYS F 92 40.21 9.18 -43.75
N ILE F 93 41.23 10.01 -43.91
CA ILE F 93 42.46 9.94 -43.14
C ILE F 93 42.43 11.05 -42.11
N VAL F 94 42.29 10.70 -40.83
CA VAL F 94 42.17 11.68 -39.75
C VAL F 94 43.50 11.70 -38.98
N LYS F 95 44.18 12.85 -39.00
CA LYS F 95 45.50 12.97 -38.39
C LYS F 95 45.39 13.15 -36.87
N TRP F 96 46.28 12.47 -36.16
CA TRP F 96 46.42 12.70 -34.73
C TRP F 96 46.89 14.14 -34.48
N ASP F 97 46.21 14.83 -33.58
CA ASP F 97 46.56 16.22 -33.29
C ASP F 97 47.74 16.36 -32.33
N ARG F 98 48.44 15.27 -32.01
CA ARG F 98 49.65 15.28 -31.18
C ARG F 98 49.36 15.74 -29.76
N ASP F 99 48.14 15.47 -29.27
CA ASP F 99 47.73 15.83 -27.91
C ASP F 99 47.79 17.33 -27.68
N MET F 100 47.62 18.11 -28.75
CA MET F 100 47.56 19.57 -28.64
C MET F 100 46.36 20.02 -27.82
N GLY G 2 -28.97 26.63 15.44
CA GLY G 2 -27.79 25.77 15.29
C GLY G 2 -26.48 26.53 15.39
N GLN G 3 -25.40 25.79 15.63
CA GLN G 3 -24.06 26.37 15.68
C GLN G 3 -23.46 26.38 14.28
N ASN G 4 -22.87 27.50 13.87
CA ASN G 4 -22.24 27.52 12.57
CA ASN G 4 -22.35 27.68 12.53
C ASN G 4 -21.07 28.51 12.56
N ILE G 5 -20.22 28.31 11.59
CA ILE G 5 -19.00 29.09 11.41
CA ILE G 5 -19.01 29.10 11.41
C ILE G 5 -18.81 29.29 9.92
N ASP G 6 -18.54 30.52 9.50
CA ASP G 6 -18.47 30.84 8.08
C ASP G 6 -17.22 31.63 7.75
N GLN G 7 -16.58 31.22 6.67
CA GLN G 7 -15.42 31.94 6.15
C GLN G 7 -15.46 31.82 4.64
N PRO G 8 -14.92 32.79 3.91
CA PRO G 8 -14.99 32.72 2.44
C PRO G 8 -14.26 31.49 1.94
N THR G 9 -14.75 30.96 0.80
CA THR G 9 -14.18 29.74 0.23
C THR G 9 -12.77 29.99 -0.29
N GLU G 10 -12.56 31.10 -0.97
CA GLU G 10 -11.25 31.33 -1.56
C GLU G 10 -11.00 32.83 -1.59
N MET G 11 -9.73 33.20 -1.53
CA MET G 11 -9.29 34.57 -1.72
C MET G 11 -8.01 34.60 -2.55
N THR G 12 -7.88 35.63 -3.38
CA THR G 12 -6.68 35.84 -4.20
C THR G 12 -6.14 37.23 -3.95
N ALA G 13 -4.85 37.32 -3.63
CA ALA G 13 -4.19 38.60 -3.41
C ALA G 13 -2.82 38.55 -4.09
N THR G 14 -2.15 39.68 -4.13
CA THR G 14 -0.88 39.80 -4.83
C THR G 14 0.30 39.72 -3.85
N GLU G 15 1.37 39.05 -4.27
CA GLU G 15 2.62 39.02 -3.53
C GLU G 15 3.01 40.42 -3.02
N GLY G 16 3.47 40.48 -1.78
CA GLY G 16 3.87 41.74 -1.19
C GLY G 16 2.74 42.55 -0.58
N ALA G 17 1.48 42.20 -0.84
CA ALA G 17 0.36 43.01 -0.38
C ALA G 17 -0.17 42.45 0.95
N ILE G 18 -1.37 42.82 1.33
CA ILE G 18 -1.98 42.40 2.59
CA ILE G 18 -1.94 42.32 2.57
C ILE G 18 -3.30 41.71 2.28
N VAL G 19 -3.70 40.77 3.13
CA VAL G 19 -5.00 40.14 2.99
C VAL G 19 -5.59 39.93 4.38
N GLN G 20 -6.91 40.11 4.47
CA GLN G 20 -7.65 39.90 5.71
C GLN G 20 -8.64 38.78 5.48
N ILE G 21 -8.51 37.68 6.23
CA ILE G 21 -9.41 36.54 6.09
C ILE G 21 -10.44 36.59 7.22
N ASN G 22 -11.72 36.67 6.86
CA ASN G 22 -12.78 36.85 7.85
C ASN G 22 -13.36 35.52 8.28
N CYS G 23 -13.82 35.47 9.53
CA CYS G 23 -14.48 34.30 10.08
C CYS G 23 -15.58 34.79 11.02
N THR G 24 -16.82 34.37 10.79
CA THR G 24 -17.91 34.70 11.71
C THR G 24 -18.47 33.41 12.28
N TYR G 25 -18.99 33.47 13.50
CA TYR G 25 -19.44 32.26 14.17
C TYR G 25 -20.68 32.58 14.99
N GLN G 26 -21.56 31.59 15.08
CA GLN G 26 -22.71 31.61 15.98
C GLN G 26 -22.65 30.31 16.75
N THR G 27 -22.35 30.38 18.05
CA THR G 27 -22.07 29.16 18.79
C THR G 27 -22.83 29.13 20.11
N SER G 28 -22.92 27.91 20.66
CA SER G 28 -23.41 27.68 22.01
C SER G 28 -22.28 28.01 22.95
N GLY G 29 -22.21 29.27 23.39
CA GLY G 29 -21.13 29.74 24.27
C GLY G 29 -19.81 29.88 23.52
N PHE G 30 -18.79 30.36 24.24
CA PHE G 30 -17.53 30.70 23.59
C PHE G 30 -16.36 30.54 24.54
N ASN G 31 -15.35 29.77 24.13
CA ASN G 31 -14.12 29.61 24.92
C ASN G 31 -12.87 29.87 24.09
N GLY G 32 -13.01 30.55 22.95
CA GLY G 32 -11.85 30.99 22.20
C GLY G 32 -11.98 30.64 20.73
N LEU G 33 -11.19 31.31 19.90
CA LEU G 33 -11.19 31.12 18.46
C LEU G 33 -9.77 30.89 17.99
N PHE G 34 -9.59 29.85 17.19
CA PHE G 34 -8.30 29.41 16.69
C PHE G 34 -8.20 29.67 15.19
N TRP G 35 -7.02 30.04 14.73
CA TRP G 35 -6.70 29.95 13.31
C TRP G 35 -5.62 28.90 13.11
N TYR G 36 -5.79 28.07 12.09
CA TYR G 36 -4.79 27.10 11.65
C TYR G 36 -4.42 27.35 10.20
N GLN G 37 -3.18 27.02 9.85
CA GLN G 37 -2.71 27.02 8.46
C GLN G 37 -2.58 25.58 7.97
N GLN G 38 -3.08 25.32 6.76
CA GLN G 38 -2.93 23.99 6.15
C GLN G 38 -2.46 24.14 4.71
N HIS G 39 -1.18 23.88 4.49
CA HIS G 39 -0.69 23.82 3.12
C HIS G 39 -1.30 22.61 2.40
N ALA G 40 -1.46 22.73 1.09
CA ALA G 40 -2.05 21.65 0.29
C ALA G 40 -1.33 20.33 0.55
N GLY G 41 -2.12 19.29 0.82
CA GLY G 41 -1.60 17.97 1.11
C GLY G 41 -0.82 17.83 2.40
N GLU G 42 -0.92 18.78 3.32
CA GLU G 42 -0.17 18.73 4.56
C GLU G 42 -1.14 18.82 5.73
N ALA G 43 -0.60 18.72 6.94
CA ALA G 43 -1.34 18.83 8.19
C ALA G 43 -1.65 20.29 8.52
N PRO G 44 -2.81 20.55 9.13
CA PRO G 44 -3.04 21.87 9.73
C PRO G 44 -2.00 22.12 10.81
N THR G 45 -1.56 23.37 10.91
CA THR G 45 -0.70 23.79 12.02
C THR G 45 -1.30 25.03 12.68
N PHE G 46 -1.16 25.10 13.99
CA PHE G 46 -1.70 26.20 14.79
C PHE G 46 -1.04 27.53 14.44
N LEU G 47 -1.86 28.56 14.24
CA LEU G 47 -1.40 29.94 14.03
C LEU G 47 -1.71 30.87 15.18
N SER G 48 -2.93 30.85 15.72
CA SER G 48 -3.29 31.87 16.70
C SER G 48 -4.51 31.44 17.51
N TYR G 49 -4.65 32.06 18.67
CA TYR G 49 -5.80 31.91 19.57
C TYR G 49 -6.17 33.29 20.11
N ASN G 50 -7.46 33.63 20.05
CA ASN G 50 -8.01 34.82 20.70
C ASN G 50 -9.20 34.41 21.54
N VAL G 51 -9.40 35.10 22.66
CA VAL G 51 -10.57 34.80 23.49
C VAL G 51 -11.16 36.08 24.09
N LEU G 52 -10.32 37.08 24.34
CA LEU G 52 -10.81 38.41 24.64
C LEU G 52 -10.78 39.28 23.39
N ASP G 53 -11.36 40.46 23.49
CA ASP G 53 -11.50 41.33 22.34
C ASP G 53 -10.19 42.03 22.04
N GLY G 54 -9.86 42.15 20.76
CA GLY G 54 -8.70 42.92 20.40
C GLY G 54 -7.87 42.21 19.36
N LEU G 55 -6.67 42.74 19.14
CA LEU G 55 -5.76 42.26 18.11
C LEU G 55 -4.48 41.74 18.76
N GLU G 56 -4.01 40.57 18.32
CA GLU G 56 -2.72 40.02 18.70
C GLU G 56 -1.85 39.87 17.45
N GLU G 57 -0.59 40.25 17.55
CA GLU G 57 0.33 40.16 16.43
C GLU G 57 1.34 39.05 16.69
N LYS G 58 1.71 38.34 15.62
CA LYS G 58 2.70 37.27 15.71
C LYS G 58 3.46 37.26 14.38
N GLY G 59 4.57 37.99 14.33
CA GLY G 59 5.31 38.12 13.08
C GLY G 59 4.52 38.91 12.05
N ARG G 60 4.42 38.35 10.84
CA ARG G 60 3.65 38.98 9.76
C ARG G 60 2.14 38.76 9.89
N PHE G 61 1.70 37.94 10.84
CA PHE G 61 0.29 37.59 10.99
C PHE G 61 -0.25 38.26 12.25
N SER G 62 -1.46 38.77 12.15
CA SER G 62 -2.21 39.28 13.29
C SER G 62 -3.58 38.64 13.29
N SER G 63 -4.14 38.44 14.47
CA SER G 63 -5.48 37.89 14.60
CA SER G 63 -5.48 37.88 14.61
C SER G 63 -6.30 38.81 15.50
N PHE G 64 -7.51 39.13 15.04
CA PHE G 64 -8.41 40.05 15.71
C PHE G 64 -9.65 39.30 16.13
N LEU G 65 -10.25 39.69 17.27
CA LEU G 65 -11.49 39.09 17.70
C LEU G 65 -12.45 40.16 18.22
N SER G 66 -13.72 40.04 17.86
CA SER G 66 -14.80 40.78 18.51
C SER G 66 -15.85 39.79 19.01
N ARG G 67 -15.93 39.59 20.33
CA ARG G 67 -16.87 38.61 20.87
C ARG G 67 -18.32 39.02 20.63
N SER G 68 -18.62 40.31 20.80
CA SER G 68 -20.00 40.77 20.69
C SER G 68 -20.52 40.66 19.27
N LYS G 69 -19.64 40.80 18.28
CA LYS G 69 -19.99 40.60 16.88
C LYS G 69 -19.81 39.17 16.41
N GLY G 70 -19.19 38.32 17.20
CA GLY G 70 -18.95 36.94 16.77
C GLY G 70 -18.11 36.93 15.51
N TYR G 71 -17.02 37.69 15.53
CA TYR G 71 -16.25 37.94 14.31
C TYR G 71 -14.77 37.91 14.62
N SER G 72 -14.00 37.30 13.70
CA SER G 72 -12.56 37.35 13.78
C SER G 72 -11.98 37.55 12.39
N TYR G 73 -10.81 38.18 12.30
CA TYR G 73 -10.05 38.07 11.06
C TYR G 73 -8.62 37.68 11.35
N LEU G 74 -8.04 37.01 10.36
CA LEU G 74 -6.61 36.72 10.29
C LEU G 74 -6.03 37.66 9.24
N LEU G 75 -5.04 38.46 9.65
CA LEU G 75 -4.44 39.47 8.79
C LEU G 75 -3.03 39.03 8.41
N LEU G 76 -2.76 38.89 7.12
CA LEU G 76 -1.45 38.48 6.63
C LEU G 76 -0.82 39.67 5.92
N LYS G 77 0.32 40.15 6.43
CA LYS G 77 1.02 41.26 5.83
C LYS G 77 2.21 40.77 5.00
N GLU G 78 2.62 41.61 4.04
CA GLU G 78 3.78 41.35 3.20
C GLU G 78 3.74 39.94 2.61
N LEU G 79 2.65 39.67 1.88
CA LEU G 79 2.36 38.32 1.42
C LEU G 79 3.52 37.75 0.59
N GLN G 80 3.87 36.50 0.89
CA GLN G 80 4.87 35.73 0.16
C GLN G 80 4.21 34.52 -0.47
N MET G 81 4.89 33.94 -1.47
CA MET G 81 4.32 32.78 -2.13
C MET G 81 4.07 31.64 -1.14
N LYS G 82 4.92 31.52 -0.11
CA LYS G 82 4.75 30.44 0.85
C LYS G 82 3.49 30.58 1.70
N ASP G 83 2.82 31.73 1.65
CA ASP G 83 1.55 31.91 2.34
C ASP G 83 0.38 31.28 1.61
N SER G 84 0.56 30.83 0.36
CA SER G 84 -0.48 30.08 -0.34
C SER G 84 -0.78 28.82 0.44
N ALA G 85 -2.02 28.70 0.91
CA ALA G 85 -2.40 27.64 1.83
C ALA G 85 -3.88 27.82 2.12
N SER G 86 -4.48 26.84 2.78
CA SER G 86 -5.79 27.08 3.35
C SER G 86 -5.67 27.53 4.80
N TYR G 87 -6.62 28.36 5.23
CA TYR G 87 -6.64 28.93 6.57
C TYR G 87 -7.96 28.52 7.21
N LEU G 88 -7.87 27.80 8.32
CA LEU G 88 -9.03 27.21 8.97
C LEU G 88 -9.32 27.96 10.24
N CYS G 89 -10.55 28.40 10.39
CA CYS G 89 -11.04 29.04 11.59
CA CYS G 89 -10.97 29.01 11.64
C CYS G 89 -11.82 28.02 12.40
N ALA G 90 -11.64 28.03 13.73
CA ALA G 90 -12.33 27.08 14.60
C ALA G 90 -12.67 27.74 15.92
N VAL G 91 -13.86 27.46 16.42
CA VAL G 91 -14.35 28.02 17.68
C VAL G 91 -14.57 26.90 18.68
N LYS G 92 -14.07 27.10 19.89
CA LYS G 92 -14.34 26.21 21.00
C LYS G 92 -15.61 26.70 21.68
N ASP G 93 -16.62 25.84 21.79
CA ASP G 93 -17.93 26.27 22.30
C ASP G 93 -18.02 26.07 23.82
N SER G 94 -19.24 26.25 24.39
CA SER G 94 -19.40 26.17 25.84
CA SER G 94 -19.38 26.19 25.84
C SER G 94 -19.00 24.82 26.39
N ASN G 95 -19.15 23.76 25.61
CA ASN G 95 -18.78 22.43 26.06
C ASN G 95 -17.40 22.01 25.57
N TYR G 96 -16.58 22.99 25.20
CA TYR G 96 -15.16 22.78 24.90
C TYR G 96 -14.98 21.96 23.62
N GLN G 97 -16.02 21.89 22.80
CA GLN G 97 -15.97 21.23 21.50
C GLN G 97 -15.61 22.24 20.42
N LEU G 98 -14.79 21.80 19.48
CA LEU G 98 -14.36 22.65 18.37
C LEU G 98 -15.37 22.58 17.23
N ILE G 99 -15.77 23.74 16.73
CA ILE G 99 -16.56 23.85 15.51
C ILE G 99 -15.62 24.40 14.46
N TRP G 100 -15.43 23.67 13.35
CA TRP G 100 -14.47 24.05 12.32
C TRP G 100 -15.15 24.72 11.14
N GLY G 101 -14.65 25.88 10.74
CA GLY G 101 -15.00 26.45 9.45
C GLY G 101 -14.48 25.59 8.31
N ALA G 102 -15.07 25.76 7.13
CA ALA G 102 -14.69 24.95 6.00
C ALA G 102 -13.37 25.37 5.36
N GLY G 103 -12.77 26.47 5.79
CA GLY G 103 -11.45 26.85 5.31
C GLY G 103 -11.52 27.89 4.21
N THR G 104 -10.51 28.75 4.17
CA THR G 104 -10.33 29.71 3.10
C THR G 104 -9.04 29.36 2.36
N LYS G 105 -9.16 29.04 1.08
CA LYS G 105 -7.99 28.83 0.23
C LYS G 105 -7.42 30.17 -0.20
N LEU G 106 -6.19 30.47 0.19
CA LEU G 106 -5.55 31.73 -0.16
C LEU G 106 -4.62 31.50 -1.34
N ILE G 107 -4.88 32.18 -2.45
CA ILE G 107 -4.06 32.11 -3.66
C ILE G 107 -3.26 33.40 -3.77
N ILE G 108 -1.96 33.28 -4.00
CA ILE G 108 -1.06 34.44 -4.08
C ILE G 108 -0.58 34.59 -5.51
N LYS G 109 -0.79 35.77 -6.09
CA LYS G 109 -0.28 36.07 -7.43
CA LYS G 109 -0.28 36.05 -7.42
C LYS G 109 1.16 36.55 -7.32
N PRO G 110 2.12 35.92 -7.99
CA PRO G 110 3.50 36.42 -7.92
C PRO G 110 3.66 37.72 -8.69
N ASP G 111 4.57 38.54 -8.22
CA ASP G 111 4.92 39.77 -8.92
C ASP G 111 5.93 39.45 -10.02
N ILE G 112 5.49 39.44 -11.28
CA ILE G 112 6.34 39.04 -12.40
C ILE G 112 7.07 40.28 -12.90
N GLN G 113 8.39 40.32 -12.69
CA GLN G 113 9.19 41.51 -12.96
CA GLN G 113 9.17 41.52 -12.96
C GLN G 113 9.24 41.81 -14.46
N ASN G 114 9.61 40.82 -15.25
CA ASN G 114 9.84 41.02 -16.68
C ASN G 114 9.06 39.98 -17.46
N PRO G 115 7.76 40.17 -17.63
CA PRO G 115 6.94 39.19 -18.36
C PRO G 115 7.48 38.98 -19.75
N ASP G 116 7.47 37.73 -20.19
CA ASP G 116 7.98 37.36 -21.51
C ASP G 116 7.09 36.24 -22.04
N PRO G 117 5.78 36.50 -22.18
CA PRO G 117 4.85 35.41 -22.52
C PRO G 117 5.26 34.69 -23.79
N ALA G 118 5.15 33.35 -23.75
CA ALA G 118 5.53 32.50 -24.87
C ALA G 118 4.85 31.15 -24.75
N VAL G 119 4.60 30.52 -25.91
CA VAL G 119 4.15 29.13 -25.98
C VAL G 119 5.24 28.35 -26.70
N TYR G 120 5.83 27.39 -26.00
CA TYR G 120 6.93 26.60 -26.53
C TYR G 120 6.49 25.17 -26.76
N GLN G 121 6.99 24.58 -27.84
CA GLN G 121 6.78 23.16 -28.12
C GLN G 121 7.93 22.38 -27.50
N LEU G 122 7.62 21.53 -26.53
CA LEU G 122 8.65 20.68 -25.95
C LEU G 122 9.00 19.56 -26.93
N ARG G 123 10.18 18.99 -26.75
CA ARG G 123 10.62 17.89 -27.60
CA ARG G 123 10.57 17.92 -27.65
C ARG G 123 9.79 16.64 -27.33
N ASP G 124 9.46 15.91 -28.39
CA ASP G 124 8.74 14.66 -28.22
C ASP G 124 9.57 13.69 -27.39
N SER G 125 8.88 12.83 -26.64
CA SER G 125 9.52 11.70 -25.98
C SER G 125 9.38 10.46 -26.87
N LYS G 126 10.46 9.70 -27.01
CA LYS G 126 10.33 8.51 -27.83
C LYS G 126 9.41 7.46 -27.21
N SER G 127 9.02 7.63 -25.95
CA SER G 127 8.15 6.70 -25.23
C SER G 127 6.73 7.20 -25.08
N SER G 128 6.34 8.24 -25.81
CA SER G 128 5.00 8.78 -25.63
C SER G 128 4.47 9.25 -26.97
N ASP G 129 3.16 9.07 -27.18
CA ASP G 129 2.51 9.62 -28.36
C ASP G 129 2.04 11.06 -28.19
N LYS G 130 2.32 11.68 -27.04
CA LYS G 130 1.80 13.02 -26.77
C LYS G 130 2.68 14.10 -27.37
N SER G 131 2.05 15.16 -27.85
CA SER G 131 2.72 16.42 -28.15
C SER G 131 2.44 17.38 -26.99
N VAL G 132 3.47 18.10 -26.53
CA VAL G 132 3.39 18.87 -25.29
C VAL G 132 3.78 20.33 -25.57
N CYS G 133 2.95 21.25 -25.10
CA CYS G 133 3.12 22.69 -25.28
C CYS G 133 3.20 23.36 -23.91
N LEU G 134 4.10 24.33 -23.76
CA LEU G 134 4.27 25.03 -22.50
C LEU G 134 4.01 26.52 -22.72
N PHE G 135 2.95 27.04 -22.06
CA PHE G 135 2.68 28.47 -22.02
C PHE G 135 3.36 29.02 -20.77
N THR G 136 4.33 29.92 -20.93
CA THR G 136 5.15 30.30 -19.79
C THR G 136 5.49 31.78 -19.82
N ASP G 137 5.91 32.28 -18.64
CA ASP G 137 6.51 33.60 -18.44
C ASP G 137 5.53 34.74 -18.60
N PHE G 138 4.23 34.46 -18.53
CA PHE G 138 3.23 35.51 -18.62
C PHE G 138 3.00 36.12 -17.25
N ASP G 139 2.41 37.31 -17.25
N ASP G 139 2.39 37.31 -17.26
CA ASP G 139 2.14 38.01 -16.00
CA ASP G 139 2.05 38.03 -16.05
C ASP G 139 0.93 37.38 -15.30
C ASP G 139 0.93 37.33 -15.28
N SER G 140 0.87 37.60 -13.98
CA SER G 140 -0.08 36.89 -13.13
C SER G 140 -1.53 37.27 -13.38
N GLN G 141 -1.81 38.32 -14.16
CA GLN G 141 -3.19 38.65 -14.49
C GLN G 141 -3.79 37.73 -15.53
N THR G 142 -2.95 37.01 -16.28
CA THR G 142 -3.44 36.05 -17.26
C THR G 142 -4.12 34.86 -16.58
N ASN G 143 -5.28 34.48 -17.10
CA ASN G 143 -5.96 33.26 -16.66
C ASN G 143 -5.88 32.21 -17.75
N VAL G 144 -5.68 30.96 -17.35
CA VAL G 144 -5.55 29.82 -18.25
C VAL G 144 -6.85 29.04 -18.23
N SER G 145 -7.54 28.96 -19.37
CA SER G 145 -8.80 28.25 -19.44
C SER G 145 -8.56 26.76 -19.68
N GLN G 146 -9.43 25.94 -19.09
CA GLN G 146 -9.46 24.52 -19.40
C GLN G 146 -9.75 24.31 -20.89
N SER G 147 -9.49 23.10 -21.36
CA SER G 147 -9.63 22.78 -22.77
CA SER G 147 -9.63 22.77 -22.76
C SER G 147 -11.10 22.53 -23.13
N LYS G 148 -11.45 22.93 -24.34
CA LYS G 148 -12.77 22.67 -24.90
C LYS G 148 -12.81 21.40 -25.73
N ASP G 149 -11.65 20.89 -26.14
CA ASP G 149 -11.51 19.62 -26.85
C ASP G 149 -11.26 18.54 -25.80
N SER G 150 -12.13 17.53 -25.76
CA SER G 150 -12.01 16.49 -24.75
C SER G 150 -10.75 15.65 -24.91
N ASP G 151 -10.05 15.73 -26.04
CA ASP G 151 -8.80 15.01 -26.20
C ASP G 151 -7.58 15.92 -26.09
N VAL G 152 -7.76 17.15 -25.59
CA VAL G 152 -6.66 18.04 -25.24
C VAL G 152 -6.73 18.29 -23.74
N TYR G 153 -5.59 18.21 -23.07
CA TYR G 153 -5.52 18.37 -21.62
C TYR G 153 -4.68 19.59 -21.32
N ILE G 154 -5.22 20.48 -20.47
CA ILE G 154 -4.58 21.74 -20.11
C ILE G 154 -4.61 21.86 -18.61
N THR G 155 -3.45 22.02 -18.01
CA THR G 155 -3.35 22.17 -16.57
C THR G 155 -3.31 23.66 -16.22
N ASP G 156 -3.59 23.95 -14.97
CA ASP G 156 -3.73 25.34 -14.56
C ASP G 156 -2.34 25.95 -14.35
N LYS G 157 -2.29 27.27 -14.25
CA LYS G 157 -1.00 27.92 -14.09
C LYS G 157 -0.39 27.53 -12.74
N CYS G 158 0.93 27.41 -12.75
CA CYS G 158 1.76 26.94 -11.64
C CYS G 158 2.93 27.91 -11.53
N VAL G 159 3.29 28.31 -10.32
CA VAL G 159 4.38 29.25 -10.11
C VAL G 159 5.62 28.49 -9.66
N LEU G 160 6.70 28.60 -10.44
CA LEU G 160 7.97 27.98 -10.04
C LEU G 160 8.95 29.07 -9.62
N ASP G 161 9.86 28.71 -8.72
CA ASP G 161 10.78 29.67 -8.12
C ASP G 161 12.20 29.14 -8.34
N MET G 162 12.95 29.79 -9.23
CA MET G 162 14.36 29.45 -9.42
C MET G 162 15.12 30.27 -8.40
N ARG G 163 15.44 29.65 -7.26
CA ARG G 163 15.83 30.42 -6.08
C ARG G 163 17.21 31.06 -6.24
N SER G 164 18.14 30.36 -6.90
CA SER G 164 19.47 30.93 -7.13
C SER G 164 19.38 32.22 -7.92
N MET G 165 18.48 32.30 -8.89
CA MET G 165 18.33 33.46 -9.73
CA MET G 165 18.33 33.46 -9.73
C MET G 165 17.27 34.44 -9.22
N ASP G 166 16.68 34.17 -8.05
CA ASP G 166 15.62 35.00 -7.50
C ASP G 166 14.58 35.31 -8.58
N PHE G 167 14.14 34.26 -9.27
CA PHE G 167 13.32 34.37 -10.46
C PHE G 167 12.10 33.48 -10.30
N LYS G 168 10.92 34.03 -10.50
CA LYS G 168 9.68 33.27 -10.48
C LYS G 168 9.03 33.35 -11.86
N SER G 169 8.28 32.31 -12.22
CA SER G 169 7.56 32.37 -13.49
C SER G 169 6.32 31.49 -13.45
N ASN G 170 5.27 31.96 -14.13
CA ASN G 170 4.05 31.20 -14.29
C ASN G 170 4.18 30.28 -15.51
N SER G 171 3.55 29.10 -15.42
CA SER G 171 3.42 28.28 -16.63
C SER G 171 2.19 27.40 -16.54
N ALA G 172 1.65 27.04 -17.70
CA ALA G 172 0.61 26.04 -17.84
C ALA G 172 1.04 25.07 -18.94
N VAL G 173 0.62 23.81 -18.84
CA VAL G 173 1.01 22.78 -19.79
C VAL G 173 -0.22 22.30 -20.54
N ALA G 174 -0.09 22.11 -21.84
CA ALA G 174 -1.14 21.50 -22.64
C ALA G 174 -0.55 20.35 -23.44
N TRP G 175 -1.29 19.24 -23.55
CA TRP G 175 -0.84 18.10 -24.33
C TRP G 175 -2.02 17.39 -24.97
N SER G 176 -1.71 16.64 -26.02
CA SER G 176 -2.68 15.84 -26.72
C SER G 176 -1.94 14.86 -27.62
N ASN G 177 -2.62 13.78 -28.00
CA ASN G 177 -2.07 12.89 -29.03
C ASN G 177 -2.80 13.02 -30.37
N LYS G 178 -3.64 14.04 -30.51
CA LYS G 178 -4.37 14.25 -31.75
C LYS G 178 -3.47 14.81 -32.85
N SER G 179 -3.78 14.44 -34.09
CA SER G 179 -2.92 14.83 -35.21
C SER G 179 -3.03 16.31 -35.55
N ASP G 180 -4.17 16.93 -35.23
CA ASP G 180 -4.38 18.34 -35.53
C ASP G 180 -4.02 19.24 -34.35
N PHE G 181 -3.42 18.69 -33.30
CA PHE G 181 -3.01 19.47 -32.15
C PHE G 181 -1.71 20.21 -32.47
N ALA G 182 -1.67 21.49 -32.14
CA ALA G 182 -0.49 22.29 -32.40
C ALA G 182 -0.41 23.36 -31.33
N CYS G 183 0.82 23.69 -30.94
CA CYS G 183 1.00 24.70 -29.90
C CYS G 183 0.42 26.04 -30.32
N ALA G 184 0.43 26.35 -31.62
CA ALA G 184 -0.16 27.60 -32.09
C ALA G 184 -1.63 27.73 -31.74
N ASN G 185 -2.32 26.61 -31.52
CA ASN G 185 -3.74 26.67 -31.19
CA ASN G 185 -3.75 26.64 -31.20
C ASN G 185 -4.09 26.01 -29.86
N ALA G 186 -3.09 25.45 -29.15
CA ALA G 186 -3.37 24.73 -27.91
C ALA G 186 -4.12 25.58 -26.89
N PHE G 187 -3.76 26.86 -26.74
CA PHE G 187 -4.34 27.74 -25.75
C PHE G 187 -5.38 28.70 -26.34
N ASN G 188 -5.97 28.32 -27.47
CA ASN G 188 -6.94 29.19 -28.15
C ASN G 188 -8.15 29.51 -27.28
N ASN G 189 -8.49 28.66 -26.32
CA ASN G 189 -9.64 28.97 -25.46
C ASN G 189 -9.28 29.89 -24.30
N SER G 190 -8.03 30.34 -24.21
CA SER G 190 -7.60 31.27 -23.18
C SER G 190 -7.40 32.66 -23.77
N ILE G 191 -7.57 33.67 -22.94
CA ILE G 191 -7.20 35.03 -23.29
C ILE G 191 -5.73 35.19 -22.91
N ILE G 192 -4.86 35.27 -23.90
CA ILE G 192 -3.43 35.30 -23.66
C ILE G 192 -2.90 36.65 -24.13
N PRO G 193 -1.73 37.10 -23.68
CA PRO G 193 -1.25 38.43 -24.06
C PRO G 193 -1.05 38.54 -25.57
N GLU G 194 -1.37 39.74 -26.09
CA GLU G 194 -1.24 40.02 -27.52
C GLU G 194 0.17 39.75 -28.01
N ASP G 195 1.18 40.01 -27.18
CA ASP G 195 2.58 39.86 -27.57
C ASP G 195 3.14 38.49 -27.21
N THR G 196 2.27 37.50 -26.95
CA THR G 196 2.77 36.15 -26.66
C THR G 196 3.63 35.67 -27.83
N PHE G 197 4.82 35.17 -27.52
CA PHE G 197 5.79 34.74 -28.52
C PHE G 197 5.51 33.31 -28.95
N PHE G 198 5.32 33.10 -30.27
CA PHE G 198 5.11 31.78 -30.86
C PHE G 198 6.26 31.45 -31.82
N PRO G 199 7.27 30.69 -31.39
CA PRO G 199 8.38 30.39 -32.32
C PRO G 199 7.91 29.54 -33.49
N SER G 200 8.51 29.79 -34.66
CA SER G 200 8.08 29.11 -35.87
C SER G 200 8.31 27.60 -35.79
N PRO G 201 7.44 26.80 -36.44
CA PRO G 201 7.52 25.33 -36.42
C PRO G 201 8.57 24.77 -37.37
N ASN H 2 11.46 13.14 19.39
CA ASN H 2 10.74 14.36 19.06
C ASN H 2 10.05 14.26 17.71
N ALA H 3 9.20 13.25 17.55
CA ALA H 3 8.53 12.99 16.29
C ALA H 3 7.20 13.73 16.13
N GLY H 4 6.58 14.15 17.22
CA GLY H 4 5.27 14.78 17.12
C GLY H 4 4.20 13.73 17.00
N VAL H 5 3.29 13.89 16.04
CA VAL H 5 2.21 12.94 15.80
C VAL H 5 2.56 12.14 14.55
N THR H 6 2.59 10.81 14.67
CA THR H 6 2.97 9.89 13.60
C THR H 6 1.81 8.97 13.31
N GLN H 7 1.20 9.11 12.14
CA GLN H 7 0.09 8.24 11.75
C GLN H 7 0.42 7.51 10.46
N THR H 8 -0.12 6.30 10.32
CA THR H 8 0.09 5.48 9.14
C THR H 8 -1.22 4.78 8.82
N PRO H 9 -1.44 4.41 7.54
CA PRO H 9 -0.58 4.65 6.38
C PRO H 9 -0.87 6.00 5.75
N LYS H 10 0.05 6.51 4.92
CA LYS H 10 -0.24 7.77 4.25
C LYS H 10 -1.34 7.61 3.21
N PHE H 11 -1.43 6.44 2.58
CA PHE H 11 -2.37 6.19 1.49
C PHE H 11 -2.91 4.78 1.63
N GLN H 12 -4.17 4.58 1.24
CA GLN H 12 -4.72 3.23 1.24
C GLN H 12 -5.94 3.15 0.33
N VAL H 13 -5.94 2.17 -0.58
CA VAL H 13 -7.12 1.84 -1.37
CA VAL H 13 -7.12 1.84 -1.37
C VAL H 13 -7.79 0.63 -0.73
N LEU H 14 -9.12 0.66 -0.68
CA LEU H 14 -9.91 -0.36 -0.02
C LEU H 14 -11.09 -0.73 -0.91
N LYS H 15 -11.49 -1.99 -0.82
CA LYS H 15 -12.71 -2.46 -1.45
C LYS H 15 -13.83 -2.36 -0.43
N THR H 16 -15.03 -2.02 -0.90
CA THR H 16 -16.22 -2.00 -0.02
C THR H 16 -16.26 -3.29 0.79
N GLY H 17 -16.44 -3.15 2.11
CA GLY H 17 -16.52 -4.28 3.01
C GLY H 17 -15.22 -4.70 3.65
N GLN H 18 -14.09 -4.16 3.22
CA GLN H 18 -12.79 -4.49 3.78
C GLN H 18 -12.55 -3.76 5.10
N SER H 19 -11.76 -4.39 5.97
CA SER H 19 -11.39 -3.80 7.25
C SER H 19 -10.09 -3.01 7.11
N MET H 20 -9.92 -2.02 7.99
CA MET H 20 -8.72 -1.20 7.94
CA MET H 20 -8.73 -1.19 7.94
C MET H 20 -8.50 -0.58 9.31
N THR H 21 -7.26 -0.61 9.77
CA THR H 21 -6.85 0.06 11.00
C THR H 21 -5.84 1.15 10.64
N LEU H 22 -6.12 2.38 11.04
CA LEU H 22 -5.13 3.46 10.96
C LEU H 22 -4.43 3.58 12.31
N GLN H 23 -3.10 3.67 12.29
CA GLN H 23 -2.33 3.81 13.52
C GLN H 23 -2.04 5.28 13.79
N CYS H 24 -1.91 5.62 15.07
CA CYS H 24 -1.49 6.96 15.44
CA CYS H 24 -1.49 6.97 15.45
C CYS H 24 -0.76 6.92 16.77
N ALA H 25 0.36 7.62 16.85
CA ALA H 25 1.13 7.71 18.08
C ALA H 25 1.64 9.13 18.24
N GLN H 26 1.68 9.62 19.47
CA GLN H 26 2.29 10.91 19.74
C GLN H 26 3.35 10.72 20.80
N ASP H 27 4.50 11.39 20.63
CA ASP H 27 5.59 11.30 21.61
C ASP H 27 5.77 12.61 22.36
N MET H 28 4.68 13.35 22.53
CA MET H 28 4.73 14.64 23.20
C MET H 28 4.20 14.56 24.62
N ASN H 29 3.95 13.35 25.11
CA ASN H 29 3.39 13.11 26.44
C ASN H 29 2.06 13.85 26.62
N HIS H 30 1.34 14.00 25.51
CA HIS H 30 -0.01 14.55 25.52
C HIS H 30 -1.02 13.56 26.10
N ASN H 31 -2.10 14.09 26.68
CA ASN H 31 -3.15 13.25 27.26
C ASN H 31 -4.35 13.04 26.34
N SER H 32 -4.63 13.97 25.44
CA SER H 32 -5.84 13.93 24.62
C SER H 32 -5.50 13.62 23.17
N MET H 33 -6.23 12.69 22.55
CA MET H 33 -6.03 12.36 21.14
C MET H 33 -7.39 12.31 20.43
N TYR H 34 -7.34 12.48 19.12
CA TYR H 34 -8.50 12.77 18.29
C TYR H 34 -8.35 12.11 16.93
N TRP H 35 -9.47 11.72 16.33
CA TRP H 35 -9.47 11.32 14.92
C TRP H 35 -10.52 12.14 14.17
N TYR H 36 -10.08 12.85 13.13
CA TYR H 36 -10.91 13.68 12.28
C TYR H 36 -10.95 13.11 10.87
N ARG H 37 -12.03 13.41 10.14
CA ARG H 37 -12.02 13.29 8.68
C ARG H 37 -12.18 14.68 8.06
N GLN H 38 -11.51 14.88 6.93
CA GLN H 38 -11.58 16.12 6.18
C GLN H 38 -12.08 15.83 4.78
N ASP H 39 -13.15 16.51 4.39
CA ASP H 39 -13.78 16.32 3.10
C ASP H 39 -13.99 17.67 2.41
N PRO H 40 -14.00 17.69 1.09
CA PRO H 40 -14.13 18.97 0.37
C PRO H 40 -15.42 19.70 0.74
N GLY H 41 -15.29 21.01 0.92
CA GLY H 41 -16.47 21.83 1.12
C GLY H 41 -17.01 21.84 2.53
N MET H 42 -16.31 21.26 3.50
CA MET H 42 -16.81 21.28 4.86
C MET H 42 -15.64 21.30 5.83
N GLY H 43 -15.93 21.72 7.06
CA GLY H 43 -14.91 21.73 8.08
C GLY H 43 -14.62 20.35 8.61
N LEU H 44 -13.50 20.26 9.33
CA LEU H 44 -13.11 18.99 9.95
C LEU H 44 -14.23 18.44 10.82
N ARG H 45 -14.45 17.14 10.75
CA ARG H 45 -15.49 16.51 11.55
C ARG H 45 -14.85 15.45 12.44
N LEU H 46 -15.11 15.57 13.74
CA LEU H 46 -14.52 14.66 14.71
C LEU H 46 -15.22 13.31 14.64
N ILE H 47 -14.44 12.23 14.63
CA ILE H 47 -14.97 10.88 14.53
C ILE H 47 -15.11 10.30 15.93
N TYR H 48 -13.99 10.24 16.65
CA TYR H 48 -13.91 9.77 18.03
C TYR H 48 -12.77 10.56 18.68
N TYR H 49 -12.84 10.70 19.99
CA TYR H 49 -11.72 11.32 20.70
C TYR H 49 -11.46 10.55 21.97
N SER H 50 -10.37 10.91 22.64
CA SER H 50 -9.91 10.24 23.85
C SER H 50 -9.37 11.34 24.75
N ALA H 51 -10.19 11.77 25.72
CA ALA H 51 -9.85 12.94 26.53
C ALA H 51 -8.62 12.67 27.41
N SER H 52 -8.42 11.41 27.77
CA SER H 52 -7.33 11.01 28.66
C SER H 52 -7.03 9.54 28.39
N GLU H 53 -5.88 9.08 28.87
CA GLU H 53 -5.60 7.65 28.82
C GLU H 53 -6.73 6.89 29.53
N GLY H 54 -7.21 5.82 28.90
CA GLY H 54 -8.22 5.01 29.54
C GLY H 54 -9.65 5.47 29.35
N THR H 55 -9.90 6.45 28.49
CA THR H 55 -11.27 6.79 28.16
C THR H 55 -11.35 7.27 26.72
N THR H 56 -12.44 6.92 26.06
CA THR H 56 -12.74 7.35 24.70
C THR H 56 -14.23 7.62 24.60
N ASP H 57 -14.64 8.35 23.56
CA ASP H 57 -16.05 8.58 23.31
C ASP H 57 -16.21 9.04 21.86
N LYS H 58 -17.43 8.92 21.37
CA LYS H 58 -17.74 9.28 20.00
C LYS H 58 -17.65 10.79 19.80
N GLY H 59 -17.33 11.17 18.58
CA GLY H 59 -17.44 12.56 18.16
C GLY H 59 -18.73 12.82 17.41
N GLU H 60 -18.63 13.61 16.35
CA GLU H 60 -19.79 13.93 15.52
C GLU H 60 -20.13 12.82 14.52
N VAL H 61 -19.14 12.12 13.95
CA VAL H 61 -19.47 11.10 12.95
C VAL H 61 -18.88 9.74 13.28
N PRO H 62 -19.33 9.10 14.37
CA PRO H 62 -18.73 7.81 14.77
C PRO H 62 -19.18 6.59 13.98
N ASN H 63 -20.31 6.64 13.27
CA ASN H 63 -20.87 5.43 12.68
C ASN H 63 -19.97 4.93 11.55
N GLY H 64 -19.63 3.64 11.60
CA GLY H 64 -18.69 3.03 10.67
C GLY H 64 -17.29 2.90 11.21
N TYR H 65 -17.03 3.40 12.42
CA TYR H 65 -15.70 3.48 12.97
C TYR H 65 -15.70 3.01 14.41
N ASN H 66 -14.51 2.67 14.90
CA ASN H 66 -14.27 2.43 16.31
CA ASN H 66 -14.29 2.51 16.32
C ASN H 66 -12.82 2.81 16.60
N VAL H 67 -12.53 3.05 17.89
CA VAL H 67 -11.17 3.45 18.25
C VAL H 67 -10.67 2.63 19.43
N SER H 68 -9.35 2.65 19.59
CA SER H 68 -8.73 2.04 20.76
CA SER H 68 -8.73 2.04 20.76
C SER H 68 -7.63 2.97 21.27
N ARG H 69 -7.82 3.50 22.48
CA ARG H 69 -6.75 4.22 23.15
C ARG H 69 -5.89 3.16 23.82
N LEU H 70 -4.93 2.64 23.04
CA LEU H 70 -4.16 1.47 23.46
C LEU H 70 -3.31 1.78 24.68
N ASN H 71 -2.76 2.98 24.74
CA ASN H 71 -1.98 3.47 25.85
C ASN H 71 -1.96 4.99 25.76
N LYS H 72 -1.12 5.63 26.57
CA LYS H 72 -1.06 7.09 26.53
C LYS H 72 -0.58 7.61 25.18
N ARG H 73 0.25 6.82 24.47
CA ARG H 73 0.83 7.31 23.22
C ARG H 73 -0.03 7.02 22.00
N GLU H 74 -0.83 5.97 21.99
CA GLU H 74 -1.39 5.44 20.75
C GLU H 74 -2.91 5.43 20.73
N PHE H 75 -3.48 5.76 19.56
CA PHE H 75 -4.93 5.89 19.39
C PHE H 75 -5.26 5.40 17.99
N SER H 76 -5.74 4.17 17.87
CA SER H 76 -5.98 3.60 16.56
C SER H 76 -7.43 3.80 16.15
N LEU H 77 -7.64 3.93 14.85
CA LEU H 77 -8.96 4.11 14.25
C LEU H 77 -9.25 2.91 13.37
N ARG H 78 -10.41 2.29 13.57
CA ARG H 78 -10.77 1.06 12.89
C ARG H 78 -11.97 1.31 11.99
N LEU H 79 -11.85 0.93 10.72
CA LEU H 79 -12.98 0.85 9.80
C LEU H 79 -13.24 -0.64 9.61
N GLU H 80 -14.29 -1.15 10.26
CA GLU H 80 -14.48 -2.59 10.19
C GLU H 80 -15.03 -3.03 8.84
N SER H 81 -15.95 -2.27 8.26
CA SER H 81 -16.56 -2.60 6.96
C SER H 81 -16.57 -1.36 6.07
N ALA H 82 -15.50 -1.16 5.29
CA ALA H 82 -15.31 0.13 4.62
C ALA H 82 -16.41 0.38 3.61
N ALA H 83 -16.84 1.63 3.52
CA ALA H 83 -17.88 2.07 2.61
C ALA H 83 -17.38 3.21 1.74
N PRO H 84 -17.87 3.30 0.51
CA PRO H 84 -17.49 4.43 -0.36
C PRO H 84 -17.57 5.79 0.31
N SER H 85 -18.55 6.00 1.21
CA SER H 85 -18.68 7.29 1.88
C SER H 85 -17.51 7.59 2.82
N GLN H 86 -16.73 6.57 3.20
CA GLN H 86 -15.57 6.74 4.07
C GLN H 86 -14.32 7.12 3.28
N THR H 87 -14.44 7.27 1.96
CA THR H 87 -13.39 7.92 1.19
C THR H 87 -13.19 9.33 1.72
N SER H 88 -11.99 9.61 2.21
CA SER H 88 -11.75 10.87 2.88
C SER H 88 -10.26 10.96 3.19
N VAL H 89 -9.86 12.07 3.79
CA VAL H 89 -8.53 12.20 4.37
C VAL H 89 -8.70 12.24 5.88
N TYR H 90 -8.02 11.34 6.57
CA TYR H 90 -8.17 11.16 8.01
C TYR H 90 -6.97 11.78 8.72
N PHE H 91 -7.25 12.56 9.75
CA PHE H 91 -6.20 13.23 10.51
C PHE H 91 -6.30 12.80 11.95
N CYS H 92 -5.18 12.39 12.51
CA CYS H 92 -5.04 12.18 13.94
CA CYS H 92 -5.11 12.21 13.95
C CYS H 92 -4.44 13.45 14.55
N ALA H 93 -4.88 13.79 15.76
CA ALA H 93 -4.37 14.96 16.43
C ALA H 93 -4.23 14.67 17.91
N SER H 94 -3.45 15.50 18.58
CA SER H 94 -3.31 15.38 20.03
C SER H 94 -3.20 16.77 20.63
N SER H 95 -3.50 16.85 21.92
CA SER H 95 -3.40 18.09 22.67
C SER H 95 -2.99 17.72 24.09
N VAL H 96 -2.39 18.69 24.79
CA VAL H 96 -1.92 18.38 26.14
C VAL H 96 -3.08 17.91 27.01
N TRP H 97 -4.16 18.68 27.06
CA TRP H 97 -5.38 18.30 27.77
C TRP H 97 -6.57 18.62 26.88
N THR H 98 -7.75 18.28 27.37
CA THR H 98 -8.96 18.80 26.79
C THR H 98 -9.75 19.44 27.93
N GLY H 99 -10.83 20.14 27.59
CA GLY H 99 -11.50 20.88 28.65
C GLY H 99 -10.66 22.02 29.20
N GLU H 100 -9.79 22.61 28.38
CA GLU H 100 -9.11 23.85 28.67
C GLU H 100 -9.29 24.74 27.45
N GLY H 101 -8.94 26.01 27.57
CA GLY H 101 -9.28 26.92 26.50
C GLY H 101 -8.30 27.01 25.35
N SER H 102 -7.06 27.37 25.66
CA SER H 102 -6.13 27.85 24.64
C SER H 102 -5.24 26.79 24.03
N GLY H 103 -5.27 25.56 24.55
CA GLY H 103 -4.33 24.54 24.08
C GLY H 103 -4.63 24.14 22.65
N GLU H 104 -3.61 24.18 21.79
CA GLU H 104 -3.81 23.87 20.39
C GLU H 104 -3.74 22.38 20.09
N LEU H 105 -4.25 22.02 18.93
CA LEU H 105 -4.12 20.67 18.39
C LEU H 105 -2.83 20.58 17.60
N PHE H 106 -2.19 19.41 17.69
CA PHE H 106 -1.05 19.02 16.88
C PHE H 106 -1.50 17.87 16.00
N PHE H 107 -1.33 18.01 14.67
CA PHE H 107 -1.87 17.07 13.71
C PHE H 107 -0.80 16.15 13.13
N GLY H 108 -1.18 14.90 12.90
CA GLY H 108 -0.40 13.98 12.07
C GLY H 108 -0.50 14.35 10.60
N GLU H 109 0.22 13.59 9.77
CA GLU H 109 0.40 13.97 8.37
C GLU H 109 -0.83 13.69 7.52
N GLY H 110 -1.81 12.96 8.04
CA GLY H 110 -2.97 12.61 7.23
C GLY H 110 -2.83 11.24 6.58
N SER H 111 -3.98 10.58 6.41
CA SER H 111 -4.08 9.28 5.75
C SER H 111 -5.20 9.39 4.72
N ARG H 112 -4.86 9.24 3.45
CA ARG H 112 -5.85 9.36 2.39
C ARG H 112 -6.39 7.97 2.03
N LEU H 113 -7.68 7.78 2.24
CA LEU H 113 -8.35 6.51 2.02
C LEU H 113 -9.31 6.66 0.84
N THR H 114 -9.29 5.69 -0.06
CA THR H 114 -10.26 5.65 -1.15
C THR H 114 -10.93 4.28 -1.15
N VAL H 115 -12.24 4.26 -0.94
CA VAL H 115 -13.01 3.01 -0.88
C VAL H 115 -13.78 2.83 -2.18
N LEU H 116 -13.59 1.69 -2.83
CA LEU H 116 -14.12 1.42 -4.16
C LEU H 116 -14.94 0.13 -4.16
N GLU H 117 -16.03 0.13 -4.93
CA GLU H 117 -16.83 -1.07 -5.08
C GLU H 117 -16.00 -2.23 -5.64
N ASP H 118 -15.06 -1.92 -6.53
N ASP H 118 -15.12 -1.95 -6.58
CA ASP H 118 -14.26 -2.90 -7.23
CA ASP H 118 -14.19 -2.96 -7.05
C ASP H 118 -12.91 -2.27 -7.56
C ASP H 118 -12.91 -2.29 -7.51
N LEU H 119 -11.84 -3.06 -7.49
CA LEU H 119 -10.52 -2.53 -7.83
C LEU H 119 -10.24 -2.52 -9.34
N LYS H 120 -11.25 -2.81 -10.17
CA LYS H 120 -11.08 -2.88 -11.62
C LYS H 120 -10.62 -1.57 -12.25
N ASN H 121 -10.84 -0.44 -11.61
CA ASN H 121 -10.48 0.86 -12.14
CA ASN H 121 -10.45 0.83 -12.19
C ASN H 121 -9.19 1.42 -11.55
N VAL H 122 -8.43 0.62 -10.81
CA VAL H 122 -7.18 1.09 -10.23
C VAL H 122 -6.07 0.97 -11.29
N PHE H 123 -5.40 2.09 -11.58
CA PHE H 123 -4.29 2.11 -12.56
C PHE H 123 -3.12 2.91 -12.03
N PRO H 124 -1.90 2.42 -12.25
CA PRO H 124 -0.71 3.23 -11.98
C PRO H 124 -0.57 4.29 -13.05
N PRO H 125 0.24 5.32 -12.81
CA PRO H 125 0.44 6.34 -13.83
C PRO H 125 1.40 5.86 -14.90
N GLU H 126 1.15 6.33 -16.10
CA GLU H 126 2.14 6.38 -17.15
C GLU H 126 2.95 7.66 -16.96
N VAL H 127 4.29 7.56 -17.00
CA VAL H 127 5.15 8.71 -16.73
C VAL H 127 6.03 8.98 -17.94
N ALA H 128 6.01 10.23 -18.41
CA ALA H 128 6.82 10.62 -19.56
C ALA H 128 7.47 11.97 -19.29
N VAL H 129 8.68 12.14 -19.82
CA VAL H 129 9.47 13.36 -19.64
C VAL H 129 9.76 13.96 -21.01
N PHE H 130 9.55 15.26 -21.12
CA PHE H 130 9.69 15.99 -22.38
C PHE H 130 10.79 17.04 -22.23
N GLU H 131 11.74 17.01 -23.15
CA GLU H 131 12.93 17.83 -23.02
C GLU H 131 12.63 19.27 -23.43
N PRO H 132 13.43 20.23 -22.94
CA PRO H 132 13.14 21.65 -23.18
C PRO H 132 13.13 22.04 -24.64
N SER H 133 12.32 23.04 -24.95
CA SER H 133 12.30 23.66 -26.27
C SER H 133 13.60 24.41 -26.54
N GLU H 134 14.22 24.14 -27.71
CA GLU H 134 15.38 24.93 -28.11
C GLU H 134 15.01 26.40 -28.27
N ALA H 135 13.79 26.69 -28.69
CA ALA H 135 13.37 28.09 -28.80
C ALA H 135 13.35 28.76 -27.43
N GLU H 136 12.92 28.04 -26.39
CA GLU H 136 12.96 28.61 -25.04
C GLU H 136 14.39 28.90 -24.62
N ILE H 137 15.30 27.97 -24.92
CA ILE H 137 16.68 28.11 -24.49
C ILE H 137 17.30 29.36 -25.11
N SER H 138 17.09 29.58 -26.42
CA SER H 138 17.69 30.75 -27.07
C SER H 138 16.98 32.04 -26.70
N HIS H 139 15.69 31.97 -26.39
CA HIS H 139 14.95 33.19 -26.08
C HIS H 139 15.16 33.65 -24.64
N THR H 140 15.32 32.71 -23.69
CA THR H 140 15.32 33.04 -22.27
C THR H 140 16.59 32.64 -21.53
N GLN H 141 17.46 31.83 -22.14
CA GLN H 141 18.63 31.26 -21.46
C GLN H 141 18.22 30.36 -20.30
N LYS H 142 17.02 29.80 -20.40
CA LYS H 142 16.49 28.87 -19.41
C LYS H 142 15.89 27.70 -20.16
N ALA H 143 15.69 26.59 -19.44
CA ALA H 143 15.23 25.35 -20.07
C ALA H 143 14.25 24.66 -19.14
N THR H 144 13.01 24.46 -19.59
CA THR H 144 11.97 23.84 -18.79
C THR H 144 11.71 22.42 -19.26
N LEU H 145 11.98 21.44 -18.40
CA LEU H 145 11.53 20.08 -18.64
C LEU H 145 10.12 19.92 -18.11
N VAL H 146 9.31 19.09 -18.77
CA VAL H 146 7.97 18.75 -18.32
C VAL H 146 7.87 17.25 -18.06
N CYS H 147 7.21 16.89 -16.97
CA CYS H 147 6.85 15.51 -16.67
C CYS H 147 5.34 15.39 -16.66
N LEU H 148 4.81 14.39 -17.35
CA LEU H 148 3.38 14.08 -17.35
C LEU H 148 3.16 12.70 -16.74
N ALA H 149 2.32 12.64 -15.70
CA ALA H 149 1.87 11.40 -15.09
C ALA H 149 0.39 11.26 -15.40
N THR H 150 0.03 10.25 -16.19
CA THR H 150 -1.29 10.21 -16.81
C THR H 150 -1.95 8.84 -16.63
N GLY H 151 -3.28 8.85 -16.64
CA GLY H 151 -4.06 7.64 -16.57
C GLY H 151 -4.09 6.93 -15.23
N PHE H 152 -3.77 7.60 -14.13
CA PHE H 152 -3.71 6.91 -12.85
C PHE H 152 -5.03 7.06 -12.09
N TYR H 153 -5.26 6.10 -11.22
CA TYR H 153 -6.47 6.07 -10.39
C TYR H 153 -6.27 5.10 -9.25
N PRO H 154 -6.62 5.47 -8.01
CA PRO H 154 -7.12 6.78 -7.57
C PRO H 154 -5.96 7.76 -7.44
N ASP H 155 -6.25 8.97 -6.98
CA ASP H 155 -5.26 10.05 -6.88
C ASP H 155 -4.42 9.83 -5.62
N HIS H 156 -3.58 8.81 -5.69
CA HIS H 156 -2.66 8.47 -4.60
C HIS H 156 -1.25 8.45 -5.16
N VAL H 157 -0.71 9.62 -5.53
CA VAL H 157 0.63 9.66 -6.11
C VAL H 157 1.48 10.73 -5.45
N GLU H 158 2.79 10.52 -5.49
CA GLU H 158 3.79 11.51 -5.09
C GLU H 158 4.81 11.63 -6.21
N LEU H 159 4.87 12.79 -6.83
CA LEU H 159 5.78 13.06 -7.92
C LEU H 159 6.96 13.86 -7.40
N SER H 160 8.17 13.47 -7.80
CA SER H 160 9.39 14.15 -7.41
C SER H 160 10.35 14.19 -8.59
N TRP H 161 11.21 15.20 -8.59
CA TRP H 161 12.28 15.32 -9.59
C TRP H 161 13.62 14.97 -8.95
N TRP H 162 14.49 14.36 -9.74
CA TRP H 162 15.78 13.89 -9.28
C TRP H 162 16.85 14.31 -10.27
N VAL H 163 17.81 15.10 -9.82
CA VAL H 163 18.88 15.60 -10.67
C VAL H 163 20.19 15.00 -10.15
N ASN H 164 20.88 14.28 -11.04
CA ASN H 164 22.10 13.57 -10.67
C ASN H 164 21.89 12.74 -9.42
N GLY H 165 20.77 12.03 -9.37
CA GLY H 165 20.49 11.08 -8.32
C GLY H 165 20.05 11.67 -7.00
N LYS H 166 19.76 12.98 -6.96
CA LYS H 166 19.30 13.60 -5.73
C LYS H 166 18.02 14.38 -5.98
N GLU H 167 17.08 14.31 -5.04
CA GLU H 167 15.82 15.02 -5.21
C GLU H 167 16.05 16.52 -5.16
N VAL H 168 15.36 17.26 -6.02
CA VAL H 168 15.45 18.71 -6.09
C VAL H 168 14.06 19.28 -5.90
N HIS H 169 14.02 20.52 -5.43
CA HIS H 169 12.75 21.22 -5.21
C HIS H 169 12.80 22.60 -5.84
N SER H 170 13.98 23.21 -5.86
CA SER H 170 14.14 24.50 -6.51
C SER H 170 13.87 24.39 -7.99
N GLY H 171 13.13 25.35 -8.54
CA GLY H 171 12.79 25.33 -9.95
C GLY H 171 11.71 24.36 -10.34
N VAL H 172 11.07 23.70 -9.37
CA VAL H 172 10.02 22.71 -9.63
C VAL H 172 8.66 23.31 -9.36
N CYS H 173 7.68 23.01 -10.20
CA CYS H 173 6.27 23.26 -9.86
CA CYS H 173 6.30 23.20 -9.77
C CYS H 173 5.42 22.12 -10.38
N THR H 174 4.75 21.41 -9.48
CA THR H 174 3.83 20.32 -9.78
C THR H 174 2.42 20.80 -9.49
N ASP H 175 1.46 20.46 -10.36
CA ASP H 175 0.09 20.89 -10.13
C ASP H 175 -0.36 20.50 -8.73
N PRO H 176 -0.95 21.42 -7.95
CA PRO H 176 -1.45 21.02 -6.63
C PRO H 176 -2.60 20.03 -6.70
N GLN H 177 -3.43 20.12 -7.72
CA GLN H 177 -4.50 19.14 -7.87
C GLN H 177 -4.37 18.42 -9.21
N PRO H 178 -4.74 17.16 -9.28
CA PRO H 178 -4.72 16.46 -10.57
C PRO H 178 -5.86 16.94 -11.45
N LEU H 179 -5.69 16.68 -12.74
CA LEU H 179 -6.73 16.89 -13.74
C LEU H 179 -7.50 15.59 -13.91
N LYS H 180 -8.83 15.69 -14.04
CA LYS H 180 -9.61 14.53 -14.43
C LYS H 180 -9.60 14.42 -15.95
N GLU H 181 -9.10 13.30 -16.46
CA GLU H 181 -8.99 13.15 -17.91
C GLU H 181 -10.37 13.13 -18.57
N GLN H 182 -11.38 12.63 -17.86
CA GLN H 182 -12.77 12.68 -18.33
C GLN H 182 -13.59 13.30 -17.20
N PRO H 183 -13.71 14.63 -17.18
CA PRO H 183 -14.28 15.32 -16.00
C PRO H 183 -15.69 14.90 -15.63
N ALA H 184 -16.46 14.32 -16.56
CA ALA H 184 -17.86 13.97 -16.30
C ALA H 184 -18.04 12.60 -15.66
N LEU H 185 -16.96 11.85 -15.45
CA LEU H 185 -17.06 10.52 -14.86
C LEU H 185 -16.65 10.55 -13.39
N ASN H 186 -17.43 9.87 -12.56
CA ASN H 186 -17.13 9.79 -11.13
C ASN H 186 -15.88 8.98 -10.87
N ASP H 187 -15.54 8.05 -11.76
CA ASP H 187 -14.35 7.21 -11.62
C ASP H 187 -13.27 7.57 -12.64
N SER H 188 -13.27 8.82 -13.12
CA SER H 188 -12.32 9.25 -14.13
C SER H 188 -10.88 9.04 -13.65
N ARG H 189 -10.01 8.61 -14.56
CA ARG H 189 -8.60 8.55 -14.26
C ARG H 189 -8.00 9.96 -14.31
N TYR H 190 -6.78 10.09 -13.75
CA TYR H 190 -6.21 11.39 -13.46
C TYR H 190 -4.95 11.66 -14.27
N ALA H 191 -4.66 12.94 -14.43
CA ALA H 191 -3.42 13.40 -15.03
C ALA H 191 -2.81 14.45 -14.11
N LEU H 192 -1.48 14.51 -14.11
CA LEU H 192 -0.71 15.43 -13.29
C LEU H 192 0.50 15.88 -14.09
N SER H 193 0.75 17.19 -14.12
CA SER H 193 1.91 17.72 -14.81
C SER H 193 2.85 18.40 -13.82
N SER H 194 4.13 18.36 -14.13
CA SER H 194 5.15 19.04 -13.34
C SER H 194 6.18 19.63 -14.29
N ARG H 195 6.80 20.71 -13.85
CA ARG H 195 7.88 21.37 -14.59
C ARG H 195 9.10 21.47 -13.71
N LEU H 196 10.28 21.34 -14.31
CA LEU H 196 11.56 21.64 -13.67
C LEU H 196 12.29 22.58 -14.60
N ARG H 197 12.62 23.77 -14.12
CA ARG H 197 13.28 24.75 -14.98
C ARG H 197 14.69 24.98 -14.45
N VAL H 198 15.67 24.90 -15.36
CA VAL H 198 17.08 25.10 -15.04
C VAL H 198 17.65 26.14 -16.00
N SER H 199 18.85 26.63 -15.67
CA SER H 199 19.56 27.50 -16.59
C SER H 199 19.95 26.72 -17.85
N ALA H 200 20.03 27.43 -18.97
CA ALA H 200 20.45 26.76 -20.20
C ALA H 200 21.84 26.15 -20.03
N THR H 201 22.72 26.80 -19.27
CA THR H 201 24.04 26.24 -19.02
CA THR H 201 24.04 26.24 -19.02
C THR H 201 23.94 24.90 -18.32
N PHE H 202 23.08 24.78 -17.31
CA PHE H 202 22.93 23.51 -16.62
C PHE H 202 22.39 22.44 -17.56
N TRP H 203 21.36 22.79 -18.34
CA TRP H 203 20.79 21.84 -19.29
C TRP H 203 21.82 21.40 -20.34
N GLN H 204 22.76 22.27 -20.70
CA GLN H 204 23.68 22.01 -21.80
C GLN H 204 24.95 21.25 -21.39
N ASN H 205 25.08 20.86 -20.12
CA ASN H 205 26.11 19.94 -19.70
C ASN H 205 25.62 18.52 -19.97
N PRO H 206 26.26 17.78 -20.89
CA PRO H 206 25.72 16.48 -21.31
C PRO H 206 25.75 15.40 -20.24
N ARG H 207 26.41 15.62 -19.11
CA ARG H 207 26.44 14.62 -18.06
CA ARG H 207 26.45 14.63 -18.05
C ARG H 207 25.45 14.91 -16.94
N ASN H 208 24.63 15.95 -17.05
CA ASN H 208 23.57 16.16 -16.07
C ASN H 208 22.40 15.23 -16.36
N HIS H 209 21.88 14.57 -15.33
CA HIS H 209 20.83 13.58 -15.48
C HIS H 209 19.57 14.02 -14.74
N PHE H 210 18.43 13.87 -15.40
CA PHE H 210 17.14 14.36 -14.92
C PHE H 210 16.16 13.20 -14.87
N ARG H 211 15.50 13.02 -13.73
CA ARG H 211 14.52 11.94 -13.63
C ARG H 211 13.25 12.43 -12.97
N CYS H 212 12.12 12.11 -13.59
CA CYS H 212 10.82 12.36 -12.97
C CYS H 212 10.32 11.03 -12.42
N GLN H 213 10.00 10.99 -11.13
CA GLN H 213 9.62 9.77 -10.44
C GLN H 213 8.24 9.96 -9.83
N VAL H 214 7.34 9.00 -10.02
CA VAL H 214 6.01 9.04 -9.42
C VAL H 214 5.83 7.77 -8.60
N GLN H 215 5.77 7.92 -7.28
CA GLN H 215 5.36 6.83 -6.40
C GLN H 215 3.84 6.71 -6.44
N PHE H 216 3.34 5.54 -6.81
CA PHE H 216 1.90 5.25 -6.83
C PHE H 216 1.58 4.30 -5.69
N TYR H 217 0.52 4.60 -4.93
CA TYR H 217 0.04 3.72 -3.86
C TYR H 217 -1.17 2.98 -4.39
N GLY H 218 -1.04 1.67 -4.58
CA GLY H 218 -2.10 0.86 -5.13
C GLY H 218 -2.31 -0.39 -4.30
N LEU H 219 -2.35 -1.54 -4.94
CA LEU H 219 -2.73 -2.76 -4.25
C LEU H 219 -1.51 -3.43 -3.61
N SER H 220 -1.78 -4.35 -2.72
CA SER H 220 -0.75 -5.15 -2.06
C SER H 220 -1.05 -6.62 -2.31
N GLU H 221 -0.18 -7.48 -1.77
CA GLU H 221 -0.30 -8.91 -2.08
C GLU H 221 -1.67 -9.45 -1.69
N ASN H 222 -2.22 -9.00 -0.56
CA ASN H 222 -3.47 -9.55 -0.06
C ASN H 222 -4.66 -9.21 -0.94
N ASP H 223 -4.59 -8.10 -1.69
CA ASP H 223 -5.71 -7.68 -2.51
C ASP H 223 -5.94 -8.69 -3.64
N GLU H 224 -7.20 -9.10 -3.82
CA GLU H 224 -7.51 -10.03 -4.89
C GLU H 224 -7.48 -9.32 -6.23
N TRP H 225 -6.90 -9.98 -7.24
CA TRP H 225 -6.86 -9.43 -8.58
C TRP H 225 -7.33 -10.50 -9.56
N THR H 226 -8.26 -10.13 -10.44
CA THR H 226 -8.83 -11.05 -11.41
C THR H 226 -8.87 -10.47 -12.81
N GLN H 227 -8.31 -9.28 -13.05
CA GLN H 227 -8.36 -8.70 -14.39
C GLN H 227 -7.24 -9.27 -15.26
N ASP H 228 -7.38 -9.06 -16.57
CA ASP H 228 -6.39 -9.57 -17.53
C ASP H 228 -5.10 -8.78 -17.51
N ARG H 229 -5.18 -7.50 -17.16
CA ARG H 229 -3.99 -6.67 -17.14
C ARG H 229 -3.21 -6.90 -15.85
N ALA H 230 -2.05 -6.27 -15.77
CA ALA H 230 -1.16 -6.46 -14.64
C ALA H 230 -1.79 -5.86 -13.38
N LYS H 231 -1.63 -6.56 -12.26
CA LYS H 231 -2.13 -6.08 -10.98
C LYS H 231 -1.54 -4.72 -10.64
N PRO H 232 -2.36 -3.67 -10.42
CA PRO H 232 -1.83 -2.33 -10.16
C PRO H 232 -1.33 -2.17 -8.73
N VAL H 233 -0.19 -2.81 -8.43
CA VAL H 233 0.36 -2.75 -7.09
C VAL H 233 1.04 -1.40 -6.86
N THR H 234 1.23 -1.07 -5.59
CA THR H 234 2.08 0.04 -5.21
C THR H 234 3.43 -0.09 -5.91
N GLN H 235 3.89 1.00 -6.53
CA GLN H 235 5.07 0.91 -7.39
C GLN H 235 5.55 2.32 -7.72
N ILE H 236 6.77 2.39 -8.22
CA ILE H 236 7.38 3.64 -8.67
C ILE H 236 7.54 3.58 -10.19
N VAL H 237 7.02 4.58 -10.88
CA VAL H 237 7.15 4.73 -12.32
C VAL H 237 7.97 5.99 -12.58
N SER H 238 8.95 5.89 -13.46
CA SER H 238 9.84 7.02 -13.71
CA SER H 238 9.86 7.00 -13.71
C SER H 238 10.15 7.14 -15.19
N ALA H 239 10.67 8.31 -15.56
CA ALA H 239 11.17 8.58 -16.90
C ALA H 239 12.32 9.58 -16.76
N GLU H 240 13.22 9.61 -17.72
CA GLU H 240 14.46 10.34 -17.54
C GLU H 240 14.83 11.12 -18.78
N ALA H 241 15.81 12.01 -18.61
CA ALA H 241 16.42 12.77 -19.68
C ALA H 241 17.85 13.09 -19.28
N TRP H 242 18.73 13.17 -20.27
CA TRP H 242 20.10 13.64 -20.07
C TRP H 242 20.25 15.03 -20.67
N GLY H 243 21.10 15.84 -20.05
CA GLY H 243 21.44 17.13 -20.61
C GLY H 243 21.93 16.99 -22.03
N ARG H 244 21.72 18.02 -22.85
CA ARG H 244 22.06 17.96 -24.27
C ARG H 244 23.06 19.05 -24.61
N ALA H 245 24.23 18.66 -25.12
CA ALA H 245 25.25 19.63 -25.49
C ALA H 245 24.99 20.26 -26.85
N ASP H 246 24.30 19.55 -27.75
CA ASP H 246 24.08 19.96 -29.14
C ASP H 246 23.74 21.45 -29.31
#